data_8ZDZ
#
_entry.id   8ZDZ
#
_cell.length_a   1.00
_cell.length_b   1.00
_cell.length_c   1.00
_cell.angle_alpha   90.00
_cell.angle_beta   90.00
_cell.angle_gamma   90.00
#
_symmetry.space_group_name_H-M   'P 1'
#
_entity_poly.entity_id   1
_entity_poly.type   'polypeptide(L)'
_entity_poly.pdbx_seq_one_letter_code
;MEISETNIGIFYVSKLLALAPYSAKKNSKGQLEITRSWLFSIYSVCLCLIMVFLTYRGLLFDANSNIPVRMKSATSKVVT
ASDVSVVVLAIVTGVYCGMFGLRATQELNTRLDKIDSTLSPYNNVKKDRWRAYAMATVSLIVIGILLGLDVGTWVRMAQE
MNISDEDTELNVQWYIPFYSLYFILTGLHINFANTAYGLGRRYKRLNQMLRTSYLSADKSYGNATNLVKVSTVKSISFKP
MMPMALHASLTKLNTETLPNESATKNKSLLIRAMADNHESLGKCVRLLSRFYGIAVLFILVSCLLHLVATAYFLFLEMLN
KRDNGYVWVQMLWIIFHFLRLLMVVEPCHLAAREARKTIQIVCEIERKVFEPILVEETKKFWQQLLVDDAEFSASGLCRV
NRTILTSFASAIATYLVILIQFQKTNGLEGGSSGGWSHPQFEK
;
_entity_poly.pdbx_strand_id   A,D,C,B
#
# COMPACT_ATOMS: atom_id res chain seq x y z
N MET A 1 1.24 -24.14 -18.53
CA MET A 1 0.12 -23.59 -19.29
C MET A 1 -0.80 -24.70 -19.77
N GLU A 2 -1.99 -24.30 -20.25
CA GLU A 2 -3.01 -25.27 -20.61
C GLU A 2 -2.79 -25.80 -22.02
N ILE A 3 -2.86 -27.13 -22.15
CA ILE A 3 -2.78 -27.81 -23.45
C ILE A 3 -3.99 -28.73 -23.53
N SER A 4 -5.06 -28.25 -24.12
CA SER A 4 -6.29 -29.01 -24.27
C SER A 4 -6.72 -29.03 -25.72
N GLU A 5 -7.51 -30.04 -26.09
CA GLU A 5 -7.96 -30.16 -27.47
C GLU A 5 -8.81 -28.97 -27.88
N THR A 6 -9.67 -28.49 -26.98
CA THR A 6 -10.59 -27.41 -27.31
C THR A 6 -9.86 -26.20 -27.85
N ASN A 7 -8.65 -25.94 -27.37
CA ASN A 7 -7.82 -24.86 -27.87
C ASN A 7 -6.47 -25.37 -28.35
N ILE A 8 -6.44 -26.57 -28.94
CA ILE A 8 -5.16 -27.15 -29.35
C ILE A 8 -4.46 -26.26 -30.35
N GLY A 9 -5.23 -25.63 -31.24
CA GLY A 9 -4.63 -24.72 -32.21
C GLY A 9 -3.83 -23.62 -31.54
N ILE A 10 -4.33 -23.12 -30.41
CA ILE A 10 -3.59 -22.11 -29.65
C ILE A 10 -2.18 -22.60 -29.36
N PHE A 11 -2.07 -23.83 -28.86
CA PHE A 11 -0.77 -24.42 -28.59
C PHE A 11 0.12 -24.37 -29.82
N TYR A 12 -0.45 -24.73 -30.98
CA TYR A 12 0.33 -24.71 -32.22
C TYR A 12 0.90 -23.32 -32.46
N VAL A 13 0.10 -22.28 -32.26
CA VAL A 13 0.61 -20.92 -32.41
C VAL A 13 1.77 -20.69 -31.46
N SER A 14 1.60 -21.10 -30.19
CA SER A 14 2.67 -20.95 -29.22
C SER A 14 3.89 -21.77 -29.61
N LYS A 15 3.68 -22.87 -30.33
CA LYS A 15 4.84 -23.63 -30.82
C LYS A 15 5.52 -22.93 -31.99
N LEU A 16 4.75 -22.22 -32.83
CA LEU A 16 5.33 -21.57 -33.99
C LEU A 16 6.03 -20.28 -33.64
N LEU A 17 5.76 -19.71 -32.46
CA LEU A 17 6.33 -18.43 -32.06
C LEU A 17 7.43 -18.60 -31.01
N ALA A 18 8.07 -19.77 -30.96
CA ALA A 18 9.21 -20.03 -30.07
C ALA A 18 8.82 -19.84 -28.60
N LEU A 19 7.62 -20.26 -28.24
CA LEU A 19 7.15 -20.15 -26.86
C LEU A 19 6.68 -21.46 -26.26
N ALA A 20 6.48 -22.50 -27.05
CA ALA A 20 6.00 -23.79 -26.56
C ALA A 20 6.82 -24.91 -27.18
N PRO A 21 8.02 -25.15 -26.66
CA PRO A 21 8.87 -26.23 -27.19
C PRO A 21 8.44 -27.60 -26.68
N TYR A 22 7.18 -27.94 -26.89
CA TYR A 22 6.61 -29.19 -26.42
C TYR A 22 5.90 -29.90 -27.56
N SER A 23 5.59 -31.18 -27.32
CA SER A 23 4.81 -31.99 -28.24
C SER A 23 3.70 -32.69 -27.47
N ALA A 24 2.47 -32.55 -27.96
CA ALA A 24 1.29 -33.11 -27.31
C ALA A 24 0.75 -34.24 -28.18
N LYS A 25 0.57 -35.41 -27.57
CA LYS A 25 0.13 -36.60 -28.28
C LYS A 25 -0.83 -37.40 -27.40
N LYS A 26 -1.98 -37.76 -27.95
CA LYS A 26 -2.86 -38.67 -27.24
C LYS A 26 -2.18 -40.02 -27.07
N ASN A 27 -2.40 -40.68 -25.93
CA ASN A 27 -2.00 -42.07 -25.85
C ASN A 27 -3.21 -42.94 -26.21
N SER A 28 -3.12 -44.24 -25.91
CA SER A 28 -4.14 -45.18 -26.36
C SER A 28 -5.50 -44.88 -25.73
N LYS A 29 -5.55 -44.73 -24.42
CA LYS A 29 -6.85 -44.60 -23.74
C LYS A 29 -7.16 -43.14 -23.40
N GLY A 30 -7.38 -42.33 -24.44
CA GLY A 30 -7.51 -40.90 -24.23
C GLY A 30 -6.19 -40.32 -23.76
N GLN A 31 -6.25 -39.43 -22.77
CA GLN A 31 -5.04 -38.95 -22.08
C GLN A 31 -3.96 -38.43 -23.02
N LEU A 32 -4.18 -37.21 -23.51
CA LEU A 32 -3.10 -36.41 -24.08
C LEU A 32 -1.91 -36.36 -23.12
N GLU A 33 -0.70 -36.49 -23.66
CA GLU A 33 0.52 -36.34 -22.90
C GLU A 33 1.39 -35.27 -23.55
N ILE A 34 2.06 -34.48 -22.71
CA ILE A 34 2.96 -33.42 -23.16
C ILE A 34 4.38 -33.86 -22.86
N THR A 35 5.23 -33.88 -23.89
CA THR A 35 6.62 -34.25 -23.74
C THR A 35 7.49 -33.16 -24.37
N ARG A 36 8.79 -33.23 -24.05
CA ARG A 36 9.73 -32.26 -24.59
C ARG A 36 10.03 -32.58 -26.06
N SER A 37 9.98 -31.56 -26.90
CA SER A 37 10.32 -31.69 -28.31
C SER A 37 11.70 -31.06 -28.53
N TRP A 38 12.72 -31.91 -28.69
CA TRP A 38 14.08 -31.41 -28.82
C TRP A 38 14.25 -30.57 -30.09
N LEU A 39 13.66 -31.02 -31.19
CA LEU A 39 13.76 -30.26 -32.44
C LEU A 39 13.16 -28.88 -32.28
N PHE A 40 11.94 -28.80 -31.74
CA PHE A 40 11.30 -27.50 -31.59
C PHE A 40 11.95 -26.68 -30.49
N SER A 41 12.51 -27.30 -29.47
CA SER A 41 13.26 -26.55 -28.46
C SER A 41 14.47 -25.88 -29.07
N ILE A 42 15.25 -26.63 -29.86
CA ILE A 42 16.41 -26.05 -30.53
C ILE A 42 15.97 -24.96 -31.49
N TYR A 43 14.88 -25.19 -32.23
CA TYR A 43 14.39 -24.18 -33.15
C TYR A 43 14.00 -22.90 -32.42
N SER A 44 13.31 -23.03 -31.29
CA SER A 44 12.87 -21.87 -30.53
C SER A 44 14.07 -21.08 -29.99
N VAL A 45 15.04 -21.79 -29.43
CA VAL A 45 16.21 -21.11 -28.88
C VAL A 45 16.96 -20.38 -29.98
N CYS A 46 17.19 -21.06 -31.10
CA CYS A 46 17.93 -20.44 -32.20
C CYS A 46 17.17 -19.25 -32.76
N LEU A 47 15.85 -19.38 -32.93
CA LEU A 47 15.06 -18.27 -33.47
C LEU A 47 15.10 -17.06 -32.55
N CYS A 48 14.94 -17.29 -31.24
CA CYS A 48 14.97 -16.17 -30.31
C CYS A 48 16.33 -15.48 -30.31
N LEU A 49 17.41 -16.26 -30.26
CA LEU A 49 18.74 -15.67 -30.26
C LEU A 49 19.01 -14.90 -31.54
N ILE A 50 18.66 -15.50 -32.68
CA ILE A 50 18.91 -14.85 -33.97
C ILE A 50 18.10 -13.58 -34.10
N MET A 51 16.86 -13.59 -33.61
CA MET A 51 16.01 -12.42 -33.78
C MET A 51 16.46 -11.28 -32.87
N VAL A 52 16.86 -11.60 -31.63
CA VAL A 52 17.39 -10.56 -30.74
C VAL A 52 18.67 -9.97 -31.34
N PHE A 53 19.56 -10.83 -31.83
CA PHE A 53 20.78 -10.33 -32.45
C PHE A 53 20.46 -9.46 -33.66
N LEU A 54 19.48 -9.87 -34.48
CA LEU A 54 19.13 -9.11 -35.66
C LEU A 54 18.56 -7.74 -35.31
N THR A 55 17.67 -7.66 -34.33
CA THR A 55 17.09 -6.37 -34.00
C THR A 55 18.13 -5.44 -33.38
N TYR A 56 19.01 -5.97 -32.52
CA TYR A 56 20.05 -5.11 -31.97
C TYR A 56 21.05 -4.67 -33.04
N ARG A 57 21.34 -5.56 -33.99
CA ARG A 57 22.23 -5.20 -35.10
C ARG A 57 21.61 -4.10 -35.96
N GLY A 58 20.31 -4.21 -36.24
CA GLY A 58 19.65 -3.14 -36.98
C GLY A 58 19.66 -1.83 -36.22
N LEU A 59 19.44 -1.87 -34.91
CA LEU A 59 19.53 -0.66 -34.11
C LEU A 59 20.93 -0.06 -34.17
N LEU A 60 21.96 -0.91 -34.10
CA LEU A 60 23.33 -0.40 -34.08
C LEU A 60 23.71 0.22 -35.43
N PHE A 61 23.31 -0.42 -36.53
CA PHE A 61 23.54 0.20 -37.84
C PHE A 61 22.74 1.49 -38.00
N ASP A 62 21.52 1.55 -37.46
CA ASP A 62 20.78 2.79 -37.52
C ASP A 62 21.49 3.90 -36.76
N ALA A 63 22.03 3.59 -35.58
CA ALA A 63 22.79 4.58 -34.83
C ALA A 63 24.05 5.00 -35.56
N ASN A 64 24.77 4.03 -36.14
CA ASN A 64 25.99 4.32 -36.89
C ASN A 64 25.68 4.38 -38.39
N SER A 65 24.85 5.35 -38.74
CA SER A 65 24.51 5.61 -40.13
C SER A 65 24.60 7.09 -40.40
N ASN A 66 24.91 7.44 -41.65
CA ASN A 66 25.11 8.85 -42.00
C ASN A 66 23.77 9.59 -42.04
N ILE A 67 22.66 8.88 -42.13
CA ILE A 67 21.35 9.50 -42.01
C ILE A 67 20.44 8.61 -41.17
N PRO A 68 20.25 8.91 -39.89
CA PRO A 68 19.27 8.17 -39.08
C PRO A 68 17.93 8.88 -39.04
N VAL A 69 16.87 8.06 -38.96
CA VAL A 69 15.51 8.59 -38.87
C VAL A 69 14.84 8.28 -37.54
N ARG A 70 15.39 7.36 -36.75
CA ARG A 70 14.84 7.04 -35.44
C ARG A 70 15.82 7.21 -34.30
N MET A 71 17.12 7.11 -34.56
CA MET A 71 18.10 7.34 -33.50
C MET A 71 18.33 8.83 -33.28
N LYS A 72 18.89 9.51 -34.29
CA LYS A 72 19.04 10.96 -34.30
C LYS A 72 19.65 11.51 -33.01
N SER A 73 18.86 12.30 -32.28
CA SER A 73 19.33 12.96 -31.07
C SER A 73 19.53 11.94 -29.95
N ALA A 74 20.23 12.39 -28.90
CA ALA A 74 20.57 11.49 -27.80
C ALA A 74 19.33 11.02 -27.06
N THR A 75 18.38 11.92 -26.80
CA THR A 75 17.16 11.51 -26.10
C THR A 75 16.33 10.55 -26.95
N SER A 76 16.26 10.79 -28.26
CA SER A 76 15.55 9.86 -29.14
C SER A 76 16.25 8.50 -29.16
N LYS A 77 17.59 8.51 -29.19
CA LYS A 77 18.34 7.27 -29.12
C LYS A 77 18.02 6.51 -27.84
N VAL A 78 18.00 7.22 -26.70
CA VAL A 78 17.74 6.55 -25.43
C VAL A 78 16.33 5.98 -25.39
N VAL A 79 15.35 6.75 -25.85
CA VAL A 79 13.97 6.28 -25.82
C VAL A 79 13.80 5.04 -26.71
N THR A 80 14.32 5.11 -27.94
CA THR A 80 14.17 3.98 -28.86
C THR A 80 14.90 2.75 -28.34
N ALA A 81 16.12 2.93 -27.82
CA ALA A 81 16.86 1.81 -27.29
C ALA A 81 16.16 1.19 -26.10
N SER A 82 15.61 2.01 -25.20
CA SER A 82 14.91 1.48 -24.05
C SER A 82 13.67 0.71 -24.47
N ASP A 83 12.91 1.23 -25.43
CA ASP A 83 11.70 0.54 -25.88
C ASP A 83 12.06 -0.80 -26.51
N VAL A 84 13.03 -0.79 -27.43
CA VAL A 84 13.41 -2.02 -28.12
C VAL A 84 13.98 -3.04 -27.13
N SER A 85 14.82 -2.58 -26.20
CA SER A 85 15.41 -3.48 -25.21
C SER A 85 14.36 -4.04 -24.26
N VAL A 86 13.35 -3.25 -23.93
CA VAL A 86 12.28 -3.75 -23.08
C VAL A 86 11.49 -4.85 -23.78
N VAL A 87 11.18 -4.65 -25.06
CA VAL A 87 10.50 -5.70 -25.82
C VAL A 87 11.38 -6.94 -25.92
N VAL A 88 12.68 -6.74 -26.14
CA VAL A 88 13.61 -7.86 -26.23
C VAL A 88 13.64 -8.63 -24.92
N LEU A 89 13.66 -7.91 -23.79
CA LEU A 89 13.71 -8.55 -22.49
C LEU A 89 12.45 -9.35 -22.23
N ALA A 90 11.29 -8.80 -22.58
CA ALA A 90 10.04 -9.55 -22.42
C ALA A 90 10.04 -10.81 -23.28
N ILE A 91 10.51 -10.70 -24.53
CA ILE A 91 10.54 -11.85 -25.42
C ILE A 91 11.47 -12.93 -24.86
N VAL A 92 12.67 -12.53 -24.44
CA VAL A 92 13.65 -13.49 -23.93
C VAL A 92 13.12 -14.16 -22.67
N THR A 93 12.48 -13.40 -21.78
CA THR A 93 11.93 -13.99 -20.57
C THR A 93 10.81 -14.96 -20.89
N GLY A 94 9.95 -14.64 -21.85
CA GLY A 94 8.91 -15.57 -22.24
C GLY A 94 9.46 -16.86 -22.82
N VAL A 95 10.47 -16.74 -23.69
CA VAL A 95 11.07 -17.93 -24.28
C VAL A 95 11.76 -18.77 -23.22
N TYR A 96 12.42 -18.12 -22.25
CA TYR A 96 13.05 -18.86 -21.17
C TYR A 96 12.02 -19.57 -20.31
N CYS A 97 10.91 -18.91 -20.01
CA CYS A 97 9.86 -19.54 -19.21
C CYS A 97 9.27 -20.75 -19.94
N GLY A 98 9.03 -20.62 -21.24
CA GLY A 98 8.57 -21.77 -21.99
C GLY A 98 9.62 -22.85 -22.18
N MET A 99 10.90 -22.48 -22.04
CA MET A 99 11.99 -23.42 -22.27
C MET A 99 12.08 -24.42 -21.12
N PHE A 100 11.96 -23.95 -19.88
CA PHE A 100 12.13 -24.77 -18.69
C PHE A 100 10.84 -24.87 -17.90
N GLY A 101 9.72 -25.06 -18.60
CA GLY A 101 8.44 -25.19 -17.93
C GLY A 101 7.71 -26.47 -18.30
N LEU A 102 8.48 -27.52 -18.61
CA LEU A 102 7.87 -28.78 -19.01
C LEU A 102 7.11 -29.43 -17.85
N ARG A 103 7.76 -29.58 -16.70
CA ARG A 103 7.14 -30.29 -15.59
C ARG A 103 5.91 -29.56 -15.08
N ALA A 104 5.99 -28.23 -14.97
CA ALA A 104 4.84 -27.45 -14.56
C ALA A 104 3.68 -27.60 -15.54
N THR A 105 4.01 -27.64 -16.84
CA THR A 105 2.97 -27.79 -17.85
C THR A 105 2.27 -29.14 -17.72
N GLN A 106 3.04 -30.22 -17.56
CA GLN A 106 2.41 -31.53 -17.40
C GLN A 106 1.57 -31.60 -16.13
N GLU A 107 2.08 -31.06 -15.03
CA GLU A 107 1.32 -31.10 -13.78
C GLU A 107 0.03 -30.31 -13.90
N LEU A 108 0.10 -29.11 -14.49
CA LEU A 108 -1.10 -28.30 -14.68
C LEU A 108 -2.11 -29.01 -15.57
N ASN A 109 -1.65 -29.64 -16.65
CA ASN A 109 -2.58 -30.29 -17.56
C ASN A 109 -3.22 -31.51 -16.92
N THR A 110 -2.46 -32.29 -16.15
CA THR A 110 -3.05 -33.43 -15.44
C THR A 110 -4.09 -32.96 -14.43
N ARG A 111 -3.77 -31.91 -13.67
CA ARG A 111 -4.73 -31.39 -12.70
C ARG A 111 -5.98 -30.86 -13.41
N LEU A 112 -5.79 -30.18 -14.53
CA LEU A 112 -6.94 -29.65 -15.26
C LEU A 112 -7.81 -30.77 -15.82
N ASP A 113 -7.20 -31.84 -16.30
CA ASP A 113 -7.99 -32.99 -16.77
C ASP A 113 -8.78 -33.60 -15.61
N LYS A 114 -8.13 -33.75 -14.45
CA LYS A 114 -8.83 -34.30 -13.30
C LYS A 114 -10.00 -33.42 -12.89
N ILE A 115 -9.80 -32.10 -12.92
CA ILE A 115 -10.87 -31.17 -12.55
C ILE A 115 -12.01 -31.25 -13.56
N ASP A 116 -11.69 -31.18 -14.85
CA ASP A 116 -12.72 -31.19 -15.88
C ASP A 116 -13.46 -32.51 -15.96
N SER A 117 -12.87 -33.59 -15.45
CA SER A 117 -13.60 -34.86 -15.41
C SER A 117 -14.84 -34.75 -14.52
N THR A 118 -14.74 -34.03 -13.41
CA THR A 118 -15.87 -33.90 -12.50
C THR A 118 -16.95 -33.00 -13.09
N LEU A 119 -16.56 -31.85 -13.63
CA LEU A 119 -17.52 -30.89 -14.19
C LEU A 119 -17.87 -31.28 -15.62
N SER A 120 -18.58 -32.39 -15.75
CA SER A 120 -19.02 -32.88 -17.04
C SER A 120 -20.22 -32.10 -17.60
N PRO A 121 -21.26 -31.79 -16.80
CA PRO A 121 -22.38 -31.02 -17.39
C PRO A 121 -21.97 -29.66 -17.92
N TYR A 122 -21.04 -28.97 -17.26
CA TYR A 122 -20.58 -27.65 -17.69
C TYR A 122 -19.25 -27.82 -18.41
N ASN A 123 -19.33 -28.14 -19.70
CA ASN A 123 -18.14 -28.26 -20.53
C ASN A 123 -18.06 -27.19 -21.60
N ASN A 124 -19.11 -27.02 -22.40
CA ASN A 124 -19.20 -25.97 -23.43
C ASN A 124 -17.96 -25.95 -24.31
N VAL A 125 -17.59 -27.13 -24.81
CA VAL A 125 -16.36 -27.26 -25.58
C VAL A 125 -16.41 -26.40 -26.83
N LYS A 126 -17.54 -26.42 -27.54
CA LYS A 126 -17.69 -25.61 -28.74
C LYS A 126 -17.55 -24.13 -28.42
N LYS A 127 -18.22 -23.66 -27.37
CA LYS A 127 -18.18 -22.24 -27.03
C LYS A 127 -16.77 -21.82 -26.61
N ASP A 128 -16.10 -22.63 -25.79
CA ASP A 128 -14.76 -22.28 -25.36
C ASP A 128 -13.78 -22.27 -26.54
N ARG A 129 -13.88 -23.27 -27.42
CA ARG A 129 -13.03 -23.30 -28.60
C ARG A 129 -13.26 -22.08 -29.48
N TRP A 130 -14.53 -21.73 -29.70
CA TRP A 130 -14.85 -20.57 -30.52
C TRP A 130 -14.28 -19.29 -29.92
N ARG A 131 -14.47 -19.12 -28.60
CA ARG A 131 -13.99 -17.91 -27.94
C ARG A 131 -12.47 -17.81 -27.98
N ALA A 132 -11.78 -18.92 -27.68
CA ALA A 132 -10.32 -18.89 -27.67
C ALA A 132 -9.75 -18.62 -29.05
N TYR A 133 -10.28 -19.31 -30.08
CA TYR A 133 -9.80 -19.07 -31.44
C TYR A 133 -10.11 -17.67 -31.90
N ALA A 134 -11.28 -17.14 -31.53
CA ALA A 134 -11.62 -15.77 -31.89
C ALA A 134 -10.67 -14.77 -31.23
N MET A 135 -10.34 -15.00 -29.96
CA MET A 135 -9.41 -14.10 -29.27
C MET A 135 -8.04 -14.13 -29.93
N ALA A 136 -7.54 -15.33 -30.24
CA ALA A 136 -6.23 -15.44 -30.88
C ALA A 136 -6.22 -14.77 -32.24
N THR A 137 -7.24 -15.04 -33.05
CA THR A 137 -7.30 -14.47 -34.39
C THR A 137 -7.42 -12.95 -34.33
N VAL A 138 -8.24 -12.44 -33.42
CA VAL A 138 -8.42 -10.99 -33.30
C VAL A 138 -7.12 -10.33 -32.89
N SER A 139 -6.42 -10.91 -31.91
CA SER A 139 -5.16 -10.32 -31.48
C SER A 139 -4.13 -10.33 -32.59
N LEU A 140 -4.01 -11.46 -33.30
CA LEU A 140 -3.04 -11.53 -34.40
C LEU A 140 -3.38 -10.57 -35.52
N ILE A 141 -4.67 -10.45 -35.85
CA ILE A 141 -5.09 -9.54 -36.92
C ILE A 141 -4.81 -8.10 -36.52
N VAL A 142 -5.12 -7.74 -35.27
CA VAL A 142 -4.90 -6.37 -34.81
C VAL A 142 -3.41 -6.03 -34.84
N ILE A 143 -2.57 -6.95 -34.35
CA ILE A 143 -1.13 -6.64 -34.35
C ILE A 143 -0.60 -6.58 -35.78
N GLY A 144 -1.15 -7.41 -36.69
CA GLY A 144 -0.71 -7.33 -38.06
C GLY A 144 -1.05 -6.01 -38.72
N ILE A 145 -2.29 -5.56 -38.56
CA ILE A 145 -2.67 -4.28 -39.14
C ILE A 145 -1.90 -3.13 -38.49
N LEU A 146 -1.67 -3.21 -37.19
CA LEU A 146 -0.93 -2.14 -36.52
C LEU A 146 0.52 -2.07 -37.00
N LEU A 147 1.16 -3.22 -37.14
CA LEU A 147 2.53 -3.24 -37.65
C LEU A 147 2.59 -2.74 -39.09
N GLY A 148 1.62 -3.15 -39.91
CA GLY A 148 1.58 -2.64 -41.28
C GLY A 148 1.40 -1.14 -41.34
N LEU A 149 0.49 -0.61 -40.52
CA LEU A 149 0.28 0.84 -40.50
C LEU A 149 1.51 1.57 -39.99
N ASP A 150 2.18 1.03 -38.98
CA ASP A 150 3.37 1.68 -38.45
C ASP A 150 4.49 1.71 -39.49
N VAL A 151 4.71 0.58 -40.17
CA VAL A 151 5.75 0.54 -41.19
C VAL A 151 5.37 1.44 -42.36
N GLY A 152 4.09 1.53 -42.68
CA GLY A 152 3.67 2.40 -43.76
C GLY A 152 3.89 3.87 -43.44
N THR A 153 3.53 4.28 -42.22
CA THR A 153 3.73 5.67 -41.84
C THR A 153 5.22 6.00 -41.71
N TRP A 154 6.02 5.03 -41.27
CA TRP A 154 7.45 5.28 -41.14
C TRP A 154 8.10 5.41 -42.51
N VAL A 155 7.73 4.53 -43.45
CA VAL A 155 8.27 4.62 -44.80
C VAL A 155 7.76 5.88 -45.48
N ARG A 156 6.53 6.31 -45.19
CA ARG A 156 6.01 7.54 -45.78
C ARG A 156 6.78 8.75 -45.26
N MET A 157 7.00 8.83 -43.95
CA MET A 157 7.74 9.95 -43.38
C MET A 157 9.19 9.95 -43.85
N ALA A 158 9.81 8.78 -43.97
CA ALA A 158 11.18 8.72 -44.45
C ALA A 158 11.28 9.03 -45.94
N GLN A 159 10.23 8.73 -46.70
CA GLN A 159 10.22 9.03 -48.13
C GLN A 159 10.01 10.52 -48.39
N GLU A 160 9.10 11.15 -47.63
CA GLU A 160 8.89 12.58 -47.80
C GLU A 160 10.06 13.37 -47.22
N MET A 161 10.76 12.80 -46.24
CA MET A 161 11.90 13.45 -45.63
C MET A 161 13.14 12.62 -45.95
N GLU A 166 14.09 8.10 -50.20
CA GLU A 166 15.48 8.53 -50.14
C GLU A 166 16.30 7.58 -49.26
N ASP A 167 16.55 6.37 -49.77
CA ASP A 167 17.32 5.34 -49.07
C ASP A 167 16.66 5.02 -47.72
N THR A 168 15.46 4.45 -47.82
CA THR A 168 14.67 4.10 -46.64
C THR A 168 14.42 2.60 -46.49
N GLU A 169 14.45 1.83 -47.58
CA GLU A 169 14.24 0.39 -47.50
C GLU A 169 15.28 -0.27 -46.61
N LEU A 170 16.51 0.27 -46.58
CA LEU A 170 17.54 -0.28 -45.71
C LEU A 170 17.15 -0.13 -44.24
N ASN A 171 16.64 1.05 -43.86
CA ASN A 171 16.20 1.25 -42.49
C ASN A 171 14.99 0.39 -42.15
N VAL A 172 14.06 0.24 -43.10
CA VAL A 172 12.91 -0.62 -42.87
C VAL A 172 13.35 -2.06 -42.65
N GLN A 173 14.29 -2.53 -43.46
CA GLN A 173 14.83 -3.87 -43.28
C GLN A 173 15.53 -4.01 -41.93
N TRP A 174 16.26 -2.98 -41.52
CA TRP A 174 16.90 -3.01 -40.20
C TRP A 174 15.89 -3.07 -39.08
N TYR A 175 14.68 -2.52 -39.28
CA TYR A 175 13.70 -2.43 -38.21
C TYR A 175 12.65 -3.53 -38.24
N ILE A 176 12.58 -4.34 -39.28
CA ILE A 176 11.66 -5.48 -39.33
C ILE A 176 11.77 -6.41 -38.13
N PRO A 177 12.98 -6.78 -37.67
CA PRO A 177 13.06 -7.70 -36.52
C PRO A 177 12.33 -7.20 -35.28
N PHE A 178 12.29 -5.88 -35.07
CA PHE A 178 11.50 -5.35 -33.97
C PHE A 178 10.03 -5.73 -34.13
N TYR A 179 9.51 -5.66 -35.36
CA TYR A 179 8.12 -6.02 -35.58
C TYR A 179 7.87 -7.51 -35.38
N SER A 180 8.83 -8.35 -35.79
CA SER A 180 8.66 -9.78 -35.51
C SER A 180 8.68 -10.07 -34.02
N LEU A 181 9.51 -9.33 -33.27
CA LEU A 181 9.50 -9.47 -31.82
C LEU A 181 8.16 -9.05 -31.24
N TYR A 182 7.54 -8.01 -31.82
CA TYR A 182 6.19 -7.64 -31.40
C TYR A 182 5.21 -8.76 -31.66
N PHE A 183 5.35 -9.46 -32.79
CA PHE A 183 4.51 -10.62 -33.06
C PHE A 183 4.67 -11.69 -31.98
N ILE A 184 5.92 -11.96 -31.59
CA ILE A 184 6.17 -12.97 -30.56
C ILE A 184 5.55 -12.52 -29.23
N LEU A 185 5.64 -11.23 -28.93
CA LEU A 185 5.04 -10.71 -27.69
C LEU A 185 3.53 -10.88 -27.71
N THR A 186 2.90 -10.63 -28.85
CA THR A 186 1.46 -10.85 -28.96
C THR A 186 1.12 -12.31 -28.73
N GLY A 187 1.91 -13.22 -29.29
CA GLY A 187 1.69 -14.64 -29.05
C GLY A 187 1.80 -15.01 -27.57
N LEU A 188 2.79 -14.42 -26.89
CA LEU A 188 2.95 -14.66 -25.46
C LEU A 188 1.74 -14.17 -24.68
N HIS A 189 1.23 -12.98 -25.03
CA HIS A 189 0.03 -12.46 -24.39
C HIS A 189 -1.14 -13.41 -24.62
N ILE A 190 -1.29 -13.92 -25.84
CA ILE A 190 -2.39 -14.83 -26.16
C ILE A 190 -2.31 -16.07 -25.28
N ASN A 191 -1.11 -16.65 -25.17
CA ASN A 191 -0.94 -17.87 -24.38
C ASN A 191 -1.30 -17.64 -22.93
N PHE A 192 -0.74 -16.59 -22.31
CA PHE A 192 -1.01 -16.34 -20.90
C PHE A 192 -2.49 -16.05 -20.67
N ALA A 193 -3.10 -15.25 -21.54
CA ALA A 193 -4.51 -14.93 -21.38
C ALA A 193 -5.37 -16.18 -21.51
N ASN A 194 -5.03 -17.07 -22.44
CA ASN A 194 -5.79 -18.31 -22.58
C ASN A 194 -5.72 -19.13 -21.30
N THR A 195 -4.52 -19.30 -20.75
CA THR A 195 -4.40 -20.12 -19.54
C THR A 195 -5.17 -19.51 -18.38
N ALA A 196 -4.99 -18.21 -18.15
CA ALA A 196 -5.65 -17.57 -17.02
C ALA A 196 -7.17 -17.57 -17.17
N TYR A 197 -7.65 -17.34 -18.40
CA TYR A 197 -9.10 -17.37 -18.62
C TYR A 197 -9.66 -18.77 -18.43
N GLY A 198 -8.89 -19.80 -18.81
CA GLY A 198 -9.34 -21.15 -18.53
C GLY A 198 -9.46 -21.42 -17.05
N LEU A 199 -8.48 -20.96 -16.26
CA LEU A 199 -8.57 -21.12 -14.81
C LEU A 199 -9.79 -20.39 -14.25
N GLY A 200 -10.02 -19.17 -14.72
CA GLY A 200 -11.18 -18.42 -14.25
C GLY A 200 -12.51 -19.08 -14.61
N ARG A 201 -12.59 -19.63 -15.83
CA ARG A 201 -13.79 -20.33 -16.26
C ARG A 201 -14.04 -21.56 -15.39
N ARG A 202 -12.98 -22.30 -15.07
CA ARG A 202 -13.15 -23.47 -14.21
C ARG A 202 -13.60 -23.07 -12.82
N TYR A 203 -13.06 -21.98 -12.28
CA TYR A 203 -13.53 -21.49 -10.99
C TYR A 203 -15.01 -21.13 -11.04
N LYS A 204 -15.42 -20.43 -12.10
CA LYS A 204 -16.83 -20.05 -12.23
C LYS A 204 -17.72 -21.28 -12.34
N ARG A 205 -17.28 -22.29 -13.08
CA ARG A 205 -18.08 -23.51 -13.20
C ARG A 205 -18.18 -24.23 -11.86
N LEU A 206 -17.11 -24.25 -11.07
CA LEU A 206 -17.17 -24.82 -9.74
C LEU A 206 -18.19 -24.08 -8.87
N ASN A 207 -18.16 -22.75 -8.91
CA ASN A 207 -19.10 -21.97 -8.12
C ASN A 207 -20.54 -22.24 -8.57
N GLN A 208 -20.76 -22.35 -9.88
CA GLN A 208 -22.09 -22.64 -10.38
C GLN A 208 -22.57 -24.01 -9.95
N MET A 209 -21.68 -25.01 -9.98
CA MET A 209 -22.04 -26.33 -9.46
C MET A 209 -22.44 -26.27 -7.99
N LEU A 210 -21.65 -25.55 -7.19
CA LEU A 210 -21.97 -25.46 -5.77
C LEU A 210 -23.31 -24.75 -5.55
N ARG A 211 -23.59 -23.70 -6.31
CA ARG A 211 -24.86 -23.00 -6.17
C ARG A 211 -26.02 -23.88 -6.58
N THR A 212 -25.90 -24.59 -7.70
CA THR A 212 -27.03 -25.36 -8.22
C THR A 212 -27.30 -26.58 -7.37
N SER A 213 -26.26 -27.22 -6.85
CA SER A 213 -26.45 -28.50 -6.17
C SER A 213 -27.25 -28.37 -4.88
N TYR A 214 -27.30 -27.18 -4.28
CA TYR A 214 -27.88 -27.04 -2.96
C TYR A 214 -28.96 -25.97 -2.88
N LEU A 215 -28.80 -24.85 -3.60
CA LEU A 215 -29.88 -23.86 -3.64
C LEU A 215 -31.07 -24.38 -4.44
N SER A 216 -30.81 -25.20 -5.46
CA SER A 216 -31.88 -25.80 -6.24
C SER A 216 -31.87 -27.32 -6.11
N ALA A 263 -29.31 -41.10 -0.59
CA ALA A 263 -29.27 -39.93 -1.47
C ALA A 263 -28.33 -38.87 -0.94
N THR A 264 -28.08 -38.92 0.37
CA THR A 264 -27.20 -37.93 0.99
C THR A 264 -25.74 -38.19 0.67
N LYS A 265 -25.36 -39.45 0.45
CA LYS A 265 -23.96 -39.76 0.15
C LYS A 265 -23.52 -39.16 -1.18
N ASN A 266 -24.42 -39.10 -2.16
CA ASN A 266 -24.07 -38.44 -3.42
C ASN A 266 -23.68 -37.00 -3.18
N LYS A 267 -24.44 -36.29 -2.34
CA LYS A 267 -24.10 -34.91 -2.01
C LYS A 267 -22.83 -34.82 -1.17
N SER A 268 -22.59 -35.81 -0.31
CA SER A 268 -21.38 -35.79 0.51
C SER A 268 -20.12 -35.90 -0.35
N LEU A 269 -20.05 -36.91 -1.22
CA LEU A 269 -18.91 -36.97 -2.12
C LEU A 269 -18.94 -35.87 -3.17
N LEU A 270 -20.08 -35.27 -3.47
CA LEU A 270 -20.09 -34.08 -4.32
C LEU A 270 -19.36 -32.92 -3.66
N ILE A 271 -19.62 -32.70 -2.37
CA ILE A 271 -18.92 -31.64 -1.65
C ILE A 271 -17.43 -31.98 -1.52
N ARG A 272 -17.12 -33.25 -1.29
CA ARG A 272 -15.71 -33.65 -1.22
C ARG A 272 -15.00 -33.38 -2.53
N ALA A 273 -15.63 -33.74 -3.65
CA ALA A 273 -15.02 -33.50 -4.96
C ALA A 273 -14.91 -32.01 -5.25
N MET A 274 -15.89 -31.22 -4.81
CA MET A 274 -15.81 -29.78 -5.00
C MET A 274 -14.64 -29.19 -4.24
N ALA A 275 -14.43 -29.64 -2.99
CA ALA A 275 -13.27 -29.17 -2.22
C ALA A 275 -11.97 -29.59 -2.89
N ASP A 276 -11.90 -30.83 -3.36
CA ASP A 276 -10.70 -31.29 -4.05
C ASP A 276 -10.43 -30.47 -5.29
N ASN A 277 -11.48 -30.16 -6.06
CA ASN A 277 -11.31 -29.37 -7.28
C ASN A 277 -10.89 -27.95 -6.96
N HIS A 278 -11.41 -27.37 -5.88
CA HIS A 278 -10.98 -26.02 -5.50
C HIS A 278 -9.51 -26.01 -5.10
N GLU A 279 -9.07 -27.00 -4.33
CA GLU A 279 -7.66 -27.07 -3.98
C GLU A 279 -6.79 -27.26 -5.22
N SER A 280 -7.24 -28.12 -6.14
CA SER A 280 -6.48 -28.35 -7.36
C SER A 280 -6.42 -27.09 -8.22
N LEU A 281 -7.50 -26.30 -8.25
CA LEU A 281 -7.48 -25.06 -9.00
C LEU A 281 -6.53 -24.05 -8.37
N GLY A 282 -6.48 -24.00 -7.04
CA GLY A 282 -5.48 -23.16 -6.38
C GLY A 282 -4.07 -23.60 -6.73
N LYS A 283 -3.84 -24.92 -6.73
CA LYS A 283 -2.53 -25.44 -7.12
C LYS A 283 -2.21 -25.08 -8.56
N CYS A 284 -3.21 -25.11 -9.44
CA CYS A 284 -3.00 -24.74 -10.84
C CYS A 284 -2.66 -23.27 -10.98
N VAL A 285 -3.31 -22.41 -10.18
CA VAL A 285 -2.97 -20.99 -10.19
C VAL A 285 -1.53 -20.79 -9.73
N ARG A 286 -1.12 -21.51 -8.68
CA ARG A 286 0.26 -21.41 -8.24
C ARG A 286 1.24 -21.93 -9.29
N LEU A 287 0.85 -22.98 -10.01
CA LEU A 287 1.69 -23.52 -11.08
C LEU A 287 1.84 -22.52 -12.21
N LEU A 288 0.74 -21.86 -12.60
CA LEU A 288 0.82 -20.83 -13.62
C LEU A 288 1.68 -19.67 -13.16
N SER A 289 1.59 -19.31 -11.87
CA SER A 289 2.46 -18.29 -11.33
C SER A 289 3.93 -18.69 -11.45
N ARG A 290 4.26 -19.91 -11.04
CA ARG A 290 5.63 -20.37 -11.16
C ARG A 290 6.09 -20.40 -12.62
N PHE A 291 5.17 -20.72 -13.53
CA PHE A 291 5.52 -20.83 -14.94
C PHE A 291 5.77 -19.47 -15.58
N TYR A 292 4.95 -18.47 -15.25
CA TYR A 292 4.94 -17.22 -16.01
C TYR A 292 5.17 -15.98 -15.15
N GLY A 293 5.69 -16.11 -13.93
CA GLY A 293 5.82 -14.96 -13.07
C GLY A 293 6.75 -13.87 -13.59
N ILE A 294 8.00 -14.24 -13.88
CA ILE A 294 8.95 -13.24 -14.34
C ILE A 294 8.56 -12.73 -15.73
N ALA A 295 7.99 -13.59 -16.56
CA ALA A 295 7.53 -13.15 -17.88
C ALA A 295 6.41 -12.12 -17.75
N VAL A 296 5.46 -12.36 -16.86
CA VAL A 296 4.36 -11.41 -16.67
C VAL A 296 4.88 -10.12 -16.04
N LEU A 297 5.85 -10.22 -15.13
CA LEU A 297 6.44 -9.02 -14.54
C LEU A 297 7.09 -8.15 -15.61
N PHE A 298 7.86 -8.76 -16.51
CA PHE A 298 8.51 -7.98 -17.55
C PHE A 298 7.51 -7.50 -18.59
N ILE A 299 6.42 -8.25 -18.80
CA ILE A 299 5.36 -7.78 -19.69
C ILE A 299 4.70 -6.53 -19.11
N LEU A 300 4.45 -6.53 -17.79
CA LEU A 300 3.88 -5.35 -17.15
C LEU A 300 4.82 -4.16 -17.23
N VAL A 301 6.12 -4.40 -17.03
CA VAL A 301 7.11 -3.33 -17.18
C VAL A 301 7.08 -2.79 -18.60
N SER A 302 6.98 -3.69 -19.59
CA SER A 302 6.88 -3.26 -20.98
C SER A 302 5.64 -2.41 -21.22
N CYS A 303 4.51 -2.83 -20.68
CA CYS A 303 3.27 -2.08 -20.86
C CYS A 303 3.40 -0.69 -20.27
N LEU A 304 3.95 -0.58 -19.06
CA LEU A 304 4.10 0.73 -18.42
C LEU A 304 5.04 1.62 -19.23
N LEU A 305 6.19 1.09 -19.61
CA LEU A 305 7.16 1.89 -20.35
C LEU A 305 6.60 2.35 -21.68
N HIS A 306 5.94 1.45 -22.41
CA HIS A 306 5.40 1.82 -23.72
C HIS A 306 4.27 2.81 -23.58
N LEU A 307 3.40 2.64 -22.58
CA LEU A 307 2.32 3.60 -22.38
C LEU A 307 2.87 4.98 -22.09
N VAL A 308 3.84 5.08 -21.18
CA VAL A 308 4.40 6.38 -20.83
C VAL A 308 5.08 7.02 -22.03
N ALA A 309 5.91 6.23 -22.74
CA ALA A 309 6.64 6.79 -23.88
C ALA A 309 5.70 7.23 -24.99
N THR A 310 4.69 6.41 -25.30
CA THR A 310 3.77 6.76 -26.37
C THR A 310 2.92 7.96 -26.01
N ALA A 311 2.47 8.05 -24.74
CA ALA A 311 1.71 9.23 -24.33
C ALA A 311 2.56 10.49 -24.42
N TYR A 312 3.81 10.41 -23.96
CA TYR A 312 4.69 11.57 -24.03
C TYR A 312 4.94 11.99 -25.47
N PHE A 313 5.21 11.02 -26.35
CA PHE A 313 5.46 11.35 -27.75
C PHE A 313 4.22 11.91 -28.42
N LEU A 314 3.04 11.37 -28.09
CA LEU A 314 1.80 11.89 -28.67
C LEU A 314 1.55 13.32 -28.23
N PHE A 315 1.75 13.61 -26.95
CA PHE A 315 1.56 14.99 -26.48
C PHE A 315 2.57 15.94 -27.10
N LEU A 316 3.82 15.50 -27.23
CA LEU A 316 4.83 16.35 -27.86
C LEU A 316 4.48 16.61 -29.32
N GLU A 317 4.03 15.59 -30.04
CA GLU A 317 3.67 15.76 -31.45
C GLU A 317 2.45 16.68 -31.60
N MET A 318 1.46 16.52 -30.71
CA MET A 318 0.30 17.40 -30.76
C MET A 318 0.69 18.84 -30.48
N LEU A 319 1.62 19.05 -29.54
CA LEU A 319 2.14 20.39 -29.29
C LEU A 319 2.86 20.95 -30.51
N ASN A 320 3.66 20.12 -31.18
CA ASN A 320 4.37 20.57 -32.37
C ASN A 320 3.46 20.72 -33.58
N LYS A 321 2.28 20.10 -33.55
CA LYS A 321 1.28 20.23 -34.61
C LYS A 321 1.83 19.78 -35.96
N ARG A 322 2.38 18.57 -35.97
CA ARG A 322 2.93 17.96 -37.17
C ARG A 322 1.86 17.13 -37.87
N ASP A 323 2.29 16.27 -38.79
CA ASP A 323 1.36 15.47 -39.59
C ASP A 323 0.45 14.64 -38.70
N ASN A 324 -0.83 14.59 -39.06
CA ASN A 324 -1.83 13.93 -38.22
C ASN A 324 -1.76 12.40 -38.34
N GLY A 325 -1.20 11.89 -39.43
CA GLY A 325 -1.13 10.45 -39.60
C GLY A 325 -0.32 9.78 -38.50
N TYR A 326 0.81 10.38 -38.15
CA TYR A 326 1.58 9.87 -37.02
C TYR A 326 0.79 9.96 -35.72
N VAL A 327 -0.07 10.98 -35.60
CA VAL A 327 -0.91 11.09 -34.41
C VAL A 327 -1.89 9.94 -34.32
N TRP A 328 -2.52 9.59 -35.45
CA TRP A 328 -3.43 8.45 -35.45
C TRP A 328 -2.69 7.15 -35.16
N VAL A 329 -1.48 7.00 -35.71
CA VAL A 329 -0.70 5.80 -35.45
C VAL A 329 -0.36 5.70 -33.96
N GLN A 330 0.04 6.83 -33.35
CA GLN A 330 0.35 6.82 -31.93
C GLN A 330 -0.88 6.52 -31.08
N MET A 331 -2.04 7.03 -31.47
CA MET A 331 -3.26 6.73 -30.75
C MET A 331 -3.58 5.24 -30.83
N LEU A 332 -3.41 4.65 -32.02
CA LEU A 332 -3.62 3.21 -32.16
C LEU A 332 -2.65 2.42 -31.30
N TRP A 333 -1.39 2.86 -31.24
CA TRP A 333 -0.41 2.17 -30.40
C TRP A 333 -0.79 2.27 -28.92
N ILE A 334 -1.27 3.43 -28.49
CA ILE A 334 -1.72 3.58 -27.10
C ILE A 334 -2.87 2.63 -26.81
N ILE A 335 -3.84 2.55 -27.73
CA ILE A 335 -4.97 1.65 -27.53
C ILE A 335 -4.47 0.21 -27.45
N PHE A 336 -3.53 -0.16 -28.32
CA PHE A 336 -3.00 -1.54 -28.30
C PHE A 336 -2.29 -1.84 -26.99
N HIS A 337 -1.48 -0.90 -26.49
CA HIS A 337 -0.78 -1.15 -25.23
C HIS A 337 -1.75 -1.27 -24.07
N PHE A 338 -2.79 -0.43 -24.05
CA PHE A 338 -3.80 -0.55 -23.00
C PHE A 338 -4.53 -1.89 -23.10
N LEU A 339 -4.82 -2.34 -24.32
CA LEU A 339 -5.49 -3.63 -24.49
C LEU A 339 -4.60 -4.78 -24.06
N ARG A 340 -3.29 -4.67 -24.31
CA ARG A 340 -2.35 -5.68 -23.82
C ARG A 340 -2.35 -5.72 -22.29
N LEU A 341 -2.30 -4.55 -21.66
CA LEU A 341 -2.32 -4.49 -20.20
C LEU A 341 -3.59 -5.10 -19.65
N LEU A 342 -4.73 -4.81 -20.29
CA LEU A 342 -5.98 -5.40 -19.86
C LEU A 342 -5.98 -6.91 -20.07
N MET A 343 -5.46 -7.38 -21.21
CA MET A 343 -5.41 -8.81 -21.47
C MET A 343 -4.56 -9.54 -20.45
N VAL A 344 -3.59 -8.85 -19.85
CA VAL A 344 -2.80 -9.47 -18.80
C VAL A 344 -3.52 -9.39 -17.45
N VAL A 345 -4.11 -8.23 -17.14
CA VAL A 345 -4.60 -7.99 -15.79
C VAL A 345 -5.96 -8.63 -15.57
N GLU A 346 -6.90 -8.42 -16.50
CA GLU A 346 -8.28 -8.85 -16.32
C GLU A 346 -8.44 -10.33 -16.01
N PRO A 347 -7.80 -11.26 -16.71
CA PRO A 347 -8.01 -12.68 -16.38
C PRO A 347 -7.58 -13.03 -14.98
N CYS A 348 -6.46 -12.49 -14.51
CA CYS A 348 -6.00 -12.78 -13.15
C CYS A 348 -6.97 -12.23 -12.12
N HIS A 349 -7.45 -11.00 -12.31
CA HIS A 349 -8.40 -10.43 -11.37
C HIS A 349 -9.71 -11.21 -11.38
N LEU A 350 -10.17 -11.62 -12.56
CA LEU A 350 -11.40 -12.40 -12.64
C LEU A 350 -11.26 -13.73 -11.94
N ALA A 351 -10.12 -14.42 -12.12
CA ALA A 351 -9.91 -15.68 -11.44
C ALA A 351 -9.84 -15.50 -9.94
N ALA A 352 -9.14 -14.46 -9.48
CA ALA A 352 -9.04 -14.21 -8.04
C ALA A 352 -10.39 -13.89 -7.44
N ARG A 353 -11.21 -13.09 -8.14
CA ARG A 353 -12.53 -12.76 -7.63
C ARG A 353 -13.44 -13.98 -7.61
N GLU A 354 -13.38 -14.81 -8.65
CA GLU A 354 -14.23 -15.99 -8.68
C GLU A 354 -13.82 -17.02 -7.65
N ALA A 355 -12.53 -17.10 -7.33
CA ALA A 355 -12.08 -18.03 -6.31
C ALA A 355 -12.51 -17.61 -4.91
N ARG A 356 -12.51 -16.30 -4.64
CA ARG A 356 -12.85 -15.82 -3.31
C ARG A 356 -14.34 -15.89 -3.02
N LYS A 357 -15.19 -15.99 -4.04
CA LYS A 357 -16.62 -16.05 -3.82
C LYS A 357 -17.10 -17.39 -3.28
N THR A 358 -16.30 -18.45 -3.44
CA THR A 358 -16.75 -19.78 -3.05
C THR A 358 -17.04 -19.87 -1.56
N ILE A 359 -16.35 -19.08 -0.74
CA ILE A 359 -16.55 -19.18 0.71
C ILE A 359 -17.93 -18.70 1.10
N GLN A 360 -18.47 -17.68 0.40
CA GLN A 360 -19.82 -17.22 0.69
C GLN A 360 -20.85 -18.29 0.35
N ILE A 361 -20.71 -18.94 -0.79
CA ILE A 361 -21.61 -20.04 -1.15
C ILE A 361 -21.51 -21.18 -0.14
N VAL A 362 -20.29 -21.45 0.33
CA VAL A 362 -20.11 -22.52 1.32
C VAL A 362 -20.80 -22.16 2.62
N CYS A 363 -20.70 -20.90 3.04
CA CYS A 363 -21.39 -20.46 4.25
C CYS A 363 -22.91 -20.60 4.09
N GLU A 364 -23.43 -20.19 2.94
CA GLU A 364 -24.86 -20.30 2.69
C GLU A 364 -25.30 -21.75 2.72
N ILE A 365 -24.49 -22.65 2.16
CA ILE A 365 -24.79 -24.08 2.22
C ILE A 365 -24.79 -24.55 3.66
N GLU A 366 -23.81 -24.09 4.45
CA GLU A 366 -23.72 -24.50 5.85
C GLU A 366 -24.95 -24.08 6.63
N ARG A 367 -25.49 -22.89 6.35
CA ARG A 367 -26.68 -22.43 7.04
C ARG A 367 -27.95 -23.15 6.58
N LYS A 368 -27.87 -24.08 5.63
CA LYS A 368 -29.04 -24.76 5.09
C LYS A 368 -28.79 -26.26 4.99
N VAL A 369 -28.24 -26.85 6.05
CA VAL A 369 -27.95 -28.27 6.09
C VAL A 369 -28.36 -28.83 7.45
N PHE A 370 -29.15 -29.91 7.44
CA PHE A 370 -29.56 -30.62 8.64
C PHE A 370 -29.00 -32.04 8.66
N GLU A 371 -27.88 -32.27 8.00
CA GLU A 371 -27.28 -33.59 7.87
C GLU A 371 -25.89 -33.54 8.48
N PRO A 372 -25.57 -34.39 9.47
CA PRO A 372 -24.36 -34.18 10.27
C PRO A 372 -23.03 -34.51 9.61
N ILE A 373 -22.92 -35.65 8.91
CA ILE A 373 -21.64 -35.96 8.26
C ILE A 373 -21.38 -34.98 7.12
N LEU A 374 -22.43 -34.58 6.41
CA LEU A 374 -22.22 -33.67 5.29
C LEU A 374 -21.99 -32.25 5.78
N VAL A 375 -22.58 -31.85 6.92
CA VAL A 375 -22.24 -30.53 7.46
C VAL A 375 -20.82 -30.56 8.02
N GLU A 376 -20.37 -31.72 8.51
CA GLU A 376 -18.97 -31.84 8.91
C GLU A 376 -18.06 -31.64 7.71
N GLU A 377 -18.40 -32.26 6.58
CA GLU A 377 -17.64 -32.05 5.35
C GLU A 377 -17.67 -30.58 4.93
N THR A 378 -18.83 -29.94 5.07
CA THR A 378 -18.93 -28.52 4.72
C THR A 378 -18.07 -27.66 5.63
N LYS A 379 -18.00 -28.00 6.92
CA LYS A 379 -17.12 -27.28 7.83
C LYS A 379 -15.66 -27.46 7.42
N LYS A 380 -15.29 -28.68 7.01
CA LYS A 380 -13.92 -28.89 6.51
C LYS A 380 -13.65 -28.05 5.27
N PHE A 381 -14.63 -27.97 4.36
CA PHE A 381 -14.49 -27.14 3.18
C PHE A 381 -14.31 -25.68 3.55
N TRP A 382 -15.11 -25.19 4.51
CA TRP A 382 -14.98 -23.80 4.94
C TRP A 382 -13.62 -23.54 5.57
N GLN A 383 -13.14 -24.48 6.38
CA GLN A 383 -11.82 -24.33 6.99
C GLN A 383 -10.74 -24.28 5.92
N GLN A 384 -10.84 -25.12 4.90
CA GLN A 384 -9.86 -25.11 3.82
C GLN A 384 -9.91 -23.79 3.04
N LEU A 385 -11.12 -23.27 2.79
CA LEU A 385 -11.24 -22.04 2.02
C LEU A 385 -10.79 -20.82 2.81
N LEU A 386 -10.94 -20.84 4.13
CA LEU A 386 -10.56 -19.69 4.93
C LEU A 386 -9.07 -19.38 4.79
N VAL A 387 -8.23 -20.41 4.86
CA VAL A 387 -6.79 -20.27 4.62
C VAL A 387 -6.52 -20.74 3.20
N ASP A 388 -6.53 -19.78 2.28
CA ASP A 388 -6.37 -20.07 0.85
C ASP A 388 -6.16 -18.77 0.11
N ASP A 389 -5.31 -18.79 -0.90
CA ASP A 389 -5.14 -17.66 -1.78
C ASP A 389 -5.13 -18.15 -3.22
N ALA A 390 -5.56 -17.28 -4.13
CA ALA A 390 -5.57 -17.61 -5.55
C ALA A 390 -5.11 -16.44 -6.42
N GLU A 391 -4.56 -15.39 -5.82
CA GLU A 391 -4.08 -14.26 -6.60
C GLU A 391 -2.83 -14.64 -7.36
N PHE A 392 -2.81 -14.32 -8.65
CA PHE A 392 -1.61 -14.52 -9.46
C PHE A 392 -0.53 -13.54 -9.02
N SER A 393 0.66 -14.06 -8.74
CA SER A 393 1.77 -13.24 -8.28
C SER A 393 2.86 -13.23 -9.35
N ALA A 394 3.31 -12.03 -9.72
CA ALA A 394 4.38 -11.87 -10.71
C ALA A 394 5.72 -12.21 -10.06
N SER A 395 5.91 -13.50 -9.81
CA SER A 395 7.11 -14.02 -9.15
C SER A 395 7.34 -13.38 -7.79
N GLY A 396 6.26 -13.01 -7.11
CA GLY A 396 6.33 -12.47 -5.77
C GLY A 396 6.49 -10.97 -5.67
N LEU A 397 6.86 -10.29 -6.76
CA LEU A 397 7.07 -8.85 -6.69
C LEU A 397 5.76 -8.10 -6.53
N CYS A 398 4.70 -8.56 -7.17
CA CYS A 398 3.42 -7.87 -7.08
C CYS A 398 2.30 -8.85 -7.35
N ARG A 399 1.10 -8.48 -6.90
CA ARG A 399 -0.11 -9.23 -7.16
C ARG A 399 -0.80 -8.65 -8.38
N VAL A 400 -1.14 -9.51 -9.33
CA VAL A 400 -1.71 -9.08 -10.61
C VAL A 400 -3.23 -9.08 -10.47
N ASN A 401 -3.81 -7.89 -10.36
CA ASN A 401 -5.25 -7.70 -10.39
C ASN A 401 -5.53 -6.32 -10.95
N ARG A 402 -6.80 -5.91 -10.91
CA ARG A 402 -7.16 -4.61 -11.47
C ARG A 402 -6.52 -3.46 -10.71
N THR A 403 -6.16 -3.66 -9.44
CA THR A 403 -5.50 -2.61 -8.68
C THR A 403 -4.23 -2.14 -9.37
N ILE A 404 -3.55 -3.05 -10.09
CA ILE A 404 -2.34 -2.68 -10.83
C ILE A 404 -2.63 -1.49 -11.73
N LEU A 405 -3.77 -1.50 -12.41
CA LEU A 405 -4.15 -0.39 -13.28
C LEU A 405 -4.04 0.94 -12.54
N THR A 406 -4.64 1.00 -11.35
CA THR A 406 -4.56 2.22 -10.56
C THR A 406 -3.12 2.65 -10.36
N SER A 407 -2.27 1.71 -9.92
CA SER A 407 -0.87 2.01 -9.71
C SER A 407 -0.25 2.58 -10.98
N PHE A 408 -0.55 1.95 -12.12
CA PHE A 408 0.01 2.43 -13.38
C PHE A 408 -0.41 3.88 -13.62
N ALA A 409 -1.68 4.19 -13.38
CA ALA A 409 -2.13 5.57 -13.52
C ALA A 409 -1.31 6.48 -12.61
N SER A 410 -1.15 6.08 -11.35
CA SER A 410 -0.41 6.89 -10.39
C SER A 410 1.02 7.12 -10.85
N ALA A 411 1.54 6.26 -11.71
CA ALA A 411 2.84 6.51 -12.32
C ALA A 411 2.69 7.29 -13.62
N ILE A 412 1.76 6.87 -14.49
CA ILE A 412 1.67 7.47 -15.81
C ILE A 412 1.38 8.95 -15.71
N ALA A 413 0.52 9.34 -14.78
CA ALA A 413 0.30 10.76 -14.54
C ALA A 413 1.59 11.44 -14.08
N THR A 414 2.22 10.89 -13.04
CA THR A 414 3.38 11.55 -12.45
C THR A 414 4.49 11.73 -13.47
N TYR A 415 4.89 10.63 -14.13
CA TYR A 415 5.92 10.71 -15.15
C TYR A 415 5.55 11.69 -16.25
N LEU A 416 4.25 11.85 -16.52
CA LEU A 416 3.84 12.83 -17.52
C LEU A 416 3.95 14.24 -16.98
N VAL A 417 3.55 14.45 -15.73
CA VAL A 417 3.56 15.80 -15.17
C VAL A 417 4.99 16.35 -15.14
N ILE A 418 5.95 15.49 -14.80
CA ILE A 418 7.35 15.91 -14.81
C ILE A 418 7.82 16.17 -16.24
N LEU A 419 7.29 15.44 -17.21
CA LEU A 419 7.81 15.47 -18.58
C LEU A 419 7.03 16.42 -19.50
N ILE A 420 5.70 16.38 -19.45
CA ILE A 420 4.90 17.10 -20.43
C ILE A 420 5.11 18.60 -20.30
N GLN A 421 5.09 19.12 -19.08
CA GLN A 421 5.24 20.56 -18.87
C GLN A 421 6.69 21.00 -18.82
N PHE A 422 7.64 20.06 -18.82
CA PHE A 422 9.05 20.43 -18.89
C PHE A 422 9.43 20.91 -20.26
N GLN A 423 8.69 20.49 -21.29
CA GLN A 423 8.92 21.02 -22.63
C GLN A 423 8.63 22.51 -22.69
N LYS A 424 7.67 22.99 -21.90
CA LYS A 424 7.34 24.41 -21.86
C LYS A 424 7.57 25.00 -20.48
N MET B 1 -8.97 10.71 27.07
CA MET B 1 -7.60 10.60 27.55
C MET B 1 -7.56 10.16 29.01
N GLU B 2 -6.36 9.79 29.48
CA GLU B 2 -6.22 9.22 30.81
C GLU B 2 -6.11 10.30 31.87
N ILE B 3 -6.90 10.15 32.93
CA ILE B 3 -6.85 11.05 34.08
C ILE B 3 -6.69 10.16 35.31
N SER B 4 -5.44 9.95 35.74
CA SER B 4 -5.14 9.12 36.89
C SER B 4 -4.26 9.90 37.86
N GLU B 5 -4.30 9.48 39.12
CA GLU B 5 -3.52 10.16 40.15
C GLU B 5 -2.03 10.08 39.85
N THR B 6 -1.55 8.93 39.38
CA THR B 6 -0.13 8.72 39.15
C THR B 6 0.45 9.80 38.25
N ASN B 7 -0.33 10.28 37.29
CA ASN B 7 0.10 11.37 36.43
C ASN B 7 -0.88 12.55 36.49
N ILE B 8 -1.45 12.80 37.66
CA ILE B 8 -2.44 13.87 37.79
C ILE B 8 -1.86 15.21 37.38
N GLY B 9 -0.58 15.44 37.71
CA GLY B 9 0.06 16.69 37.30
C GLY B 9 0.01 16.90 35.81
N ILE B 10 0.16 15.81 35.05
CA ILE B 10 0.06 15.91 33.59
C ILE B 10 -1.25 16.56 33.21
N PHE B 11 -2.35 16.08 33.80
CA PHE B 11 -3.66 16.66 33.53
C PHE B 11 -3.66 18.16 33.80
N TYR B 12 -3.05 18.57 34.91
CA TYR B 12 -3.00 19.99 35.23
C TYR B 12 -2.33 20.77 34.10
N VAL B 13 -1.23 20.25 33.58
CA VAL B 13 -0.58 20.91 32.45
C VAL B 13 -1.54 21.02 31.28
N SER B 14 -2.23 19.92 30.97
CA SER B 14 -3.21 19.94 29.89
C SER B 14 -4.34 20.92 30.19
N LYS B 15 -4.64 21.14 31.47
CA LYS B 15 -5.64 22.15 31.81
C LYS B 15 -5.10 23.56 31.64
N LEU B 16 -3.81 23.76 31.89
CA LEU B 16 -3.24 25.10 31.79
C LEU B 16 -2.96 25.52 30.36
N LEU B 17 -2.92 24.56 29.43
CA LEU B 17 -2.60 24.84 28.04
C LEU B 17 -3.83 24.78 27.14
N ALA B 18 -5.02 25.00 27.70
CA ALA B 18 -6.27 25.06 26.93
C ALA B 18 -6.52 23.77 26.16
N LEU B 19 -6.22 22.63 26.78
CA LEU B 19 -6.44 21.34 26.16
C LEU B 19 -7.27 20.38 26.99
N ALA B 20 -7.50 20.67 28.27
CA ALA B 20 -8.27 19.79 29.15
C ALA B 20 -9.26 20.62 29.95
N PRO B 21 -10.38 20.99 29.35
CA PRO B 21 -11.40 21.78 30.06
C PRO B 21 -12.26 20.92 30.98
N TYR B 22 -11.61 20.17 31.87
CA TYR B 22 -12.29 19.26 32.77
C TYR B 22 -11.85 19.51 34.20
N SER B 23 -12.60 18.93 35.12
CA SER B 23 -12.27 18.96 36.54
C SER B 23 -12.36 17.55 37.10
N ALA B 24 -11.31 17.11 37.78
CA ALA B 24 -11.25 15.76 38.34
C ALA B 24 -11.29 15.85 39.86
N LYS B 25 -12.22 15.12 40.47
CA LYS B 25 -12.43 15.15 41.91
C LYS B 25 -12.75 13.76 42.41
N LYS B 26 -12.05 13.33 43.46
CA LYS B 26 -12.40 12.08 44.13
C LYS B 26 -13.80 12.21 44.71
N ASN B 27 -14.57 11.13 44.69
CA ASN B 27 -15.77 11.12 45.49
C ASN B 27 -15.46 10.45 46.83
N SER B 28 -16.51 10.09 47.58
CA SER B 28 -16.30 9.59 48.94
C SER B 28 -15.53 8.28 48.95
N LYS B 29 -15.95 7.30 48.16
CA LYS B 29 -15.37 5.96 48.24
C LYS B 29 -14.35 5.74 47.13
N GLY B 30 -13.23 6.48 47.18
CA GLY B 30 -12.29 6.45 46.07
C GLY B 30 -12.92 7.07 44.85
N GLN B 31 -12.71 6.46 43.68
CA GLN B 31 -13.43 6.83 42.46
C GLN B 31 -13.35 8.32 42.13
N LEU B 32 -12.20 8.71 41.59
CA LEU B 32 -12.09 9.97 40.86
C LEU B 32 -13.20 10.06 39.81
N GLU B 33 -13.80 11.24 39.69
CA GLU B 33 -14.77 11.53 38.65
C GLU B 33 -14.33 12.75 37.86
N ILE B 34 -14.56 12.71 36.56
CA ILE B 34 -14.23 13.79 35.64
C ILE B 34 -15.53 14.46 35.21
N THR B 35 -15.63 15.77 35.42
CA THR B 35 -16.80 16.54 35.03
C THR B 35 -16.35 17.73 34.20
N ARG B 36 -17.32 18.36 33.54
CA ARG B 36 -17.03 19.54 32.72
C ARG B 36 -16.81 20.75 33.62
N SER B 37 -15.75 21.50 33.35
CA SER B 37 -15.44 22.73 34.06
C SER B 37 -15.79 23.90 33.13
N TRP B 38 -16.90 24.57 33.41
CA TRP B 38 -17.36 25.66 32.55
C TRP B 38 -16.38 26.81 32.54
N LEU B 39 -15.83 27.16 33.71
CA LEU B 39 -14.87 28.25 33.79
C LEU B 39 -13.64 27.95 32.94
N PHE B 40 -13.07 26.75 33.10
CA PHE B 40 -11.88 26.41 32.35
C PHE B 40 -12.19 26.18 30.87
N SER B 41 -13.40 25.71 30.55
CA SER B 41 -13.77 25.58 29.14
C SER B 41 -13.82 26.95 28.46
N ILE B 42 -14.46 27.92 29.12
CA ILE B 42 -14.51 29.28 28.57
C ILE B 42 -13.11 29.85 28.47
N TYR B 43 -12.28 29.63 29.49
CA TYR B 43 -10.91 30.12 29.46
C TYR B 43 -10.14 29.53 28.29
N SER B 44 -10.28 28.22 28.06
CA SER B 44 -9.55 27.57 26.99
C SER B 44 -10.00 28.09 25.63
N VAL B 45 -11.31 28.21 25.43
CA VAL B 45 -11.81 28.69 24.14
C VAL B 45 -11.33 30.11 23.88
N CYS B 46 -11.44 30.99 24.90
CA CYS B 46 -11.03 32.37 24.72
C CYS B 46 -9.52 32.46 24.47
N LEU B 47 -8.73 31.68 25.20
CA LEU B 47 -7.28 31.72 25.03
C LEU B 47 -6.89 31.26 23.62
N CYS B 48 -7.49 30.16 23.15
CA CYS B 48 -7.16 29.67 21.82
C CYS B 48 -7.54 30.69 20.76
N LEU B 49 -8.75 31.25 20.84
CA LEU B 49 -9.18 32.23 19.84
C LEU B 49 -8.28 33.46 19.86
N ILE B 50 -7.98 33.97 21.06
CA ILE B 50 -7.17 35.18 21.18
C ILE B 50 -5.77 34.92 20.65
N MET B 51 -5.21 33.74 20.91
CA MET B 51 -3.84 33.48 20.51
C MET B 51 -3.74 33.28 18.99
N VAL B 52 -4.73 32.60 18.39
CA VAL B 52 -4.74 32.47 16.94
C VAL B 52 -4.88 33.83 16.29
N PHE B 53 -5.80 34.67 16.81
CA PHE B 53 -5.95 36.01 16.27
C PHE B 53 -4.67 36.81 16.42
N LEU B 54 -3.99 36.69 17.55
CA LEU B 54 -2.77 37.44 17.78
C LEU B 54 -1.66 37.02 16.83
N THR B 55 -1.48 35.71 16.63
CA THR B 55 -0.39 35.28 15.74
C THR B 55 -0.68 35.67 14.30
N TYR B 56 -1.94 35.55 13.85
CA TYR B 56 -2.24 35.97 12.49
C TYR B 56 -2.12 37.49 12.33
N ARG B 57 -2.48 38.24 13.37
CA ARG B 57 -2.32 39.69 13.33
C ARG B 57 -0.85 40.08 13.25
N GLY B 58 0.01 39.40 14.01
CA GLY B 58 1.43 39.66 13.91
C GLY B 58 1.97 39.33 12.54
N LEU B 59 1.52 38.21 11.96
CA LEU B 59 1.94 37.86 10.60
C LEU B 59 1.50 38.94 9.61
N LEU B 60 0.27 39.45 9.76
CA LEU B 60 -0.24 40.42 8.80
C LEU B 60 0.50 41.75 8.92
N PHE B 61 0.79 42.20 10.14
CA PHE B 61 1.61 43.39 10.29
C PHE B 61 3.03 43.18 9.76
N ASP B 62 3.59 41.98 9.94
CA ASP B 62 4.91 41.72 9.39
C ASP B 62 4.88 41.82 7.86
N ALA B 63 3.84 41.27 7.24
CA ALA B 63 3.71 41.37 5.79
C ALA B 63 3.52 42.82 5.35
N ASN B 64 2.68 43.57 6.06
CA ASN B 64 2.44 44.97 5.74
C ASN B 64 3.30 45.87 6.63
N SER B 65 4.60 45.72 6.45
CA SER B 65 5.58 46.54 7.16
C SER B 65 6.62 47.04 6.18
N ASN B 66 7.19 48.20 6.47
CA ASN B 66 8.15 48.80 5.55
C ASN B 66 9.49 48.07 5.58
N ILE B 67 9.73 47.28 6.62
CA ILE B 67 10.91 46.40 6.65
C ILE B 67 10.52 45.05 7.23
N PRO B 68 10.29 44.04 6.40
CA PRO B 68 10.07 42.69 6.91
C PRO B 68 11.34 41.87 6.95
N VAL B 69 11.42 40.98 7.94
CA VAL B 69 12.57 40.09 8.08
C VAL B 69 12.21 38.63 7.87
N ARG B 70 10.93 38.28 7.88
CA ARG B 70 10.51 36.90 7.65
C ARG B 70 9.53 36.75 6.50
N MET B 71 8.77 37.80 6.16
CA MET B 71 7.87 37.71 5.02
C MET B 71 8.63 37.92 3.72
N LYS B 72 9.16 39.14 3.52
CA LYS B 72 10.04 39.47 2.40
C LYS B 72 9.48 39.01 1.06
N SER B 73 10.18 38.08 0.41
CA SER B 73 9.81 37.62 -0.91
C SER B 73 8.54 36.77 -0.86
N ALA B 74 7.96 36.55 -2.04
CA ALA B 74 6.69 35.83 -2.12
C ALA B 74 6.83 34.39 -1.65
N THR B 75 7.90 33.71 -2.05
CA THR B 75 8.08 32.32 -1.61
C THR B 75 8.31 32.24 -0.11
N SER B 76 9.08 33.18 0.45
CA SER B 76 9.26 33.21 1.90
C SER B 76 7.95 33.48 2.61
N LYS B 77 7.14 34.40 2.06
CA LYS B 77 5.82 34.66 2.62
C LYS B 77 4.98 33.39 2.62
N VAL B 78 4.97 32.66 1.50
CA VAL B 78 4.15 31.45 1.40
C VAL B 78 4.63 30.41 2.39
N VAL B 79 5.94 30.20 2.50
CA VAL B 79 6.47 29.18 3.41
C VAL B 79 6.12 29.53 4.85
N THR B 80 6.37 30.78 5.24
CA THR B 80 6.10 31.18 6.62
C THR B 80 4.62 31.10 6.95
N ALA B 81 3.76 31.57 6.03
CA ALA B 81 2.32 31.50 6.25
C ALA B 81 1.85 30.07 6.36
N SER B 82 2.36 29.17 5.50
CA SER B 82 1.95 27.77 5.57
C SER B 82 2.38 27.14 6.88
N ASP B 83 3.60 27.41 7.33
CA ASP B 83 4.08 26.83 8.58
C ASP B 83 3.23 27.33 9.75
N VAL B 84 3.03 28.64 9.84
CA VAL B 84 2.27 29.21 10.94
C VAL B 84 0.82 28.71 10.91
N SER B 85 0.22 28.67 9.73
CA SER B 85 -1.16 28.20 9.61
C SER B 85 -1.29 26.73 9.96
N VAL B 86 -0.28 25.92 9.62
CA VAL B 86 -0.32 24.51 9.98
C VAL B 86 -0.26 24.34 11.48
N VAL B 87 0.61 25.09 12.17
CA VAL B 87 0.65 25.03 13.62
C VAL B 87 -0.68 25.49 14.21
N VAL B 88 -1.24 26.55 13.65
CA VAL B 88 -2.53 27.07 14.12
C VAL B 88 -3.62 26.02 13.96
N LEU B 89 -3.63 25.32 12.81
CA LEU B 89 -4.64 24.30 12.57
C LEU B 89 -4.50 23.15 13.56
N ALA B 90 -3.26 22.72 13.82
CA ALA B 90 -3.06 21.65 14.80
C ALA B 90 -3.54 22.09 16.18
N ILE B 91 -3.23 23.33 16.58
CA ILE B 91 -3.64 23.82 17.89
C ILE B 91 -5.16 23.87 18.00
N VAL B 92 -5.81 24.41 16.97
CA VAL B 92 -7.26 24.55 16.97
C VAL B 92 -7.91 23.17 17.02
N THR B 93 -7.39 22.23 16.26
CA THR B 93 -7.95 20.88 16.26
C THR B 93 -7.78 20.21 17.63
N GLY B 94 -6.63 20.39 18.27
CA GLY B 94 -6.44 19.84 19.59
C GLY B 94 -7.39 20.44 20.62
N VAL B 95 -7.56 21.76 20.57
CA VAL B 95 -8.47 22.41 21.50
C VAL B 95 -9.90 21.96 21.26
N TYR B 96 -10.29 21.80 19.98
CA TYR B 96 -11.62 21.31 19.68
C TYR B 96 -11.83 19.89 20.17
N CYS B 97 -10.82 19.03 20.00
CA CYS B 97 -10.93 17.66 20.47
C CYS B 97 -11.08 17.61 21.99
N GLY B 98 -10.30 18.41 22.70
CA GLY B 98 -10.45 18.48 24.14
C GLY B 98 -11.73 19.15 24.58
N MET B 99 -12.33 19.96 23.70
CA MET B 99 -13.54 20.71 24.06
C MET B 99 -14.75 19.77 24.14
N PHE B 100 -14.88 18.87 23.18
CA PHE B 100 -16.03 17.99 23.06
C PHE B 100 -15.64 16.53 23.26
N GLY B 101 -14.78 16.26 24.23
CA GLY B 101 -14.36 14.90 24.51
C GLY B 101 -14.61 14.50 25.95
N LEU B 102 -15.64 15.06 26.56
CA LEU B 102 -15.95 14.76 27.96
C LEU B 102 -16.39 13.31 28.13
N ARG B 103 -17.38 12.88 27.34
CA ARG B 103 -17.93 11.54 27.52
C ARG B 103 -16.90 10.46 27.23
N ALA B 104 -16.12 10.65 26.17
CA ALA B 104 -15.06 9.69 25.85
C ALA B 104 -14.05 9.63 26.98
N THR B 105 -13.71 10.77 27.57
CA THR B 105 -12.74 10.80 28.67
C THR B 105 -13.27 10.02 29.87
N GLN B 106 -14.53 10.26 30.26
CA GLN B 106 -15.08 9.52 31.39
C GLN B 106 -15.14 8.03 31.11
N GLU B 107 -15.57 7.65 29.91
CA GLU B 107 -15.65 6.23 29.59
C GLU B 107 -14.27 5.57 29.62
N LEU B 108 -13.28 6.24 29.03
CA LEU B 108 -11.93 5.70 29.04
C LEU B 108 -11.38 5.56 30.45
N ASN B 109 -11.64 6.56 31.30
CA ASN B 109 -11.11 6.50 32.66
C ASN B 109 -11.80 5.42 33.48
N THR B 110 -13.11 5.25 33.32
CA THR B 110 -13.79 4.17 34.01
C THR B 110 -13.28 2.81 33.56
N ARG B 111 -13.10 2.63 32.25
CA ARG B 111 -12.57 1.36 31.76
C ARG B 111 -11.15 1.12 32.26
N LEU B 112 -10.33 2.17 32.30
CA LEU B 112 -8.96 2.03 32.78
C LEU B 112 -8.94 1.67 34.27
N ASP B 113 -9.82 2.27 35.06
CA ASP B 113 -9.90 1.90 36.47
C ASP B 113 -10.31 0.45 36.64
N LYS B 114 -11.30 0.01 35.86
CA LYS B 114 -11.72 -1.39 35.93
C LYS B 114 -10.59 -2.33 35.55
N ILE B 115 -9.82 -1.97 34.51
CA ILE B 115 -8.70 -2.81 34.09
C ILE B 115 -7.63 -2.85 35.17
N ASP B 116 -7.24 -1.68 35.68
CA ASP B 116 -6.17 -1.60 36.66
C ASP B 116 -6.56 -2.25 37.98
N SER B 117 -7.85 -2.40 38.25
CA SER B 117 -8.26 -3.12 39.46
C SER B 117 -7.79 -4.57 39.43
N THR B 118 -7.86 -5.20 38.26
CA THR B 118 -7.45 -6.60 38.15
C THR B 118 -5.94 -6.76 38.27
N LEU B 119 -5.18 -5.92 37.55
CA LEU B 119 -3.72 -6.01 37.55
C LEU B 119 -3.16 -5.25 38.76
N SER B 120 -3.42 -5.81 39.93
CA SER B 120 -2.92 -5.23 41.18
C SER B 120 -1.42 -5.50 41.41
N PRO B 121 -0.91 -6.72 41.17
CA PRO B 121 0.54 -6.92 41.40
C PRO B 121 1.42 -6.05 40.51
N TYR B 122 1.01 -5.82 39.27
CA TYR B 122 1.80 -5.00 38.35
C TYR B 122 1.17 -3.61 38.30
N ASN B 123 1.56 -2.77 39.25
CA ASN B 123 1.09 -1.39 39.29
C ASN B 123 2.21 -0.39 39.05
N ASN B 124 3.31 -0.48 39.80
CA ASN B 124 4.49 0.37 39.62
C ASN B 124 4.11 1.84 39.56
N VAL B 125 3.32 2.28 40.54
CA VAL B 125 2.79 3.64 40.54
C VAL B 125 3.93 4.65 40.60
N LYS B 126 4.91 4.40 41.46
CA LYS B 126 6.05 5.32 41.57
C LYS B 126 6.82 5.40 40.26
N LYS B 127 7.09 4.25 39.64
CA LYS B 127 7.85 4.25 38.40
C LYS B 127 7.10 4.96 37.27
N ASP B 128 5.80 4.68 37.15
CA ASP B 128 5.02 5.32 36.09
C ASP B 128 4.91 6.82 36.32
N ARG B 129 4.69 7.24 37.57
CA ARG B 129 4.64 8.67 37.86
C ARG B 129 5.97 9.34 37.53
N TRP B 130 7.09 8.72 37.93
CA TRP B 130 8.40 9.28 37.65
C TRP B 130 8.63 9.40 36.16
N ARG B 131 8.31 8.35 35.40
CA ARG B 131 8.54 8.37 33.96
C ARG B 131 7.68 9.43 33.27
N ALA B 132 6.39 9.51 33.64
CA ALA B 132 5.51 10.48 33.00
C ALA B 132 5.93 11.90 33.30
N TYR B 133 6.23 12.20 34.58
CA TYR B 133 6.65 13.54 34.94
C TYR B 133 7.98 13.89 34.28
N ALA B 134 8.90 12.92 34.19
CA ALA B 134 10.17 13.17 33.52
C ALA B 134 9.96 13.47 32.04
N MET B 135 9.07 12.73 31.39
CA MET B 135 8.81 12.98 29.97
C MET B 135 8.22 14.39 29.77
N ALA B 136 7.25 14.75 30.61
CA ALA B 136 6.63 16.07 30.47
C ALA B 136 7.65 17.18 30.72
N THR B 137 8.45 17.05 31.78
CA THR B 137 9.43 18.07 32.11
C THR B 137 10.49 18.17 31.02
N VAL B 138 10.94 17.04 30.49
CA VAL B 138 11.97 17.06 29.45
C VAL B 138 11.43 17.74 28.19
N SER B 139 10.20 17.39 27.80
CA SER B 139 9.62 18.01 26.61
C SER B 139 9.46 19.51 26.78
N LEU B 140 8.94 19.94 27.94
CA LEU B 140 8.75 21.37 28.18
C LEU B 140 10.08 22.10 28.21
N ILE B 141 11.09 21.51 28.85
CA ILE B 141 12.40 22.15 28.93
C ILE B 141 13.02 22.26 27.54
N VAL B 142 12.93 21.20 26.74
CA VAL B 142 13.49 21.22 25.40
C VAL B 142 12.82 22.29 24.55
N ILE B 143 11.49 22.35 24.59
CA ILE B 143 10.81 23.35 23.77
C ILE B 143 11.13 24.76 24.27
N GLY B 144 11.30 24.93 25.59
CA GLY B 144 11.65 26.25 26.10
C GLY B 144 13.02 26.70 25.62
N ILE B 145 14.02 25.82 25.72
CA ILE B 145 15.36 26.19 25.26
C ILE B 145 15.36 26.42 23.75
N LEU B 146 14.62 25.59 23.00
CA LEU B 146 14.59 25.77 21.56
C LEU B 146 13.94 27.09 21.16
N LEU B 147 12.84 27.45 21.81
CA LEU B 147 12.20 28.73 21.51
C LEU B 147 13.10 29.89 21.91
N GLY B 148 13.78 29.79 23.05
CA GLY B 148 14.72 30.83 23.43
C GLY B 148 15.85 30.98 22.44
N LEU B 149 16.42 29.87 21.99
CA LEU B 149 17.50 29.92 21.01
C LEU B 149 17.02 30.50 19.69
N ASP B 150 15.81 30.12 19.26
CA ASP B 150 15.29 30.63 17.99
C ASP B 150 15.06 32.13 18.06
N VAL B 151 14.46 32.61 19.16
CA VAL B 151 14.22 34.05 19.29
C VAL B 151 15.55 34.78 19.43
N GLY B 152 16.53 34.17 20.08
CA GLY B 152 17.83 34.81 20.20
C GLY B 152 18.53 34.95 18.86
N THR B 153 18.52 33.88 18.05
CA THR B 153 19.16 33.96 16.75
C THR B 153 18.40 34.90 15.81
N TRP B 154 17.07 34.97 15.95
CA TRP B 154 16.30 35.86 15.09
C TRP B 154 16.57 37.31 15.47
N VAL B 155 16.60 37.62 16.77
CA VAL B 155 16.91 38.99 17.19
C VAL B 155 18.36 39.33 16.86
N ARG B 156 19.26 38.36 16.91
CA ARG B 156 20.65 38.64 16.53
C ARG B 156 20.77 38.96 15.05
N MET B 157 20.13 38.16 14.19
CA MET B 157 20.17 38.41 12.76
C MET B 157 19.49 39.73 12.41
N ALA B 158 18.37 40.04 13.07
CA ALA B 158 17.69 41.30 12.79
C ALA B 158 18.47 42.50 13.32
N GLN B 159 19.23 42.31 14.40
CA GLN B 159 20.05 43.39 14.95
C GLN B 159 21.27 43.66 14.08
N GLU B 160 21.94 42.60 13.60
CA GLU B 160 23.08 42.81 12.72
C GLU B 160 22.63 43.29 11.35
N MET B 161 21.42 42.95 10.95
CA MET B 161 20.89 43.36 9.66
C MET B 161 19.70 44.29 9.92
N GLU B 166 17.91 47.34 15.12
CA GLU B 166 17.32 48.28 14.18
C GLU B 166 15.80 48.04 14.07
N ASP B 167 15.07 48.39 15.12
CA ASP B 167 13.61 48.24 15.17
C ASP B 167 13.24 46.77 14.96
N THR B 168 13.63 45.95 15.94
CA THR B 168 13.38 44.51 15.89
C THR B 168 12.49 44.01 17.01
N GLU B 169 12.43 44.70 18.15
CA GLU B 169 11.56 44.27 19.24
C GLU B 169 10.10 44.23 18.82
N LEU B 170 9.70 45.10 17.89
CA LEU B 170 8.33 45.07 17.39
C LEU B 170 8.05 43.76 16.66
N ASN B 171 8.98 43.32 15.80
CA ASN B 171 8.80 42.06 15.10
C ASN B 171 8.83 40.89 16.06
N VAL B 172 9.71 40.93 17.06
CA VAL B 172 9.76 39.86 18.05
C VAL B 172 8.44 39.77 18.81
N GLN B 173 7.88 40.91 19.19
CA GLN B 173 6.58 40.93 19.85
C GLN B 173 5.49 40.39 18.92
N TRP B 174 5.55 40.74 17.64
CA TRP B 174 4.58 40.20 16.69
C TRP B 174 4.69 38.69 16.56
N TYR B 175 5.88 38.13 16.77
CA TYR B 175 6.08 36.70 16.54
C TYR B 175 6.02 35.85 17.79
N ILE B 176 5.95 36.45 18.99
CA ILE B 176 5.80 35.70 20.24
C ILE B 176 4.59 34.75 20.23
N PRO B 177 3.41 35.16 19.74
CA PRO B 177 2.26 34.24 19.76
C PRO B 177 2.52 32.93 19.03
N PHE B 178 3.33 32.95 17.97
CA PHE B 178 3.73 31.70 17.32
C PHE B 178 4.44 30.77 18.30
N TYR B 179 5.31 31.33 19.13
CA TYR B 179 6.05 30.52 20.10
C TYR B 179 5.12 29.97 21.18
N SER B 180 4.14 30.78 21.62
CA SER B 180 3.18 30.25 22.59
C SER B 180 2.34 29.13 21.98
N LEU B 181 2.00 29.25 20.70
CA LEU B 181 1.30 28.16 20.02
C LEU B 181 2.17 26.91 19.97
N TYR B 182 3.47 27.08 19.77
CA TYR B 182 4.38 25.94 19.84
C TYR B 182 4.35 25.29 21.22
N PHE B 183 4.27 26.10 22.27
CA PHE B 183 4.14 25.56 23.62
C PHE B 183 2.88 24.72 23.76
N ILE B 184 1.76 25.23 23.23
CA ILE B 184 0.50 24.48 23.30
C ILE B 184 0.62 23.17 22.52
N LEU B 185 1.29 23.20 21.37
CA LEU B 185 1.49 21.99 20.59
C LEU B 185 2.31 20.95 21.35
N THR B 186 3.35 21.42 22.04
CA THR B 186 4.14 20.51 22.86
C THR B 186 3.27 19.89 23.96
N GLY B 187 2.42 20.69 24.59
CA GLY B 187 1.51 20.14 25.59
C GLY B 187 0.58 19.08 25.01
N LEU B 188 0.06 19.33 23.81
CA LEU B 188 -0.80 18.36 23.14
C LEU B 188 -0.05 17.05 22.88
N HIS B 189 1.19 17.15 22.41
CA HIS B 189 2.01 15.97 22.20
C HIS B 189 2.20 15.20 23.50
N ILE B 190 2.47 15.92 24.59
CA ILE B 190 2.68 15.27 25.88
C ILE B 190 1.43 14.51 26.30
N ASN B 191 0.27 15.13 26.15
CA ASN B 191 -0.98 14.49 26.55
C ASN B 191 -1.22 13.21 25.75
N PHE B 192 -1.13 13.31 24.42
CA PHE B 192 -1.40 12.13 23.60
C PHE B 192 -0.39 11.02 23.87
N ALA B 193 0.88 11.37 24.01
CA ALA B 193 1.90 10.36 24.29
C ALA B 193 1.65 9.70 25.62
N ASN B 194 1.25 10.47 26.63
CA ASN B 194 0.94 9.87 27.93
C ASN B 194 -0.18 8.86 27.82
N THR B 195 -1.27 9.23 27.15
CA THR B 195 -2.40 8.31 27.04
C THR B 195 -2.01 7.04 26.30
N ALA B 196 -1.34 7.19 25.15
CA ALA B 196 -1.00 6.02 24.35
C ALA B 196 0.00 5.13 25.07
N TYR B 197 0.97 5.72 25.76
CA TYR B 197 1.94 4.92 26.50
C TYR B 197 1.27 4.19 27.66
N GLY B 198 0.28 4.82 28.30
CA GLY B 198 -0.46 4.12 29.32
C GLY B 198 -1.19 2.91 28.78
N LEU B 199 -1.83 3.06 27.61
CA LEU B 199 -2.48 1.92 26.98
C LEU B 199 -1.50 0.81 26.66
N GLY B 200 -0.34 1.18 26.11
CA GLY B 200 0.68 0.18 25.80
C GLY B 200 1.20 -0.53 27.05
N ARG B 201 1.41 0.22 28.13
CA ARG B 201 1.87 -0.39 29.37
C ARG B 201 0.84 -1.36 29.91
N ARG B 202 -0.45 -1.01 29.84
CA ARG B 202 -1.48 -1.93 30.31
C ARG B 202 -1.54 -3.19 29.45
N TYR B 203 -1.36 -3.05 28.14
CA TYR B 203 -1.30 -4.24 27.28
C TYR B 203 -0.13 -5.13 27.65
N LYS B 204 1.05 -4.52 27.89
CA LYS B 204 2.22 -5.30 28.28
C LYS B 204 2.00 -6.00 29.61
N ARG B 205 1.37 -5.33 30.57
CA ARG B 205 1.10 -5.95 31.86
C ARG B 205 0.13 -7.12 31.71
N LEU B 206 -0.88 -6.98 30.84
CA LEU B 206 -1.79 -8.09 30.58
C LEU B 206 -1.04 -9.28 29.99
N ASN B 207 -0.16 -9.02 29.02
CA ASN B 207 0.61 -10.11 28.44
C ASN B 207 1.50 -10.78 29.46
N GLN B 208 2.12 -9.99 30.35
CA GLN B 208 2.97 -10.56 31.39
C GLN B 208 2.16 -11.40 32.37
N MET B 209 0.96 -10.95 32.72
CA MET B 209 0.10 -11.76 33.57
C MET B 209 -0.24 -13.09 32.90
N LEU B 210 -0.59 -13.05 31.62
CA LEU B 210 -0.93 -14.28 30.91
C LEU B 210 0.27 -15.22 30.85
N ARG B 211 1.45 -14.68 30.60
CA ARG B 211 2.65 -15.53 30.55
C ARG B 211 2.95 -16.15 31.90
N THR B 212 2.89 -15.35 32.96
CA THR B 212 3.28 -15.84 34.28
C THR B 212 2.29 -16.84 34.84
N SER B 213 0.99 -16.62 34.59
CA SER B 213 -0.02 -17.44 35.24
C SER B 213 0.01 -18.89 34.79
N TYR B 214 0.57 -19.18 33.62
CA TYR B 214 0.47 -20.51 33.04
C TYR B 214 1.82 -21.11 32.66
N LEU B 215 2.76 -20.32 32.17
CA LEU B 215 4.10 -20.85 31.92
C LEU B 215 4.82 -21.14 33.22
N SER B 216 4.56 -20.36 34.26
CA SER B 216 5.15 -20.58 35.57
C SER B 216 4.08 -20.90 36.62
N ALA B 263 -8.99 -25.35 42.65
CA ALA B 263 -7.86 -24.50 42.27
C ALA B 263 -7.96 -24.10 40.80
N THR B 264 -8.70 -24.90 40.03
CA THR B 264 -8.85 -24.61 38.61
C THR B 264 -9.79 -23.44 38.34
N LYS B 265 -10.76 -23.22 39.23
CA LYS B 265 -11.71 -22.13 39.03
C LYS B 265 -11.02 -20.76 39.13
N ASN B 266 -10.01 -20.64 39.98
CA ASN B 266 -9.25 -19.39 40.04
C ASN B 266 -8.65 -19.08 38.68
N LYS B 267 -8.05 -20.09 38.04
CA LYS B 267 -7.48 -19.89 36.71
C LYS B 267 -8.56 -19.64 35.66
N SER B 268 -9.74 -20.26 35.82
CA SER B 268 -10.82 -20.05 34.86
C SER B 268 -11.30 -18.61 34.87
N LEU B 269 -11.65 -18.08 36.05
CA LEU B 269 -12.01 -16.66 36.10
C LEU B 269 -10.82 -15.75 35.87
N LEU B 270 -9.59 -16.20 36.07
CA LEU B 270 -8.43 -15.41 35.67
C LEU B 270 -8.40 -15.22 34.15
N ILE B 271 -8.63 -16.30 33.40
CA ILE B 271 -8.66 -16.20 31.95
C ILE B 271 -9.85 -15.36 31.51
N ARG B 272 -11.00 -15.51 32.17
CA ARG B 272 -12.16 -14.69 31.85
C ARG B 272 -11.86 -13.21 32.05
N ALA B 273 -11.25 -12.86 33.19
CA ALA B 273 -10.90 -11.47 33.46
C ALA B 273 -9.85 -10.95 32.48
N MET B 274 -8.92 -11.81 32.07
CA MET B 274 -7.93 -11.40 31.08
C MET B 274 -8.58 -11.08 29.75
N ALA B 275 -9.53 -11.92 29.32
CA ALA B 275 -10.26 -11.63 28.09
C ALA B 275 -11.06 -10.35 28.19
N ASP B 276 -11.73 -10.15 29.33
CA ASP B 276 -12.49 -8.92 29.54
C ASP B 276 -11.58 -7.69 29.49
N ASN B 277 -10.40 -7.80 30.12
CA ASN B 277 -9.46 -6.68 30.12
C ASN B 277 -8.92 -6.40 28.73
N HIS B 278 -8.67 -7.45 27.94
CA HIS B 278 -8.19 -7.23 26.58
C HIS B 278 -9.26 -6.54 25.74
N GLU B 279 -10.51 -6.97 25.87
CA GLU B 279 -11.58 -6.29 25.13
C GLU B 279 -11.72 -4.84 25.58
N SER B 280 -11.63 -4.60 26.89
CA SER B 280 -11.74 -3.23 27.39
C SER B 280 -10.57 -2.37 26.92
N LEU B 281 -9.38 -2.95 26.81
CA LEU B 281 -8.24 -2.20 26.28
C LEU B 281 -8.42 -1.87 24.81
N GLY B 282 -8.97 -2.80 24.04
CA GLY B 282 -9.32 -2.49 22.66
C GLY B 282 -10.34 -1.36 22.57
N LYS B 283 -11.35 -1.41 23.44
CA LYS B 283 -12.34 -0.33 23.48
C LYS B 283 -11.69 1.00 23.86
N CYS B 284 -10.71 0.96 24.78
CA CYS B 284 -10.01 2.18 25.16
C CYS B 284 -9.18 2.73 24.01
N VAL B 285 -8.55 1.85 23.23
CA VAL B 285 -7.81 2.30 22.06
C VAL B 285 -8.76 2.96 21.07
N ARG B 286 -9.93 2.36 20.85
CA ARG B 286 -10.91 2.97 19.95
C ARG B 286 -11.41 4.30 20.50
N LEU B 287 -11.57 4.40 21.82
CA LEU B 287 -11.99 5.66 22.43
C LEU B 287 -10.94 6.73 22.25
N LEU B 288 -9.66 6.39 22.44
CA LEU B 288 -8.59 7.34 22.19
C LEU B 288 -8.55 7.76 20.74
N SER B 289 -8.80 6.82 19.83
CA SER B 289 -8.88 7.17 18.41
C SER B 289 -10.00 8.17 18.16
N ARG B 290 -11.19 7.91 18.69
CA ARG B 290 -12.30 8.84 18.53
C ARG B 290 -11.98 10.20 19.14
N PHE B 291 -11.24 10.20 20.25
CA PHE B 291 -10.93 11.45 20.93
C PHE B 291 -9.91 12.29 20.17
N TYR B 292 -8.88 11.65 19.61
CA TYR B 292 -7.73 12.39 19.11
C TYR B 292 -7.40 12.11 17.64
N GLY B 293 -8.33 11.56 16.87
CA GLY B 293 -8.02 11.19 15.50
C GLY B 293 -7.64 12.35 14.60
N ILE B 294 -8.53 13.33 14.50
CA ILE B 294 -8.26 14.46 13.62
C ILE B 294 -7.09 15.30 14.15
N ALA B 295 -6.96 15.40 15.47
CA ALA B 295 -5.82 16.11 16.05
C ALA B 295 -4.51 15.44 15.70
N VAL B 296 -4.46 14.11 15.79
CA VAL B 296 -3.23 13.38 15.45
C VAL B 296 -2.96 13.47 13.95
N LEU B 297 -4.01 13.44 13.13
CA LEU B 297 -3.82 13.59 11.69
C LEU B 297 -3.19 14.94 11.36
N PHE B 298 -3.70 16.01 11.96
CA PHE B 298 -3.14 17.32 11.69
C PHE B 298 -1.76 17.48 12.30
N ILE B 299 -1.50 16.81 13.43
CA ILE B 299 -0.16 16.81 14.00
C ILE B 299 0.83 16.14 13.05
N LEU B 300 0.43 15.02 12.44
CA LEU B 300 1.30 14.35 11.48
C LEU B 300 1.53 15.22 10.26
N VAL B 301 0.49 15.90 9.78
CA VAL B 301 0.66 16.83 8.67
C VAL B 301 1.64 17.93 9.05
N SER B 302 1.52 18.44 10.27
CA SER B 302 2.45 19.46 10.75
C SER B 302 3.88 18.95 10.78
N CYS B 303 4.07 17.73 11.27
CA CYS B 303 5.41 17.15 11.34
C CYS B 303 6.01 17.02 9.95
N LEU B 304 5.22 16.52 8.98
CA LEU B 304 5.73 16.36 7.63
C LEU B 304 6.09 17.71 7.01
N LEU B 305 5.18 18.69 7.12
CA LEU B 305 5.43 19.99 6.52
C LEU B 305 6.66 20.65 7.14
N HIS B 306 6.76 20.61 8.47
CA HIS B 306 7.90 21.25 9.12
C HIS B 306 9.20 20.55 8.80
N LEU B 307 9.20 19.22 8.76
CA LEU B 307 10.41 18.50 8.40
C LEU B 307 10.87 18.87 7.00
N VAL B 308 9.94 18.87 6.03
CA VAL B 308 10.32 19.18 4.65
C VAL B 308 10.83 20.61 4.56
N ALA B 309 10.11 21.56 5.16
CA ALA B 309 10.50 22.97 5.05
C ALA B 309 11.84 23.21 5.73
N THR B 310 12.05 22.64 6.92
CA THR B 310 13.30 22.86 7.63
C THR B 310 14.47 22.21 6.89
N ALA B 311 14.28 21.01 6.35
CA ALA B 311 15.36 20.39 5.58
C ALA B 311 15.70 21.21 4.35
N TYR B 312 14.68 21.70 3.64
CA TYR B 312 14.94 22.52 2.46
C TYR B 312 15.67 23.80 2.82
N PHE B 313 15.23 24.46 3.88
CA PHE B 313 15.89 25.71 4.30
C PHE B 313 17.32 25.45 4.76
N LEU B 314 17.54 24.34 5.47
CA LEU B 314 18.89 24.02 5.92
C LEU B 314 19.81 23.75 4.74
N PHE B 315 19.34 22.99 3.76
CA PHE B 315 20.17 22.73 2.58
C PHE B 315 20.45 24.01 1.80
N LEU B 316 19.44 24.87 1.66
CA LEU B 316 19.65 26.14 0.96
C LEU B 316 20.66 27.01 1.70
N GLU B 317 20.56 27.08 3.02
CA GLU B 317 21.49 27.88 3.80
C GLU B 317 22.90 27.32 3.72
N MET B 318 23.05 26.00 3.78
CA MET B 318 24.37 25.40 3.65
C MET B 318 24.96 25.67 2.27
N LEU B 319 24.12 25.65 1.23
CA LEU B 319 24.60 26.00 -0.10
C LEU B 319 25.04 27.46 -0.15
N ASN B 320 24.27 28.36 0.47
CA ASN B 320 24.63 29.77 0.49
C ASN B 320 25.82 30.06 1.41
N LYS B 321 26.12 29.17 2.34
CA LYS B 321 27.27 29.28 3.24
C LYS B 321 27.20 30.58 4.05
N ARG B 322 26.07 30.76 4.72
CA ARG B 322 25.83 31.91 5.58
C ARG B 322 26.24 31.58 7.01
N ASP B 323 25.78 32.40 7.96
CA ASP B 323 26.16 32.25 9.35
C ASP B 323 25.79 30.87 9.87
N ASN B 324 26.71 30.26 10.63
CA ASN B 324 26.53 28.88 11.08
C ASN B 324 25.54 28.78 12.24
N GLY B 325 25.30 29.87 12.97
CA GLY B 325 24.37 29.81 14.08
C GLY B 325 22.97 29.45 13.64
N TYR B 326 22.51 30.05 12.54
CA TYR B 326 21.22 29.65 11.99
C TYR B 326 21.23 28.20 11.55
N VAL B 327 22.38 27.69 11.10
CA VAL B 327 22.47 26.28 10.72
C VAL B 327 22.27 25.39 11.94
N TRP B 328 22.91 25.73 13.07
CA TRP B 328 22.71 24.95 14.29
C TRP B 328 21.26 25.03 14.76
N VAL B 329 20.66 26.22 14.66
CA VAL B 329 19.26 26.36 15.07
C VAL B 329 18.36 25.49 14.20
N GLN B 330 18.60 25.48 12.89
CA GLN B 330 17.80 24.65 12.00
C GLN B 330 18.00 23.16 12.28
N MET B 331 19.23 22.75 12.59
CA MET B 331 19.47 21.36 12.94
C MET B 331 18.71 20.98 14.21
N LEU B 332 18.72 21.87 15.21
CA LEU B 332 17.96 21.62 16.43
C LEU B 332 16.47 21.52 16.14
N TRP B 333 15.95 22.37 15.25
CA TRP B 333 14.54 22.30 14.90
C TRP B 333 14.21 21.00 14.20
N ILE B 334 15.10 20.54 13.31
CA ILE B 334 14.89 19.25 12.65
C ILE B 334 14.84 18.13 13.66
N ILE B 335 15.78 18.14 14.62
CA ILE B 335 15.78 17.10 15.65
C ILE B 335 14.49 17.15 16.45
N PHE B 336 14.02 18.36 16.79
CA PHE B 336 12.79 18.48 17.56
C PHE B 336 11.60 17.96 16.79
N HIS B 337 11.50 18.26 15.50
CA HIS B 337 10.39 17.79 14.70
C HIS B 337 10.41 16.26 14.58
N PHE B 338 11.59 15.69 14.38
CA PHE B 338 11.69 14.23 14.34
C PHE B 338 11.29 13.62 15.67
N LEU B 339 11.69 14.24 16.78
CA LEU B 339 11.32 13.72 18.09
C LEU B 339 9.82 13.82 18.33
N ARG B 340 9.20 14.89 17.84
CA ARG B 340 7.74 15.01 17.92
C ARG B 340 7.07 13.88 17.13
N LEU B 341 7.54 13.65 15.91
CA LEU B 341 6.98 12.58 15.08
C LEU B 341 7.13 11.23 15.78
N LEU B 342 8.30 10.99 16.38
CA LEU B 342 8.50 9.75 17.12
C LEU B 342 7.58 9.66 18.33
N MET B 343 7.42 10.77 19.06
CA MET B 343 6.55 10.78 20.23
C MET B 343 5.10 10.49 19.86
N VAL B 344 4.72 10.81 18.62
CA VAL B 344 3.36 10.46 18.18
C VAL B 344 3.30 9.01 17.69
N VAL B 345 4.30 8.57 16.93
CA VAL B 345 4.19 7.29 16.23
C VAL B 345 4.52 6.13 17.16
N GLU B 346 5.62 6.23 17.90
CA GLU B 346 6.12 5.10 18.69
C GLU B 346 5.10 4.55 19.68
N PRO B 347 4.39 5.34 20.47
CA PRO B 347 3.43 4.73 21.42
C PRO B 347 2.33 3.94 20.74
N CYS B 348 1.81 4.43 19.61
CA CYS B 348 0.76 3.70 18.92
C CYS B 348 1.28 2.38 18.37
N HIS B 349 2.47 2.40 17.76
CA HIS B 349 3.05 1.16 17.25
C HIS B 349 3.34 0.18 18.37
N LEU B 350 3.85 0.67 19.50
CA LEU B 350 4.13 -0.21 20.62
C LEU B 350 2.86 -0.84 21.16
N ALA B 351 1.79 -0.05 21.29
CA ALA B 351 0.52 -0.59 21.76
C ALA B 351 -0.04 -1.62 20.78
N ALA B 352 0.02 -1.32 19.48
CA ALA B 352 -0.48 -2.27 18.49
C ALA B 352 0.31 -3.57 18.50
N ARG B 353 1.64 -3.47 18.63
CA ARG B 353 2.47 -4.67 18.67
C ARG B 353 2.21 -5.48 19.93
N GLU B 354 2.06 -4.82 21.07
CA GLU B 354 1.81 -5.53 22.32
C GLU B 354 0.44 -6.17 22.34
N ALA B 355 -0.55 -5.56 21.68
CA ALA B 355 -1.88 -6.15 21.63
C ALA B 355 -1.92 -7.39 20.74
N ARG B 356 -1.17 -7.39 19.64
CA ARG B 356 -1.20 -8.51 18.72
C ARG B 356 -0.46 -9.73 19.24
N LYS B 357 0.44 -9.56 20.22
CA LYS B 357 1.19 -10.68 20.74
C LYS B 357 0.36 -11.60 21.63
N THR B 358 -0.76 -11.12 22.15
CA THR B 358 -1.54 -11.90 23.11
C THR B 358 -2.04 -13.20 22.50
N ILE B 359 -2.29 -13.22 21.19
CA ILE B 359 -2.85 -14.42 20.57
C ILE B 359 -1.83 -15.55 20.59
N GLN B 360 -0.54 -15.25 20.45
CA GLN B 360 0.47 -16.29 20.52
C GLN B 360 0.54 -16.91 21.92
N ILE B 361 0.51 -16.06 22.96
CA ILE B 361 0.49 -16.57 24.32
C ILE B 361 -0.76 -17.41 24.56
N VAL B 362 -1.90 -16.99 24.00
CA VAL B 362 -3.13 -17.75 24.17
C VAL B 362 -3.03 -19.11 23.50
N CYS B 363 -2.42 -19.16 22.31
CA CYS B 363 -2.22 -20.44 21.64
C CYS B 363 -1.31 -21.34 22.45
N GLU B 364 -0.22 -20.78 22.99
CA GLU B 364 0.69 -21.58 23.81
C GLU B 364 -0.01 -22.12 25.05
N ILE B 365 -0.87 -21.31 25.66
CA ILE B 365 -1.67 -21.77 26.80
C ILE B 365 -2.60 -22.90 26.37
N GLU B 366 -3.23 -22.75 25.20
CA GLU B 366 -4.14 -23.78 24.70
C GLU B 366 -3.43 -25.10 24.49
N ARG B 367 -2.20 -25.07 24.01
CA ARG B 367 -1.44 -26.30 23.80
C ARG B 367 -0.94 -26.91 25.09
N LYS B 368 -1.21 -26.32 26.25
CA LYS B 368 -0.71 -26.80 27.53
C LYS B 368 -1.82 -26.79 28.58
N VAL B 369 -3.00 -27.29 28.21
CA VAL B 369 -4.14 -27.35 29.12
C VAL B 369 -4.83 -28.70 28.96
N PHE B 370 -5.05 -29.38 30.09
CA PHE B 370 -5.78 -30.64 30.13
C PHE B 370 -7.07 -30.51 30.93
N GLU B 371 -7.64 -29.30 30.98
CA GLU B 371 -8.84 -29.02 31.77
C GLU B 371 -9.92 -28.53 30.81
N PRO B 372 -11.10 -29.17 30.77
CA PRO B 372 -12.03 -28.91 29.68
C PRO B 372 -12.81 -27.59 29.72
N ILE B 373 -13.33 -27.19 30.88
CA ILE B 373 -14.05 -25.91 30.92
C ILE B 373 -13.08 -24.75 30.71
N LEU B 374 -11.86 -24.87 31.24
CA LEU B 374 -10.91 -23.78 31.08
C LEU B 374 -10.32 -23.76 29.68
N VAL B 375 -10.16 -24.92 29.04
CA VAL B 375 -9.74 -24.88 27.65
C VAL B 375 -10.86 -24.36 26.76
N GLU B 376 -12.12 -24.58 27.15
CA GLU B 376 -13.24 -23.97 26.44
C GLU B 376 -13.16 -22.45 26.56
N GLU B 377 -12.88 -21.95 27.77
CA GLU B 377 -12.69 -20.52 27.95
C GLU B 377 -11.51 -20.00 27.12
N THR B 378 -10.43 -20.77 27.06
CA THR B 378 -9.28 -20.38 26.25
C THR B 378 -9.62 -20.33 24.77
N LYS B 379 -10.43 -21.28 24.30
CA LYS B 379 -10.90 -21.24 22.91
C LYS B 379 -11.74 -20.00 22.64
N LYS B 380 -12.60 -19.63 23.60
CA LYS B 380 -13.37 -18.41 23.46
C LYS B 380 -12.45 -17.19 23.39
N PHE B 381 -11.41 -17.16 24.24
CA PHE B 381 -10.45 -16.07 24.20
C PHE B 381 -9.74 -16.00 22.86
N TRP B 382 -9.34 -17.16 22.32
CA TRP B 382 -8.67 -17.18 21.02
C TRP B 382 -9.61 -16.69 19.92
N GLN B 383 -10.87 -17.10 19.97
CA GLN B 383 -11.84 -16.65 18.98
C GLN B 383 -12.02 -15.13 19.06
N GLN B 384 -12.09 -14.59 20.28
CA GLN B 384 -12.23 -13.14 20.43
C GLN B 384 -10.99 -12.42 19.90
N LEU B 385 -9.80 -12.96 20.18
CA LEU B 385 -8.58 -12.28 19.74
C LEU B 385 -8.38 -12.37 18.23
N LEU B 386 -8.86 -13.44 17.60
CA LEU B 386 -8.67 -13.58 16.16
C LEU B 386 -9.32 -12.45 15.39
N VAL B 387 -10.54 -12.09 15.76
CA VAL B 387 -11.24 -10.94 15.18
C VAL B 387 -11.11 -9.79 16.17
N ASP B 388 -10.09 -8.98 15.96
CA ASP B 388 -9.78 -7.89 16.88
C ASP B 388 -8.73 -7.01 16.24
N ASP B 389 -8.85 -5.70 16.44
CA ASP B 389 -7.82 -4.76 16.02
C ASP B 389 -7.55 -3.79 17.14
N ALA B 390 -6.32 -3.28 17.18
CA ALA B 390 -5.93 -2.29 18.18
C ALA B 390 -5.07 -1.19 17.60
N GLU B 391 -4.97 -1.08 16.28
CA GLU B 391 -4.18 -0.03 15.66
C GLU B 391 -4.88 1.31 15.83
N PHE B 392 -4.13 2.31 16.28
CA PHE B 392 -4.67 3.66 16.36
C PHE B 392 -4.87 4.20 14.95
N SER B 393 -6.05 4.74 14.68
CA SER B 393 -6.40 5.27 13.37
C SER B 393 -6.61 6.76 13.49
N ALA B 394 -5.95 7.53 12.61
CA ALA B 394 -6.08 8.98 12.58
C ALA B 394 -7.40 9.35 11.92
N SER B 395 -8.48 9.09 12.65
CA SER B 395 -9.85 9.33 12.17
C SER B 395 -10.13 8.59 10.87
N GLY B 396 -9.51 7.43 10.69
CA GLY B 396 -9.76 6.58 9.54
C GLY B 396 -8.91 6.86 8.33
N LEU B 397 -8.22 7.99 8.27
CA LEU B 397 -7.43 8.31 7.09
C LEU B 397 -6.19 7.43 7.00
N CYS B 398 -5.56 7.12 8.12
CA CYS B 398 -4.35 6.31 8.10
C CYS B 398 -4.21 5.60 9.44
N ARG B 399 -3.41 4.53 9.43
CA ARG B 399 -3.06 3.80 10.63
C ARG B 399 -1.72 4.32 11.15
N VAL B 400 -1.68 4.67 12.44
CA VAL B 400 -0.51 5.27 13.03
C VAL B 400 0.37 4.17 13.60
N ASN B 401 1.48 3.88 12.91
CA ASN B 401 2.50 2.97 13.40
C ASN B 401 3.83 3.40 12.81
N ARG B 402 4.87 2.59 13.01
CA ARG B 402 6.19 2.95 12.51
C ARG B 402 6.23 3.01 11.00
N THR B 403 5.35 2.29 10.32
CA THR B 403 5.30 2.34 8.86
C THR B 403 5.13 3.77 8.35
N ILE B 404 4.41 4.60 9.12
CA ILE B 404 4.23 6.00 8.74
C ILE B 404 5.57 6.66 8.47
N LEU B 405 6.56 6.38 9.34
CA LEU B 405 7.90 6.94 9.14
C LEU B 405 8.39 6.67 7.72
N THR B 406 8.32 5.41 7.29
CA THR B 406 8.74 5.07 5.94
C THR B 406 8.04 5.95 4.92
N SER B 407 6.71 6.06 5.01
CA SER B 407 5.96 6.88 4.09
C SER B 407 6.50 8.31 4.10
N PHE B 408 6.73 8.85 5.30
CA PHE B 408 7.25 10.21 5.39
C PHE B 408 8.57 10.33 4.63
N ALA B 409 9.47 9.36 4.80
CA ALA B 409 10.71 9.38 4.06
C ALA B 409 10.43 9.40 2.56
N SER B 410 9.53 8.52 2.11
CA SER B 410 9.21 8.45 0.69
C SER B 410 8.67 9.76 0.17
N ALA B 411 8.14 10.61 1.05
CA ALA B 411 7.77 11.96 0.65
C ALA B 411 8.92 12.93 0.82
N ILE B 412 9.58 12.88 1.98
CA ILE B 412 10.60 13.87 2.31
C ILE B 412 11.72 13.84 1.29
N ALA B 413 12.12 12.64 0.86
CA ALA B 413 13.09 12.54 -0.22
C ALA B 413 12.56 13.16 -1.50
N THR B 414 11.36 12.74 -1.92
CA THR B 414 10.83 13.19 -3.20
C THR B 414 10.69 14.70 -3.25
N TYR B 415 10.00 15.27 -2.26
CA TYR B 415 9.86 16.72 -2.20
C TYR B 415 11.20 17.43 -2.17
N LEU B 416 12.22 16.78 -1.60
CA LEU B 416 13.54 17.39 -1.60
C LEU B 416 14.19 17.29 -2.98
N VAL B 417 14.04 16.14 -3.64
CA VAL B 417 14.69 15.94 -4.93
C VAL B 417 14.17 16.95 -5.94
N ILE B 418 12.86 17.22 -5.90
CA ILE B 418 12.29 18.23 -6.79
C ILE B 418 12.77 19.62 -6.41
N LEU B 419 13.02 19.86 -5.13
CA LEU B 419 13.30 21.21 -4.63
C LEU B 419 14.79 21.51 -4.51
N ILE B 420 15.57 20.59 -3.96
CA ILE B 420 16.96 20.88 -3.61
C ILE B 420 17.77 21.16 -4.87
N GLN B 421 17.61 20.32 -5.90
CA GLN B 421 18.38 20.50 -7.12
C GLN B 421 17.75 21.50 -8.08
N PHE B 422 16.55 21.98 -7.79
CA PHE B 422 15.95 23.03 -8.62
C PHE B 422 16.62 24.37 -8.38
N GLN B 423 17.24 24.55 -7.22
CA GLN B 423 18.01 25.77 -6.99
C GLN B 423 19.22 25.85 -7.92
N LYS B 424 19.78 24.70 -8.30
CA LYS B 424 20.92 24.67 -9.22
C LYS B 424 20.58 23.90 -10.49
N MET C 1 -29.59 0.86 -7.33
CA MET C 1 -29.77 1.96 -6.38
C MET C 1 -31.11 1.84 -5.66
N GLU C 2 -31.29 2.63 -4.61
CA GLU C 2 -32.46 2.52 -3.77
C GLU C 2 -33.63 3.31 -4.33
N ILE C 3 -34.80 2.67 -4.41
CA ILE C 3 -36.04 3.31 -4.84
C ILE C 3 -37.06 3.03 -3.75
N SER C 4 -37.21 3.94 -2.81
CA SER C 4 -38.15 3.80 -1.71
C SER C 4 -39.03 5.03 -1.64
N GLU C 5 -40.20 4.86 -1.03
CA GLU C 5 -41.14 5.97 -0.91
C GLU C 5 -40.56 7.11 -0.10
N THR C 6 -39.85 6.79 0.98
CA THR C 6 -39.33 7.82 1.88
C THR C 6 -38.49 8.85 1.13
N ASN C 7 -37.78 8.42 0.08
CA ASN C 7 -37.02 9.32 -0.76
C ASN C 7 -37.44 9.21 -2.22
N ILE C 8 -38.73 8.98 -2.47
CA ILE C 8 -39.19 8.79 -3.84
C ILE C 8 -38.86 10.01 -4.69
N GLY C 9 -38.98 11.21 -4.11
CA GLY C 9 -38.65 12.41 -4.85
C GLY C 9 -37.23 12.40 -5.39
N ILE C 10 -36.31 11.84 -4.61
CA ILE C 10 -34.93 11.70 -5.07
C ILE C 10 -34.91 10.97 -6.41
N PHE C 11 -35.62 9.84 -6.50
CA PHE C 11 -35.69 9.09 -7.73
C PHE C 11 -36.17 9.99 -8.88
N TYR C 12 -37.19 10.80 -8.62
CA TYR C 12 -37.69 11.68 -9.66
C TYR C 12 -36.59 12.59 -10.18
N VAL C 13 -35.79 13.15 -9.26
CA VAL C 13 -34.67 13.97 -9.70
C VAL C 13 -33.74 13.16 -10.59
N SER C 14 -33.40 11.94 -10.15
CA SER C 14 -32.55 11.08 -10.96
C SER C 14 -33.20 10.74 -12.29
N LYS C 15 -34.53 10.73 -12.34
CA LYS C 15 -35.20 10.51 -13.63
C LYS C 15 -35.13 11.75 -14.50
N LEU C 16 -35.16 12.94 -13.90
CA LEU C 16 -35.15 14.16 -14.69
C LEU C 16 -33.75 14.52 -15.20
N LEU C 17 -32.71 13.94 -14.62
CA LEU C 17 -31.34 14.26 -14.98
C LEU C 17 -30.69 13.15 -15.82
N ALA C 18 -31.50 12.35 -16.52
CA ALA C 18 -31.00 11.32 -17.42
C ALA C 18 -30.11 10.30 -16.71
N LEU C 19 -30.50 9.95 -15.48
CA LEU C 19 -29.74 8.97 -14.70
C LEU C 19 -30.58 7.80 -14.20
N ALA C 20 -31.90 7.88 -14.26
CA ALA C 20 -32.78 6.81 -13.78
C ALA C 20 -33.86 6.54 -14.80
N PRO C 21 -33.55 5.81 -15.86
CA PRO C 21 -34.55 5.49 -16.88
C PRO C 21 -35.48 4.35 -16.45
N TYR C 22 -36.11 4.52 -15.30
CA TYR C 22 -36.98 3.50 -14.73
C TYR C 22 -38.32 4.12 -14.36
N SER C 23 -39.29 3.24 -14.09
CA SER C 23 -40.60 3.64 -13.61
C SER C 23 -40.96 2.79 -12.40
N ALA C 24 -41.36 3.45 -11.32
CA ALA C 24 -41.69 2.77 -10.07
C ALA C 24 -43.18 2.89 -9.83
N LYS C 25 -43.84 1.76 -9.60
CA LYS C 25 -45.29 1.72 -9.42
C LYS C 25 -45.64 0.71 -8.35
N LYS C 26 -46.46 1.10 -7.38
CA LYS C 26 -47.00 0.14 -6.42
C LYS C 26 -47.85 -0.87 -7.16
N ASN C 27 -47.82 -2.13 -6.72
CA ASN C 27 -48.83 -3.06 -7.19
C ASN C 27 -49.97 -3.09 -6.17
N SER C 28 -50.85 -4.09 -6.28
CA SER C 28 -52.06 -4.11 -5.47
C SER C 28 -51.73 -4.24 -3.98
N LYS C 29 -50.89 -5.20 -3.60
CA LYS C 29 -50.67 -5.48 -2.18
C LYS C 29 -49.36 -4.87 -1.70
N GLY C 30 -49.31 -3.53 -1.67
CA GLY C 30 -48.06 -2.86 -1.38
C GLY C 30 -47.08 -3.12 -2.51
N GLN C 31 -45.81 -3.38 -2.17
CA GLN C 31 -44.82 -3.85 -3.14
C GLN C 31 -44.70 -2.94 -4.36
N LEU C 32 -44.01 -1.83 -4.18
CA LEU C 32 -43.46 -1.07 -5.29
C LEU C 32 -42.67 -2.00 -6.22
N GLU C 33 -42.83 -1.81 -7.53
CA GLU C 33 -42.06 -2.52 -8.53
C GLU C 33 -41.38 -1.51 -9.45
N ILE C 34 -40.15 -1.83 -9.84
CA ILE C 34 -39.35 -1.00 -10.73
C ILE C 34 -39.28 -1.71 -12.08
N THR C 35 -39.70 -1.02 -13.14
CA THR C 35 -39.65 -1.55 -14.49
C THR C 35 -38.93 -0.56 -15.40
N ARG C 36 -38.56 -1.04 -16.59
CA ARG C 36 -37.89 -0.20 -17.56
C ARG C 36 -38.89 0.76 -18.21
N SER C 37 -38.53 2.03 -18.28
CA SER C 37 -39.33 3.04 -18.96
C SER C 37 -38.68 3.36 -20.29
N TRP C 38 -39.26 2.86 -21.38
CA TRP C 38 -38.66 3.05 -22.70
C TRP C 38 -38.64 4.52 -23.09
N LEU C 39 -39.73 5.25 -22.81
CA LEU C 39 -39.77 6.66 -23.13
C LEU C 39 -38.67 7.42 -22.42
N PHE C 40 -38.54 7.21 -21.11
CA PHE C 40 -37.53 7.93 -20.35
C PHE C 40 -36.12 7.44 -20.67
N SER C 41 -35.97 6.16 -21.03
CA SER C 41 -34.67 5.66 -21.46
C SER C 41 -34.22 6.37 -22.74
N ILE C 42 -35.11 6.46 -23.72
CA ILE C 42 -34.79 7.15 -24.96
C ILE C 42 -34.49 8.62 -24.68
N TYR C 43 -35.30 9.24 -23.81
CA TYR C 43 -35.08 10.64 -23.47
C TYR C 43 -33.71 10.84 -22.83
N SER C 44 -33.33 9.95 -21.91
CA SER C 44 -32.04 10.09 -21.22
C SER C 44 -30.88 9.92 -22.20
N VAL C 45 -30.96 8.91 -23.07
CA VAL C 45 -29.88 8.68 -24.02
C VAL C 45 -29.74 9.88 -24.96
N CYS C 46 -30.87 10.35 -25.49
CA CYS C 46 -30.83 11.48 -26.42
C CYS C 46 -30.31 12.74 -25.72
N LEU C 47 -30.74 13.00 -24.49
CA LEU C 47 -30.30 14.19 -23.77
C LEU C 47 -28.81 14.13 -23.50
N CYS C 48 -28.31 12.97 -23.06
CA CYS C 48 -26.88 12.85 -22.78
C CYS C 48 -26.05 13.05 -24.06
N LEU C 49 -26.46 12.40 -25.15
CA LEU C 49 -25.71 12.53 -26.40
C LEU C 49 -25.74 13.98 -26.90
N ILE C 50 -26.91 14.60 -26.87
CA ILE C 50 -27.05 15.97 -27.37
C ILE C 50 -26.23 16.93 -26.52
N MET C 51 -26.21 16.71 -25.21
CA MET C 51 -25.51 17.65 -24.32
C MET C 51 -24.00 17.50 -24.46
N VAL C 52 -23.51 16.27 -24.59
CA VAL C 52 -22.08 16.07 -24.82
C VAL C 52 -21.67 16.69 -26.16
N PHE C 53 -22.47 16.46 -27.20
CA PHE C 53 -22.17 17.07 -28.49
C PHE C 53 -22.18 18.59 -28.40
N LEU C 54 -23.14 19.15 -27.67
CA LEU C 54 -23.24 20.60 -27.56
C LEU C 54 -22.05 21.19 -26.83
N THR C 55 -21.61 20.57 -25.72
CA THR C 55 -20.49 21.14 -24.99
C THR C 55 -19.20 21.01 -25.78
N TYR C 56 -18.99 19.89 -26.48
CA TYR C 56 -17.78 19.78 -27.29
C TYR C 56 -17.83 20.74 -28.48
N ARG C 57 -19.01 20.96 -29.05
CA ARG C 57 -19.16 21.93 -30.13
C ARG C 57 -18.85 23.34 -29.66
N GLY C 58 -19.32 23.70 -28.48
CA GLY C 58 -18.99 25.00 -27.92
C GLY C 58 -17.50 25.15 -27.67
N LEU C 59 -16.88 24.10 -27.15
CA LEU C 59 -15.42 24.13 -26.96
C LEU C 59 -14.70 24.32 -28.28
N LEU C 60 -15.16 23.63 -29.34
CA LEU C 60 -14.46 23.70 -30.61
C LEU C 60 -14.62 25.07 -31.26
N PHE C 61 -15.82 25.66 -31.17
CA PHE C 61 -15.98 27.03 -31.65
C PHE C 61 -15.17 28.02 -30.82
N ASP C 62 -15.07 27.80 -29.52
CA ASP C 62 -14.23 28.69 -28.71
C ASP C 62 -12.77 28.60 -29.15
N ALA C 63 -12.29 27.38 -29.42
CA ALA C 63 -10.91 27.23 -29.90
C ALA C 63 -10.73 27.88 -31.27
N ASN C 64 -11.69 27.68 -32.17
CA ASN C 64 -11.64 28.27 -33.51
C ASN C 64 -12.47 29.55 -33.56
N SER C 65 -12.03 30.52 -32.76
CA SER C 65 -12.64 31.84 -32.73
C SER C 65 -11.55 32.89 -32.78
N ASN C 66 -11.89 34.05 -33.34
CA ASN C 66 -10.91 35.11 -33.51
C ASN C 66 -10.57 35.77 -32.17
N ILE C 67 -11.42 35.60 -31.16
CA ILE C 67 -11.09 36.07 -29.81
C ILE C 67 -11.54 35.02 -28.80
N PRO C 68 -10.63 34.17 -28.31
CA PRO C 68 -10.98 33.25 -27.22
C PRO C 68 -10.65 33.82 -25.86
N VAL C 69 -11.46 33.45 -24.87
CA VAL C 69 -11.25 33.88 -23.49
C VAL C 69 -10.91 32.73 -22.56
N ARG C 70 -11.12 31.49 -22.97
CA ARG C 70 -10.77 30.33 -22.15
C ARG C 70 -9.82 29.37 -22.83
N MET C 71 -9.79 29.33 -24.16
CA MET C 71 -8.84 28.46 -24.85
C MET C 71 -7.46 29.09 -24.91
N LYS C 72 -7.35 30.21 -25.63
CA LYS C 72 -6.14 31.03 -25.68
C LYS C 72 -4.88 30.21 -25.92
N SER C 73 -3.98 30.21 -24.94
CA SER C 73 -2.70 29.54 -25.07
C SER C 73 -2.87 28.02 -25.06
N ALA C 74 -1.81 27.33 -25.48
CA ALA C 74 -1.87 25.88 -25.61
C ALA C 74 -2.10 25.19 -24.27
N THR C 75 -1.40 25.64 -23.23
CA THR C 75 -1.58 25.03 -21.92
C THR C 75 -2.98 25.28 -21.38
N SER C 76 -3.52 26.49 -21.58
CA SER C 76 -4.89 26.76 -21.18
C SER C 76 -5.88 25.91 -21.96
N LYS C 77 -5.63 25.73 -23.26
CA LYS C 77 -6.46 24.85 -24.06
C LYS C 77 -6.44 23.43 -23.51
N VAL C 78 -5.26 22.92 -23.19
CA VAL C 78 -5.14 21.55 -22.68
C VAL C 78 -5.87 21.41 -21.35
N VAL C 79 -5.68 22.37 -20.44
CA VAL C 79 -6.32 22.28 -19.13
C VAL C 79 -7.83 22.31 -19.27
N THR C 80 -8.35 23.27 -20.05
CA THR C 80 -9.80 23.38 -20.20
C THR C 80 -10.38 22.14 -20.88
N ALA C 81 -9.71 21.65 -21.93
CA ALA C 81 -10.20 20.46 -22.61
C ALA C 81 -10.19 19.25 -21.70
N SER C 82 -9.13 19.08 -20.89
CA SER C 82 -9.08 17.96 -19.98
C SER C 82 -10.18 18.03 -18.94
N ASP C 83 -10.42 19.22 -18.38
CA ASP C 83 -11.46 19.38 -17.37
C ASP C 83 -12.83 19.05 -17.96
N VAL C 84 -13.14 19.66 -19.11
CA VAL C 84 -14.44 19.45 -19.74
C VAL C 84 -14.62 17.98 -20.12
N SER C 85 -13.58 17.37 -20.69
CA SER C 85 -13.66 15.98 -21.10
C SER C 85 -13.80 15.05 -19.91
N VAL C 86 -13.17 15.38 -18.78
CA VAL C 86 -13.32 14.56 -17.58
C VAL C 86 -14.75 14.62 -17.07
N VAL C 87 -15.35 15.82 -17.05
CA VAL C 87 -16.74 15.93 -16.63
C VAL C 87 -17.64 15.15 -17.61
N VAL C 88 -17.35 15.26 -18.90
CA VAL C 88 -18.14 14.55 -19.92
C VAL C 88 -18.04 13.04 -19.70
N LEU C 89 -16.83 12.54 -19.41
CA LEU C 89 -16.63 11.13 -19.20
C LEU C 89 -17.39 10.65 -17.97
N ALA C 90 -17.36 11.42 -16.88
CA ALA C 90 -18.12 11.05 -15.69
C ALA C 90 -19.61 11.01 -15.99
N ILE C 91 -20.12 12.00 -16.72
CA ILE C 91 -21.54 12.05 -17.05
C ILE C 91 -21.94 10.86 -17.90
N VAL C 92 -21.14 10.56 -18.92
CA VAL C 92 -21.45 9.45 -19.83
C VAL C 92 -21.43 8.13 -19.08
N THR C 93 -20.44 7.96 -18.19
CA THR C 93 -20.36 6.73 -17.42
C THR C 93 -21.56 6.58 -16.48
N GLY C 94 -21.98 7.68 -15.84
CA GLY C 94 -23.16 7.61 -14.99
C GLY C 94 -24.42 7.27 -15.76
N VAL C 95 -24.60 7.88 -16.93
CA VAL C 95 -25.78 7.59 -17.74
C VAL C 95 -25.75 6.14 -18.22
N TYR C 96 -24.57 5.64 -18.59
CA TYR C 96 -24.45 4.24 -19.01
C TYR C 96 -24.77 3.30 -17.85
N CYS C 97 -24.27 3.60 -16.65
CA CYS C 97 -24.55 2.76 -15.50
C CYS C 97 -26.05 2.73 -15.20
N GLY C 98 -26.70 3.89 -15.24
CA GLY C 98 -28.14 3.91 -15.05
C GLY C 98 -28.91 3.28 -16.21
N MET C 99 -28.30 3.19 -17.38
CA MET C 99 -28.97 2.67 -18.56
C MET C 99 -29.15 1.16 -18.46
N PHE C 100 -28.12 0.45 -18.02
CA PHE C 100 -28.10 -1.00 -17.98
C PHE C 100 -28.00 -1.50 -16.53
N GLY C 101 -28.75 -0.89 -15.63
CA GLY C 101 -28.74 -1.31 -14.24
C GLY C 101 -30.12 -1.63 -13.72
N LEU C 102 -31.00 -2.11 -14.60
CA LEU C 102 -32.36 -2.42 -14.20
C LEU C 102 -32.41 -3.61 -13.24
N ARG C 103 -31.78 -4.71 -13.61
CA ARG C 103 -31.87 -5.93 -12.81
C ARG C 103 -31.23 -5.74 -11.44
N ALA C 104 -30.07 -5.07 -11.40
CA ALA C 104 -29.43 -4.78 -10.12
C ALA C 104 -30.31 -3.91 -9.26
N THR C 105 -30.99 -2.92 -9.86
CA THR C 105 -31.87 -2.05 -9.10
C THR C 105 -33.03 -2.82 -8.49
N GLN C 106 -33.68 -3.68 -9.28
CA GLN C 106 -34.78 -4.48 -8.73
C GLN C 106 -34.31 -5.40 -7.63
N GLU C 107 -33.16 -6.06 -7.83
CA GLU C 107 -32.66 -6.98 -6.80
C GLU C 107 -32.34 -6.22 -5.52
N LEU C 108 -31.67 -5.07 -5.64
CA LEU C 108 -31.33 -4.28 -4.46
C LEU C 108 -32.59 -3.82 -3.73
N ASN C 109 -33.60 -3.38 -4.49
CA ASN C 109 -34.82 -2.88 -3.84
C ASN C 109 -35.59 -4.00 -3.15
N THR C 110 -35.65 -5.18 -3.78
CA THR C 110 -36.30 -6.31 -3.12
C THR C 110 -35.57 -6.71 -1.85
N ARG C 111 -34.23 -6.76 -1.90
CA ARG C 111 -33.47 -7.10 -0.71
C ARG C 111 -33.66 -6.05 0.37
N LEU C 112 -33.69 -4.77 -0.01
CA LEU C 112 -33.88 -3.70 0.97
C LEU C 112 -35.26 -3.78 1.60
N ASP C 113 -36.28 -4.10 0.82
CA ASP C 113 -37.62 -4.27 1.39
C ASP C 113 -37.64 -5.42 2.39
N LYS C 114 -37.01 -6.55 2.02
CA LYS C 114 -36.97 -7.68 2.93
C LYS C 114 -36.24 -7.33 4.21
N ILE C 115 -35.15 -6.57 4.11
CA ILE C 115 -34.39 -6.18 5.31
C ILE C 115 -35.22 -5.24 6.17
N ASP C 116 -35.82 -4.21 5.56
CA ASP C 116 -36.58 -3.22 6.32
C ASP C 116 -37.85 -3.82 6.93
N SER C 117 -38.33 -4.94 6.39
CA SER C 117 -39.48 -5.59 7.02
C SER C 117 -39.15 -6.05 8.43
N THR C 118 -37.93 -6.56 8.64
CA THR C 118 -37.55 -7.04 9.96
C THR C 118 -37.34 -5.89 10.94
N LEU C 119 -36.63 -4.85 10.52
CA LEU C 119 -36.34 -3.71 11.39
C LEU C 119 -37.51 -2.72 11.37
N SER C 120 -38.62 -3.16 11.95
CA SER C 120 -39.81 -2.33 12.04
C SER C 120 -39.71 -1.26 13.13
N PRO C 121 -39.21 -1.55 14.34
CA PRO C 121 -39.13 -0.47 15.35
C PRO C 121 -38.22 0.67 14.93
N TYR C 122 -37.12 0.39 14.23
CA TYR C 122 -36.20 1.42 13.79
C TYR C 122 -36.47 1.72 12.32
N ASN C 123 -37.45 2.59 12.07
CA ASN C 123 -37.76 3.00 10.70
C ASN C 123 -37.47 4.47 10.46
N ASN C 124 -37.98 5.36 11.30
CA ASN C 124 -37.69 6.80 11.24
C ASN C 124 -37.92 7.34 9.82
N VAL C 125 -39.09 7.03 9.27
CA VAL C 125 -39.38 7.38 7.88
C VAL C 125 -39.36 8.89 7.70
N LYS C 126 -39.98 9.61 8.64
CA LYS C 126 -40.00 11.07 8.55
C LYS C 126 -38.59 11.64 8.61
N LYS C 127 -37.77 11.16 9.54
CA LYS C 127 -36.41 11.69 9.67
C LYS C 127 -35.58 11.40 8.44
N ASP C 128 -35.65 10.18 7.92
CA ASP C 128 -34.88 9.82 6.74
C ASP C 128 -35.33 10.62 5.52
N ARG C 129 -36.64 10.78 5.35
CA ARG C 129 -37.14 11.58 4.24
C ARG C 129 -36.66 13.02 4.35
N TRP C 130 -36.75 13.60 5.55
CA TRP C 130 -36.32 14.98 5.75
C TRP C 130 -34.83 15.12 5.45
N ARG C 131 -34.01 14.19 5.94
CA ARG C 131 -32.58 14.29 5.72
C ARG C 131 -32.23 14.14 4.25
N ALA C 132 -32.84 13.18 3.56
CA ALA C 132 -32.52 12.96 2.15
C ALA C 132 -32.94 14.15 1.30
N TYR C 133 -34.17 14.66 1.52
CA TYR C 133 -34.63 15.80 0.76
C TYR C 133 -33.79 17.03 1.05
N ALA C 134 -33.39 17.22 2.32
CA ALA C 134 -32.53 18.34 2.66
C ALA C 134 -31.17 18.24 1.96
N MET C 135 -30.60 17.04 1.92
CA MET C 135 -29.32 16.87 1.25
C MET C 135 -29.44 17.18 -0.24
N ALA C 136 -30.48 16.65 -0.88
CA ALA C 136 -30.67 16.91 -2.31
C ALA C 136 -30.87 18.39 -2.59
N THR C 137 -31.73 19.04 -1.80
CA THR C 137 -32.00 20.46 -2.01
C THR C 137 -30.76 21.30 -1.77
N VAL C 138 -29.99 20.98 -0.73
CA VAL C 138 -28.79 21.74 -0.42
C VAL C 138 -27.78 21.60 -1.55
N SER C 139 -27.57 20.37 -2.03
CA SER C 139 -26.61 20.17 -3.11
C SER C 139 -27.04 20.91 -4.38
N LEU C 140 -28.32 20.81 -4.74
CA LEU C 140 -28.79 21.51 -5.94
C LEU C 140 -28.68 23.02 -5.79
N ILE C 141 -29.02 23.55 -4.62
CA ILE C 141 -28.94 24.98 -4.40
C ILE C 141 -27.49 25.45 -4.46
N VAL C 142 -26.57 24.70 -3.84
CA VAL C 142 -25.17 25.08 -3.85
C VAL C 142 -24.62 25.08 -5.27
N ILE C 143 -24.93 24.03 -6.04
CA ILE C 143 -24.41 23.99 -7.41
C ILE C 143 -25.04 25.09 -8.25
N GLY C 144 -26.30 25.43 -8.00
CA GLY C 144 -26.92 26.52 -8.74
C GLY C 144 -26.26 27.85 -8.47
N ILE C 145 -26.04 28.18 -7.20
CA ILE C 145 -25.39 29.43 -6.86
C ILE C 145 -23.96 29.46 -7.38
N LEU C 146 -23.26 28.33 -7.30
CA LEU C 146 -21.88 28.29 -7.78
C LEU C 146 -21.82 28.50 -9.29
N LEU C 147 -22.70 27.85 -10.04
CA LEU C 147 -22.72 28.05 -11.49
C LEU C 147 -23.09 29.48 -11.84
N GLY C 148 -24.06 30.06 -11.13
CA GLY C 148 -24.41 31.46 -11.36
C GLY C 148 -23.25 32.39 -11.09
N LEU C 149 -22.54 32.17 -9.98
CA LEU C 149 -21.40 33.02 -9.66
C LEU C 149 -20.28 32.85 -10.69
N ASP C 150 -20.04 31.62 -11.14
CA ASP C 150 -18.99 31.40 -12.13
C ASP C 150 -19.33 32.08 -13.45
N VAL C 151 -20.57 31.95 -13.91
CA VAL C 151 -20.95 32.59 -15.17
C VAL C 151 -20.93 34.11 -15.00
N GLY C 152 -21.29 34.61 -13.81
CA GLY C 152 -21.25 36.04 -13.59
C GLY C 152 -19.83 36.58 -13.62
N THR C 153 -18.90 35.90 -12.96
CA THR C 153 -17.52 36.37 -12.98
C THR C 153 -16.89 36.22 -14.36
N TRP C 154 -17.29 35.19 -15.10
CA TRP C 154 -16.74 35.02 -16.44
C TRP C 154 -17.26 36.09 -17.39
N VAL C 155 -18.55 36.39 -17.31
CA VAL C 155 -19.10 37.46 -18.14
C VAL C 155 -18.56 38.81 -17.72
N ARG C 156 -18.28 39.00 -16.42
CA ARG C 156 -17.69 40.26 -15.96
C ARG C 156 -16.28 40.43 -16.50
N MET C 157 -15.46 39.38 -16.40
CA MET C 157 -14.09 39.46 -16.90
C MET C 157 -14.07 39.63 -18.43
N ALA C 158 -14.98 38.95 -19.13
CA ALA C 158 -15.02 39.10 -20.59
C ALA C 158 -15.56 40.46 -21.00
N GLN C 159 -16.43 41.06 -20.19
CA GLN C 159 -16.96 42.39 -20.48
C GLN C 159 -15.92 43.47 -20.23
N GLU C 160 -15.19 43.36 -19.12
CA GLU C 160 -14.13 44.35 -18.86
C GLU C 160 -12.96 44.16 -19.80
N MET C 161 -12.75 42.94 -20.29
CA MET C 161 -11.66 42.66 -21.22
C MET C 161 -12.28 42.25 -22.54
N GLU C 166 -18.11 42.93 -24.79
CA GLU C 166 -17.46 42.91 -26.09
C GLU C 166 -17.59 41.54 -26.75
N ASP C 167 -18.80 41.23 -27.19
CA ASP C 167 -19.12 39.96 -27.86
C ASP C 167 -18.77 38.79 -26.92
N THR C 168 -19.52 38.71 -25.83
CA THR C 168 -19.31 37.68 -24.82
C THR C 168 -20.51 36.75 -24.65
N GLU C 169 -21.72 37.17 -24.99
CA GLU C 169 -22.89 36.31 -24.86
C GLU C 169 -22.75 35.06 -25.72
N LEU C 170 -22.05 35.17 -26.87
CA LEU C 170 -21.83 34.00 -27.70
C LEU C 170 -20.98 32.96 -26.97
N ASN C 171 -19.91 33.40 -26.30
CA ASN C 171 -19.07 32.48 -25.55
C ASN C 171 -19.83 31.89 -24.36
N VAL C 172 -20.65 32.72 -23.69
CA VAL C 172 -21.44 32.21 -22.57
C VAL C 172 -22.41 31.14 -23.05
N GLN C 173 -23.06 31.37 -24.20
CA GLN C 173 -23.95 30.38 -24.77
C GLN C 173 -23.19 29.11 -25.14
N TRP C 174 -21.98 29.26 -25.69
CA TRP C 174 -21.17 28.09 -26.00
C TRP C 174 -20.80 27.29 -24.75
N TYR C 175 -20.69 27.96 -23.60
CA TYR C 175 -20.23 27.30 -22.40
C TYR C 175 -21.34 26.84 -21.45
N ILE C 176 -22.59 27.22 -21.70
CA ILE C 176 -23.73 26.75 -20.90
C ILE C 176 -23.81 25.23 -20.80
N PRO C 177 -23.62 24.47 -21.89
CA PRO C 177 -23.72 23.01 -21.77
C PRO C 177 -22.78 22.40 -20.74
N PHE C 178 -21.60 22.99 -20.54
CA PHE C 178 -20.71 22.55 -19.48
C PHE C 178 -21.39 22.66 -18.12
N TYR C 179 -22.11 23.76 -17.90
CA TYR C 179 -22.79 23.96 -16.63
C TYR C 179 -23.94 22.97 -16.45
N SER C 180 -24.67 22.67 -17.53
CA SER C 180 -25.72 21.67 -17.41
C SER C 180 -25.13 20.29 -17.11
N LEU C 181 -23.97 19.99 -17.68
CA LEU C 181 -23.28 18.74 -17.35
C LEU C 181 -22.89 18.72 -15.88
N TYR C 182 -22.48 19.87 -15.34
CA TYR C 182 -22.20 19.95 -13.91
C TYR C 182 -23.45 19.66 -13.10
N PHE C 183 -24.61 20.15 -13.55
CA PHE C 183 -25.86 19.83 -12.88
C PHE C 183 -26.11 18.32 -12.86
N ILE C 184 -25.89 17.67 -14.01
CA ILE C 184 -26.09 16.21 -14.07
C ILE C 184 -25.13 15.49 -13.13
N LEU C 185 -23.89 15.97 -13.06
CA LEU C 185 -22.92 15.37 -12.16
C LEU C 185 -23.35 15.50 -10.70
N THR C 186 -23.88 16.68 -10.34
CA THR C 186 -24.40 16.85 -8.98
C THR C 186 -25.54 15.88 -8.70
N GLY C 187 -26.43 15.69 -9.67
CA GLY C 187 -27.50 14.70 -9.50
C GLY C 187 -26.97 13.29 -9.30
N LEU C 188 -25.93 12.93 -10.05
CA LEU C 188 -25.31 11.62 -9.89
C LEU C 188 -24.73 11.45 -8.49
N HIS C 189 -24.03 12.49 -8.02
CA HIS C 189 -23.50 12.46 -6.65
C HIS C 189 -24.62 12.27 -5.63
N ILE C 190 -25.73 13.00 -5.82
CA ILE C 190 -26.85 12.89 -4.89
C ILE C 190 -27.38 11.46 -4.86
N ASN C 191 -27.55 10.86 -6.03
CA ASN C 191 -28.09 9.50 -6.11
C ASN C 191 -27.18 8.51 -5.40
N PHE C 192 -25.88 8.54 -5.72
CA PHE C 192 -24.96 7.58 -5.12
C PHE C 192 -24.89 7.77 -3.61
N ALA C 193 -24.82 9.03 -3.16
CA ALA C 193 -24.74 9.31 -1.73
C ALA C 193 -25.99 8.81 -1.02
N ASN C 194 -27.16 9.01 -1.62
CA ASN C 194 -28.40 8.52 -1.01
C ASN C 194 -28.36 7.01 -0.84
N THR C 195 -27.97 6.28 -1.90
CA THR C 195 -27.96 4.82 -1.79
C THR C 195 -26.97 4.34 -0.74
N ALA C 196 -25.74 4.89 -0.75
CA ALA C 196 -24.73 4.44 0.19
C ALA C 196 -25.11 4.79 1.63
N TYR C 197 -25.68 5.98 1.84
CA TYR C 197 -26.10 6.36 3.18
C TYR C 197 -27.25 5.49 3.67
N GLY C 198 -28.15 5.09 2.76
CA GLY C 198 -29.18 4.15 3.16
C GLY C 198 -28.62 2.82 3.60
N LEU C 199 -27.64 2.31 2.87
CA LEU C 199 -26.99 1.06 3.29
C LEU C 199 -26.31 1.22 4.64
N GLY C 200 -25.62 2.34 4.86
CA GLY C 200 -24.99 2.55 6.15
C GLY C 200 -25.98 2.66 7.28
N ARG C 201 -27.10 3.35 7.05
CA ARG C 201 -28.14 3.46 8.07
C ARG C 201 -28.72 2.10 8.41
N ARG C 202 -28.94 1.25 7.41
CA ARG C 202 -29.46 -0.08 7.69
C ARG C 202 -28.46 -0.91 8.48
N TYR C 203 -27.17 -0.79 8.16
CA TYR C 203 -26.15 -1.49 8.95
C TYR C 203 -26.16 -1.02 10.40
N LYS C 204 -26.26 0.30 10.61
CA LYS C 204 -26.29 0.84 11.97
C LYS C 204 -27.52 0.36 12.73
N ARG C 205 -28.67 0.31 12.04
CA ARG C 205 -29.89 -0.19 12.70
C ARG C 205 -29.76 -1.65 13.07
N LEU C 206 -29.14 -2.45 12.20
CA LEU C 206 -28.90 -3.86 12.53
C LEU C 206 -28.01 -3.98 13.77
N ASN C 207 -26.94 -3.19 13.82
CA ASN C 207 -26.06 -3.23 14.99
C ASN C 207 -26.80 -2.81 16.25
N GLN C 208 -27.65 -1.78 16.16
CA GLN C 208 -28.41 -1.34 17.32
C GLN C 208 -29.39 -2.42 17.78
N MET C 209 -30.04 -3.10 16.84
CA MET C 209 -30.91 -4.21 17.20
C MET C 209 -30.14 -5.30 17.93
N LEU C 210 -28.96 -5.66 17.42
CA LEU C 210 -28.16 -6.70 18.06
C LEU C 210 -27.73 -6.27 19.47
N ARG C 211 -27.34 -5.00 19.63
CA ARG C 211 -26.94 -4.53 20.94
C ARG C 211 -28.11 -4.53 21.92
N THR C 212 -29.27 -4.05 21.49
CA THR C 212 -30.40 -3.91 22.40
C THR C 212 -30.98 -5.26 22.79
N SER C 213 -31.02 -6.20 21.85
CA SER C 213 -31.73 -7.45 22.09
C SER C 213 -31.08 -8.29 23.18
N TYR C 214 -29.79 -8.09 23.45
CA TYR C 214 -29.06 -8.99 24.34
C TYR C 214 -28.35 -8.27 25.48
N LEU C 215 -27.80 -7.07 25.24
CA LEU C 215 -27.22 -6.32 26.34
C LEU C 215 -28.32 -5.79 27.27
N SER C 216 -29.49 -5.48 26.73
CA SER C 216 -30.61 -5.03 27.54
C SER C 216 -31.78 -6.01 27.44
N ALA C 263 -39.51 -18.74 25.24
CA ALA C 263 -39.04 -17.37 25.09
C ALA C 263 -37.69 -17.34 24.38
N THR C 264 -36.97 -18.45 24.43
CA THR C 264 -35.65 -18.51 23.79
C THR C 264 -35.76 -18.62 22.28
N LYS C 265 -36.84 -19.23 21.77
CA LYS C 265 -36.98 -19.37 20.32
C LYS C 265 -37.14 -18.03 19.63
N ASN C 266 -37.79 -17.06 20.27
CA ASN C 266 -37.88 -15.73 19.70
C ASN C 266 -36.49 -15.16 19.48
N LYS C 267 -35.60 -15.30 20.46
CA LYS C 267 -34.23 -14.83 20.31
C LYS C 267 -33.47 -15.64 19.28
N SER C 268 -33.76 -16.94 19.17
CA SER C 268 -33.06 -17.78 18.19
C SER C 268 -33.37 -17.33 16.76
N LEU C 269 -34.66 -17.23 16.41
CA LEU C 269 -34.99 -16.70 15.10
C LEU C 269 -34.66 -15.21 14.95
N LEU C 270 -34.55 -14.47 16.05
CA LEU C 270 -34.05 -13.10 15.95
C LEU C 270 -32.61 -13.08 15.47
N ILE C 271 -31.77 -13.94 16.05
CA ILE C 271 -30.37 -14.02 15.60
C ILE C 271 -30.29 -14.53 14.18
N ARG C 272 -31.15 -15.50 13.82
CA ARG C 272 -31.17 -16.00 12.45
C ARG C 272 -31.52 -14.89 11.47
N ALA C 273 -32.55 -14.11 11.79
CA ALA C 273 -32.94 -13.00 10.92
C ALA C 273 -31.87 -11.94 10.86
N MET C 274 -31.18 -11.69 11.97
CA MET C 274 -30.09 -10.72 11.95
C MET C 274 -28.96 -11.17 11.03
N ALA C 275 -28.61 -12.46 11.08
CA ALA C 275 -27.59 -12.98 10.19
C ALA C 275 -28.04 -12.89 8.73
N ASP C 276 -29.30 -13.23 8.46
CA ASP C 276 -29.82 -13.12 7.10
C ASP C 276 -29.77 -11.68 6.61
N ASN C 277 -30.14 -10.73 7.47
CA ASN C 277 -30.13 -9.33 7.09
C ASN C 277 -28.72 -8.83 6.86
N HIS C 278 -27.76 -9.29 7.65
CA HIS C 278 -26.37 -8.88 7.43
C HIS C 278 -25.85 -9.42 6.09
N GLU C 279 -26.16 -10.67 5.78
CA GLU C 279 -25.76 -11.21 4.48
C GLU C 279 -26.42 -10.45 3.34
N SER C 280 -27.71 -10.13 3.50
CA SER C 280 -28.42 -9.40 2.45
C SER C 280 -27.86 -7.99 2.29
N LEU C 281 -27.44 -7.36 3.38
CA LEU C 281 -26.82 -6.04 3.28
C LEU C 281 -25.47 -6.10 2.58
N GLY C 282 -24.69 -7.15 2.85
CA GLY C 282 -23.47 -7.35 2.09
C GLY C 282 -23.74 -7.55 0.61
N LYS C 283 -24.76 -8.33 0.29
CA LYS C 283 -25.15 -8.51 -1.11
C LYS C 283 -25.58 -7.19 -1.73
N CYS C 284 -26.28 -6.35 -0.96
CA CYS C 284 -26.70 -5.05 -1.47
C CYS C 284 -25.50 -4.15 -1.72
N VAL C 285 -24.50 -4.19 -0.84
CA VAL C 285 -23.28 -3.42 -1.06
C VAL C 285 -22.59 -3.88 -2.35
N ARG C 286 -22.53 -5.20 -2.55
CA ARG C 286 -21.93 -5.72 -3.78
C ARG C 286 -22.75 -5.31 -5.00
N LEU C 287 -24.08 -5.28 -4.87
CA LEU C 287 -24.93 -4.86 -5.98
C LEU C 287 -24.70 -3.39 -6.31
N LEU C 288 -24.60 -2.55 -5.29
CA LEU C 288 -24.30 -1.13 -5.53
C LEU C 288 -22.93 -0.97 -6.17
N SER C 289 -21.95 -1.79 -5.76
CA SER C 289 -20.65 -1.76 -6.41
C SER C 289 -20.77 -2.11 -7.88
N ARG C 290 -21.47 -3.19 -8.19
CA ARG C 290 -21.66 -3.57 -9.59
C ARG C 290 -22.39 -2.48 -10.37
N PHE C 291 -23.32 -1.80 -9.72
CA PHE C 291 -24.11 -0.78 -10.39
C PHE C 291 -23.30 0.48 -10.68
N TYR C 292 -22.46 0.91 -9.74
CA TYR C 292 -21.85 2.24 -9.81
C TYR C 292 -20.34 2.23 -9.75
N GLY C 293 -19.68 1.09 -9.99
CA GLY C 293 -18.24 1.05 -9.83
C GLY C 293 -17.46 1.95 -10.76
N ILE C 294 -17.67 1.79 -12.06
CA ILE C 294 -16.93 2.59 -13.03
C ILE C 294 -17.34 4.05 -12.93
N ALA C 295 -18.62 4.32 -12.64
CA ALA C 295 -19.06 5.69 -12.46
C ALA C 295 -18.36 6.35 -11.28
N VAL C 296 -18.25 5.64 -10.16
CA VAL C 296 -17.59 6.18 -8.98
C VAL C 296 -16.09 6.35 -9.25
N LEU C 297 -15.50 5.42 -9.98
CA LEU C 297 -14.08 5.55 -10.33
C LEU C 297 -13.83 6.82 -11.15
N PHE C 298 -14.67 7.06 -12.15
CA PHE C 298 -14.48 8.25 -12.97
C PHE C 298 -14.85 9.52 -12.20
N ILE C 299 -15.78 9.42 -11.25
CA ILE C 299 -16.09 10.56 -10.38
C ILE C 299 -14.89 10.91 -9.52
N LEU C 300 -14.20 9.89 -8.98
CA LEU C 300 -13.00 10.14 -8.18
C LEU C 300 -11.90 10.74 -9.03
N VAL C 301 -11.73 10.24 -10.26
CA VAL C 301 -10.75 10.83 -11.17
C VAL C 301 -11.09 12.30 -11.43
N SER C 302 -12.38 12.59 -11.63
CA SER C 302 -12.81 13.96 -11.83
C SER C 302 -12.49 14.83 -10.63
N CYS C 303 -12.77 14.33 -9.43
CA CYS C 303 -12.48 15.09 -8.22
C CYS C 303 -10.99 15.39 -8.10
N LEU C 304 -10.14 14.40 -8.34
CA LEU C 304 -8.70 14.62 -8.25
C LEU C 304 -8.23 15.64 -9.28
N LEU C 305 -8.65 15.47 -10.54
CA LEU C 305 -8.21 16.38 -11.59
C LEU C 305 -8.67 17.80 -11.31
N HIS C 306 -9.94 17.97 -10.91
CA HIS C 306 -10.45 19.31 -10.66
C HIS C 306 -9.78 19.94 -9.45
N LEU C 307 -9.54 19.17 -8.39
CA LEU C 307 -8.86 19.71 -7.23
C LEU C 307 -7.46 20.19 -7.60
N VAL C 308 -6.70 19.37 -8.33
CA VAL C 308 -5.34 19.75 -8.69
C VAL C 308 -5.35 20.98 -9.58
N ALA C 309 -6.21 20.99 -10.60
CA ALA C 309 -6.25 22.11 -11.53
C ALA C 309 -6.68 23.40 -10.85
N THR C 310 -7.70 23.32 -10.00
CA THR C 310 -8.18 24.52 -9.33
C THR C 310 -7.16 25.05 -8.33
N ALA C 311 -6.49 24.16 -7.60
CA ALA C 311 -5.45 24.62 -6.68
C ALA C 311 -4.30 25.28 -7.44
N TYR C 312 -3.88 24.67 -8.54
CA TYR C 312 -2.80 25.26 -9.33
C TYR C 312 -3.20 26.62 -9.88
N PHE C 313 -4.42 26.74 -10.42
CA PHE C 313 -4.87 28.01 -10.96
C PHE C 313 -5.00 29.06 -9.87
N LEU C 314 -5.50 28.67 -8.69
CA LEU C 314 -5.62 29.60 -7.59
C LEU C 314 -4.27 30.12 -7.13
N PHE C 315 -3.29 29.22 -7.01
CA PHE C 315 -1.96 29.66 -6.61
C PHE C 315 -1.33 30.56 -7.66
N LEU C 316 -1.51 30.23 -8.94
CA LEU C 316 -0.96 31.07 -10.01
C LEU C 316 -1.62 32.45 -9.99
N GLU C 317 -2.94 32.51 -9.80
CA GLU C 317 -3.63 33.79 -9.76
C GLU C 317 -3.20 34.62 -8.55
N MET C 318 -3.03 33.97 -7.40
CA MET C 318 -2.57 34.68 -6.22
C MET C 318 -1.16 35.22 -6.43
N LEU C 319 -0.30 34.45 -7.10
CA LEU C 319 1.03 34.94 -7.42
C LEU C 319 0.95 36.14 -8.38
N ASN C 320 0.06 36.08 -9.37
CA ASN C 320 -0.08 37.19 -10.30
C ASN C 320 -0.78 38.38 -9.69
N LYS C 321 -1.50 38.19 -8.58
CA LYS C 321 -2.17 39.26 -7.85
C LYS C 321 -3.17 40.01 -8.74
N ARG C 322 -4.06 39.24 -9.35
CA ARG C 322 -5.09 39.78 -10.21
C ARG C 322 -6.37 40.02 -9.39
N ASP C 323 -7.49 40.21 -10.10
CA ASP C 323 -8.75 40.53 -9.43
C ASP C 323 -9.12 39.47 -8.41
N ASN C 324 -9.60 39.93 -7.26
CA ASN C 324 -9.88 39.01 -6.14
C ASN C 324 -11.17 38.24 -6.34
N GLY C 325 -12.08 38.74 -7.17
CA GLY C 325 -13.33 38.03 -7.38
C GLY C 325 -13.12 36.64 -7.97
N TYR C 326 -12.23 36.53 -8.95
CA TYR C 326 -11.88 35.20 -9.46
C TYR C 326 -11.25 34.33 -8.39
N VAL C 327 -10.52 34.95 -7.45
CA VAL C 327 -9.93 34.18 -6.35
C VAL C 327 -11.02 33.60 -5.47
N TRP C 328 -12.04 34.40 -5.13
CA TRP C 328 -13.14 33.89 -4.34
C TRP C 328 -13.90 32.80 -5.08
N VAL C 329 -14.09 32.97 -6.40
CA VAL C 329 -14.77 31.95 -7.18
C VAL C 329 -13.98 30.65 -7.17
N GLN C 330 -12.66 30.74 -7.33
CA GLN C 330 -11.82 29.55 -7.30
C GLN C 330 -11.84 28.88 -5.94
N MET C 331 -11.85 29.66 -4.87
CA MET C 331 -11.95 29.08 -3.53
C MET C 331 -13.27 28.34 -3.35
N LEU C 332 -14.36 28.93 -3.85
CA LEU C 332 -15.66 28.26 -3.77
C LEU C 332 -15.65 26.96 -4.57
N TRP C 333 -15.01 26.97 -5.75
CA TRP C 333 -14.93 25.76 -6.55
C TRP C 333 -14.12 24.68 -5.84
N ILE C 334 -13.03 25.07 -5.18
CA ILE C 334 -12.23 24.11 -4.42
C ILE C 334 -13.07 23.51 -3.30
N ILE C 335 -13.81 24.34 -2.58
CA ILE C 335 -14.66 23.83 -1.51
C ILE C 335 -15.71 22.87 -2.06
N PHE C 336 -16.30 23.20 -3.21
CA PHE C 336 -17.30 22.34 -3.81
C PHE C 336 -16.70 20.99 -4.24
N HIS C 337 -15.51 21.00 -4.82
CA HIS C 337 -14.88 19.76 -5.23
C HIS C 337 -14.54 18.89 -4.02
N PHE C 338 -14.04 19.50 -2.95
CA PHE C 338 -13.76 18.75 -1.74
C PHE C 338 -15.05 18.17 -1.16
N LEU C 339 -16.14 18.94 -1.19
CA LEU C 339 -17.41 18.43 -0.67
C LEU C 339 -17.94 17.29 -1.52
N ARG C 340 -17.73 17.36 -2.85
CA ARG C 340 -18.11 16.25 -3.71
C ARG C 340 -17.31 15.00 -3.36
N LEU C 341 -16.00 15.15 -3.19
CA LEU C 341 -15.16 14.01 -2.83
C LEU C 341 -15.60 13.42 -1.50
N LEU C 342 -15.94 14.27 -0.53
CA LEU C 342 -16.43 13.77 0.75
C LEU C 342 -17.77 13.07 0.58
N MET C 343 -18.67 13.63 -0.22
CA MET C 343 -19.98 13.02 -0.43
C MET C 343 -19.84 11.65 -1.07
N VAL C 344 -18.77 11.42 -1.83
CA VAL C 344 -18.56 10.09 -2.38
C VAL C 344 -17.89 9.17 -1.37
N VAL C 345 -16.89 9.67 -0.65
CA VAL C 345 -16.04 8.80 0.16
C VAL C 345 -16.71 8.45 1.49
N GLU C 346 -17.23 9.46 2.19
CA GLU C 346 -17.75 9.28 3.55
C GLU C 346 -18.81 8.21 3.67
N PRO C 347 -19.84 8.14 2.81
CA PRO C 347 -20.85 7.09 3.00
C PRO C 347 -20.29 5.69 2.88
N CYS C 348 -19.37 5.46 1.93
CA CYS C 348 -18.79 4.13 1.78
C CYS C 348 -17.96 3.76 3.00
N HIS C 349 -17.16 4.68 3.51
CA HIS C 349 -16.36 4.41 4.70
C HIS C 349 -17.25 4.16 5.91
N LEU C 350 -18.32 4.94 6.06
CA LEU C 350 -19.24 4.75 7.17
C LEU C 350 -19.91 3.39 7.10
N ALA C 351 -20.35 2.98 5.91
CA ALA C 351 -20.97 1.67 5.76
C ALA C 351 -19.98 0.55 6.05
N ALA C 352 -18.76 0.68 5.56
CA ALA C 352 -17.75 -0.35 5.81
C ALA C 352 -17.42 -0.45 7.30
N ARG C 353 -17.31 0.69 7.97
CA ARG C 353 -17.01 0.67 9.40
C ARG C 353 -18.17 0.09 10.20
N GLU C 354 -19.41 0.45 9.84
CA GLU C 354 -20.56 -0.08 10.57
C GLU C 354 -20.75 -1.56 10.34
N ALA C 355 -20.38 -2.06 9.15
CA ALA C 355 -20.51 -3.48 8.88
C ALA C 355 -19.48 -4.30 9.66
N ARG C 356 -18.26 -3.78 9.82
CA ARG C 356 -17.20 -4.51 10.50
C ARG C 356 -17.40 -4.57 12.01
N LYS C 357 -18.21 -3.68 12.57
CA LYS C 357 -18.40 -3.67 14.01
C LYS C 357 -19.29 -4.80 14.50
N THR C 358 -20.09 -5.40 13.61
CA THR C 358 -21.05 -6.41 14.04
C THR C 358 -20.37 -7.62 14.67
N ILE C 359 -19.14 -7.93 14.25
CA ILE C 359 -18.47 -9.12 14.77
C ILE C 359 -18.13 -8.94 16.24
N GLN C 360 -17.79 -7.73 16.67
CA GLN C 360 -17.51 -7.49 18.08
C GLN C 360 -18.77 -7.69 18.94
N ILE C 361 -19.90 -7.15 18.47
CA ILE C 361 -21.16 -7.37 19.19
C ILE C 361 -21.51 -8.84 19.23
N VAL C 362 -21.25 -9.56 18.14
CA VAL C 362 -21.54 -10.99 18.11
C VAL C 362 -20.67 -11.73 19.11
N CYS C 363 -19.39 -11.36 19.20
CA CYS C 363 -18.52 -11.99 20.20
C CYS C 363 -19.00 -11.71 21.62
N GLU C 364 -19.40 -10.45 21.88
CA GLU C 364 -19.90 -10.11 23.20
C GLU C 364 -21.16 -10.91 23.54
N ILE C 365 -22.04 -11.09 22.55
CA ILE C 365 -23.23 -11.92 22.76
C ILE C 365 -22.82 -13.35 23.06
N GLU C 366 -21.84 -13.87 22.32
CA GLU C 366 -21.38 -15.24 22.53
C GLU C 366 -20.86 -15.45 23.94
N ARG C 367 -20.15 -14.45 24.48
CA ARG C 367 -19.63 -14.57 25.83
C ARG C 367 -20.69 -14.42 26.90
N LYS C 368 -21.95 -14.21 26.54
CA LYS C 368 -23.03 -13.98 27.49
C LYS C 368 -24.26 -14.80 27.11
N VAL C 369 -24.06 -16.07 26.79
CA VAL C 369 -25.15 -16.97 26.41
C VAL C 369 -24.93 -18.31 27.08
N PHE C 370 -25.97 -18.80 27.77
CA PHE C 370 -25.97 -20.12 28.40
C PHE C 370 -27.02 -21.04 27.76
N GLU C 371 -27.35 -20.81 26.49
CA GLU C 371 -28.38 -21.56 25.78
C GLU C 371 -27.74 -22.23 24.58
N PRO C 372 -27.83 -23.56 24.44
CA PRO C 372 -26.99 -24.25 23.48
C PRO C 372 -27.37 -24.12 22.00
N ILE C 373 -28.65 -24.23 21.64
CA ILE C 373 -29.01 -24.07 20.24
C ILE C 373 -28.79 -22.63 19.79
N LEU C 374 -29.05 -21.67 20.67
CA LEU C 374 -28.87 -20.28 20.28
C LEU C 374 -27.40 -19.89 20.27
N VAL C 375 -26.58 -20.48 21.14
CA VAL C 375 -25.14 -20.22 21.02
C VAL C 375 -24.58 -20.91 19.79
N GLU C 376 -25.17 -22.03 19.37
CA GLU C 376 -24.78 -22.63 18.09
C GLU C 376 -25.10 -21.68 16.94
N GLU C 377 -26.29 -21.08 16.97
CA GLU C 377 -26.64 -20.08 15.97
C GLU C 377 -25.69 -18.89 16.01
N THR C 378 -25.30 -18.46 17.20
CA THR C 378 -24.36 -17.35 17.34
C THR C 378 -22.99 -17.73 16.77
N LYS C 379 -22.56 -18.97 16.98
CA LYS C 379 -21.31 -19.42 16.38
C LYS C 379 -21.39 -19.42 14.87
N LYS C 380 -22.53 -19.83 14.32
CA LYS C 380 -22.72 -19.76 12.86
C LYS C 380 -22.66 -18.32 12.38
N PHE C 381 -23.28 -17.40 13.12
CA PHE C 381 -23.22 -15.99 12.76
C PHE C 381 -21.78 -15.47 12.78
N TRP C 382 -21.02 -15.84 13.82
CA TRP C 382 -19.63 -15.42 13.90
C TRP C 382 -18.81 -15.98 12.75
N GLN C 383 -19.05 -17.24 12.39
CA GLN C 383 -18.34 -17.84 11.27
C GLN C 383 -18.66 -17.12 9.97
N GLN C 384 -19.94 -16.76 9.77
CA GLN C 384 -20.32 -16.03 8.57
C GLN C 384 -19.68 -14.65 8.54
N LEU C 385 -19.62 -13.97 9.69
CA LEU C 385 -19.07 -12.62 9.72
C LEU C 385 -17.56 -12.62 9.55
N LEU C 386 -16.88 -13.68 10.00
CA LEU C 386 -15.42 -13.71 9.90
C LEU C 386 -14.97 -13.64 8.45
N VAL C 387 -15.61 -14.40 7.58
CA VAL C 387 -15.34 -14.36 6.15
C VAL C 387 -16.46 -13.52 5.51
N ASP C 388 -16.18 -12.23 5.37
CA ASP C 388 -17.16 -11.28 4.87
C ASP C 388 -16.46 -9.96 4.60
N ASP C 389 -16.88 -9.29 3.52
CA ASP C 389 -16.40 -7.95 3.23
C ASP C 389 -17.58 -7.07 2.85
N ALA C 390 -17.46 -5.78 3.13
CA ALA C 390 -18.49 -4.82 2.78
C ALA C 390 -17.92 -3.53 2.22
N GLU C 391 -16.63 -3.49 1.89
CA GLU C 391 -16.04 -2.29 1.35
C GLU C 391 -16.52 -2.07 -0.09
N PHE C 392 -16.97 -0.86 -0.38
CA PHE C 392 -17.35 -0.50 -1.74
C PHE C 392 -16.10 -0.46 -2.60
N SER C 393 -16.14 -1.14 -3.74
CA SER C 393 -15.01 -1.21 -4.66
C SER C 393 -15.38 -0.51 -5.96
N ALA C 394 -14.51 0.40 -6.41
CA ALA C 394 -14.71 1.13 -7.65
C ALA C 394 -14.37 0.21 -8.83
N SER C 395 -15.25 -0.76 -9.04
CA SER C 395 -15.09 -1.77 -10.10
C SER C 395 -13.78 -2.53 -9.95
N GLY C 396 -13.31 -2.70 -8.71
CA GLY C 396 -12.13 -3.48 -8.44
C GLY C 396 -10.83 -2.72 -8.46
N LEU C 397 -10.79 -1.51 -9.02
CA LEU C 397 -9.55 -0.77 -9.11
C LEU C 397 -9.09 -0.28 -7.74
N CYS C 398 -10.02 0.14 -6.89
CA CYS C 398 -9.65 0.65 -5.58
C CYS C 398 -10.81 0.47 -4.62
N ARG C 399 -10.49 0.51 -3.34
CA ARG C 399 -11.49 0.46 -2.27
C ARG C 399 -11.82 1.88 -1.85
N VAL C 400 -13.11 2.20 -1.81
CA VAL C 400 -13.55 3.57 -1.52
C VAL C 400 -13.76 3.68 -0.01
N ASN C 401 -12.85 4.36 0.67
CA ASN C 401 -12.99 4.71 2.08
C ASN C 401 -12.22 5.99 2.32
N ARG C 402 -12.11 6.39 3.58
CA ARG C 402 -11.43 7.63 3.90
C ARG C 402 -9.95 7.60 3.54
N THR C 403 -9.36 6.40 3.47
CA THR C 403 -7.96 6.28 3.08
C THR C 403 -7.70 6.93 1.72
N ILE C 404 -8.70 6.88 0.83
CA ILE C 404 -8.57 7.51 -0.48
C ILE C 404 -8.15 8.97 -0.33
N LEU C 405 -8.76 9.67 0.62
CA LEU C 405 -8.40 11.07 0.86
C LEU C 405 -6.89 11.21 1.03
N THR C 406 -6.30 10.39 1.90
CA THR C 406 -4.85 10.44 2.09
C THR C 406 -4.13 10.30 0.77
N SER C 407 -4.49 9.27 -0.01
CA SER C 407 -3.86 9.07 -1.31
C SER C 407 -3.97 10.34 -2.16
N PHE C 408 -5.16 10.93 -2.19
CA PHE C 408 -5.34 12.15 -2.97
C PHE C 408 -4.38 13.23 -2.53
N ALA C 409 -4.23 13.41 -1.22
CA ALA C 409 -3.27 14.38 -0.72
C ALA C 409 -1.88 14.04 -1.23
N SER C 410 -1.48 12.78 -1.11
CA SER C 410 -0.16 12.37 -1.55
C SER C 410 0.05 12.64 -3.03
N ALA C 411 -1.03 12.78 -3.80
CA ALA C 411 -0.90 13.21 -5.18
C ALA C 411 -0.99 14.73 -5.29
N ILE C 412 -1.98 15.32 -4.61
CA ILE C 412 -2.25 16.74 -4.80
C ILE C 412 -1.04 17.57 -4.38
N ALA C 413 -0.37 17.17 -3.31
CA ALA C 413 0.88 17.82 -2.93
C ALA C 413 1.92 17.64 -4.02
N THR C 414 2.16 16.39 -4.43
CA THR C 414 3.24 16.12 -5.37
C THR C 414 3.04 16.87 -6.68
N TYR C 415 1.86 16.72 -7.29
CA TYR C 415 1.58 17.43 -8.53
C TYR C 415 1.70 18.94 -8.34
N LEU C 416 1.44 19.45 -7.14
CA LEU C 416 1.61 20.87 -6.90
C LEU C 416 3.08 21.24 -6.79
N VAL C 417 3.85 20.41 -6.08
CA VAL C 417 5.27 20.72 -5.87
C VAL C 417 5.99 20.80 -7.20
N ILE C 418 5.67 19.90 -8.13
CA ILE C 418 6.28 19.95 -9.45
C ILE C 418 5.80 21.16 -10.22
N LEU C 419 4.57 21.62 -9.98
CA LEU C 419 3.95 22.64 -10.80
C LEU C 419 4.07 24.04 -10.20
N ILE C 420 3.81 24.18 -8.90
CA ILE C 420 3.72 25.51 -8.30
C ILE C 420 5.05 26.24 -8.37
N GLN C 421 6.13 25.55 -8.01
CA GLN C 421 7.44 26.19 -8.01
C GLN C 421 8.12 26.18 -9.37
N PHE C 422 7.53 25.49 -10.36
CA PHE C 422 8.07 25.54 -11.71
C PHE C 422 7.78 26.89 -12.37
N GLN C 423 6.74 27.59 -11.92
CA GLN C 423 6.49 28.93 -12.42
C GLN C 423 7.61 29.88 -12.03
N LYS C 424 8.25 29.66 -10.90
CA LYS C 424 9.36 30.50 -10.45
C LYS C 424 10.64 29.67 -10.31
N MET D 1 21.79 -14.31 15.82
CA MET D 1 22.23 -14.96 14.59
C MET D 1 22.67 -16.39 14.86
N GLU D 2 22.85 -17.15 13.78
CA GLU D 2 23.14 -18.58 13.90
C GLU D 2 24.62 -18.82 14.13
N ILE D 3 24.94 -19.65 15.12
CA ILE D 3 26.31 -20.06 15.41
C ILE D 3 26.28 -21.59 15.47
N SER D 4 26.58 -22.23 14.34
CA SER D 4 26.59 -23.68 14.26
C SER D 4 27.92 -24.14 13.70
N GLU D 5 28.27 -25.40 13.98
CA GLU D 5 29.53 -25.95 13.52
C GLU D 5 29.60 -25.98 11.99
N THR D 6 28.48 -26.33 11.35
CA THR D 6 28.46 -26.48 9.90
C THR D 6 28.96 -25.22 9.19
N ASN D 7 28.69 -24.05 9.77
CA ASN D 7 29.18 -22.80 9.23
C ASN D 7 29.98 -22.02 10.28
N ILE D 8 30.73 -22.74 11.13
CA ILE D 8 31.47 -22.09 12.20
C ILE D 8 32.45 -21.07 11.62
N GLY D 9 33.06 -21.39 10.49
CA GLY D 9 33.98 -20.45 9.87
C GLY D 9 33.33 -19.12 9.58
N ILE D 10 32.05 -19.14 9.17
CA ILE D 10 31.32 -17.90 8.94
C ILE D 10 31.39 -17.02 10.17
N PHE D 11 31.11 -17.61 11.34
CA PHE D 11 31.18 -16.87 12.59
C PHE D 11 32.56 -16.22 12.76
N TYR D 12 33.62 -16.97 12.45
CA TYR D 12 34.96 -16.42 12.58
C TYR D 12 35.11 -15.17 11.73
N VAL D 13 34.60 -15.21 10.50
CA VAL D 13 34.65 -14.02 9.65
C VAL D 13 33.92 -12.87 10.34
N SER D 14 32.72 -13.15 10.85
CA SER D 14 31.96 -12.12 11.55
C SER D 14 32.70 -11.63 12.79
N LYS D 15 33.53 -12.49 13.40
CA LYS D 15 34.33 -12.03 14.51
C LYS D 15 35.50 -11.16 14.06
N LEU D 16 36.05 -11.44 12.88
CA LEU D 16 37.19 -10.68 12.40
C LEU D 16 36.80 -9.33 11.82
N LEU D 17 35.53 -9.14 11.50
CA LEU D 17 35.05 -7.91 10.89
C LEU D 17 34.28 -7.04 11.87
N ALA D 18 34.54 -7.18 13.16
CA ALA D 18 33.93 -6.34 14.20
C ALA D 18 32.41 -6.42 14.18
N LEU D 19 31.88 -7.63 13.94
CA LEU D 19 30.44 -7.83 13.91
C LEU D 19 29.96 -8.93 14.86
N ALA D 20 30.84 -9.76 15.40
CA ALA D 20 30.46 -10.86 16.28
C ALA D 20 31.38 -10.88 17.48
N PRO D 21 31.15 -10.01 18.46
CA PRO D 21 31.98 -9.98 19.67
C PRO D 21 31.62 -11.09 20.65
N TYR D 22 31.62 -12.32 20.18
CA TYR D 22 31.23 -13.47 20.98
C TYR D 22 32.31 -14.55 20.89
N SER D 23 32.20 -15.52 21.80
CA SER D 23 33.07 -16.69 21.81
C SER D 23 32.20 -17.93 21.93
N ALA D 24 32.42 -18.90 21.04
CA ALA D 24 31.64 -20.12 21.00
C ALA D 24 32.53 -21.29 21.40
N LYS D 25 32.08 -22.06 22.39
CA LYS D 25 32.86 -23.16 22.94
C LYS D 25 31.94 -24.33 23.25
N LYS D 26 32.30 -25.52 22.79
CA LYS D 26 31.57 -26.72 23.20
C LYS D 26 31.74 -26.91 24.69
N ASN D 27 30.69 -27.40 25.35
CA ASN D 27 30.89 -27.87 26.72
C ASN D 27 31.13 -29.38 26.67
N SER D 28 31.05 -30.03 27.83
CA SER D 28 31.43 -31.44 27.91
C SER D 28 30.52 -32.33 27.07
N LYS D 29 29.21 -32.19 27.22
CA LYS D 29 28.27 -33.11 26.57
C LYS D 29 27.67 -32.49 25.32
N GLY D 30 28.52 -32.27 24.31
CA GLY D 30 28.07 -31.55 23.13
C GLY D 30 27.79 -30.11 23.50
N GLN D 31 26.69 -29.56 22.99
CA GLN D 31 26.18 -28.25 23.43
C GLN D 31 27.24 -27.14 23.38
N LEU D 32 27.48 -26.65 22.17
CA LEU D 32 28.12 -25.35 21.99
C LEU D 32 27.41 -24.30 22.82
N GLU D 33 28.20 -23.42 23.46
CA GLU D 33 27.68 -22.28 24.19
C GLU D 33 28.33 -21.01 23.66
N ILE D 34 27.53 -19.95 23.58
CA ILE D 34 27.98 -18.64 23.13
C ILE D 34 28.04 -17.71 24.33
N THR D 35 29.20 -17.12 24.57
CA THR D 35 29.39 -16.19 25.67
C THR D 35 30.00 -14.90 25.14
N ARG D 36 29.96 -13.86 25.97
CA ARG D 36 30.54 -12.58 25.59
C ARG D 36 32.05 -12.63 25.66
N SER D 37 32.72 -12.13 24.62
CA SER D 37 34.17 -12.04 24.58
C SER D 37 34.55 -10.58 24.78
N TRP D 38 35.04 -10.25 25.99
CA TRP D 38 35.36 -8.87 26.30
C TRP D 38 36.49 -8.35 25.43
N LEU D 39 37.52 -9.17 25.20
CA LEU D 39 38.63 -8.75 24.36
C LEU D 39 38.15 -8.42 22.96
N PHE D 40 37.37 -9.32 22.36
CA PHE D 40 36.91 -9.09 21.00
C PHE D 40 35.86 -7.99 20.94
N SER D 41 35.07 -7.82 22.00
CA SER D 41 34.13 -6.71 22.04
C SER D 41 34.86 -5.37 22.03
N ILE D 42 35.89 -5.24 22.87
CA ILE D 42 36.68 -4.01 22.89
C ILE D 42 37.36 -3.81 21.54
N TYR D 43 37.89 -4.88 20.96
CA TYR D 43 38.54 -4.78 19.66
C TYR D 43 37.57 -4.29 18.60
N SER D 44 36.36 -4.84 18.59
CA SER D 44 35.37 -4.46 17.59
C SER D 44 34.96 -3.01 17.74
N VAL D 45 34.71 -2.58 18.98
CA VAL D 45 34.30 -1.18 19.20
C VAL D 45 35.42 -0.23 18.77
N CYS D 46 36.66 -0.53 19.18
CA CYS D 46 37.77 0.34 18.83
C CYS D 46 38.00 0.37 17.32
N LEU D 47 37.91 -0.78 16.66
CA LEU D 47 38.12 -0.83 15.22
C LEU D 47 37.05 -0.03 14.49
N CYS D 48 35.79 -0.20 14.88
CA CYS D 48 34.72 0.55 14.22
C CYS D 48 34.89 2.05 14.41
N LEU D 49 35.16 2.49 15.65
CA LEU D 49 35.34 3.92 15.90
C LEU D 49 36.52 4.48 15.12
N ILE D 50 37.66 3.76 15.15
CA ILE D 50 38.86 4.23 14.48
C ILE D 50 38.63 4.31 12.98
N MET D 51 37.92 3.32 12.42
CA MET D 51 37.74 3.30 10.97
C MET D 51 36.77 4.39 10.52
N VAL D 52 35.70 4.63 11.28
CA VAL D 52 34.80 5.72 10.94
C VAL D 52 35.53 7.06 11.03
N PHE D 53 36.32 7.25 12.10
CA PHE D 53 37.08 8.48 12.23
C PHE D 53 38.06 8.63 11.07
N LEU D 54 38.71 7.54 10.66
CA LEU D 54 39.69 7.61 9.59
C LEU D 54 39.03 7.97 8.26
N THR D 55 37.90 7.35 7.94
CA THR D 55 37.26 7.66 6.66
C THR D 55 36.74 9.09 6.63
N TYR D 56 36.15 9.56 7.73
CA TYR D 56 35.69 10.95 7.75
C TYR D 56 36.87 11.92 7.70
N ARG D 57 37.98 11.58 8.35
CA ARG D 57 39.17 12.42 8.29
C ARG D 57 39.72 12.50 6.87
N GLY D 58 39.76 11.36 6.17
CA GLY D 58 40.18 11.37 4.78
C GLY D 58 39.27 12.20 3.91
N LEU D 59 37.95 12.10 4.13
CA LEU D 59 37.02 12.93 3.40
C LEU D 59 37.26 14.41 3.67
N LEU D 60 37.52 14.77 4.92
CA LEU D 60 37.69 16.17 5.27
C LEU D 60 38.98 16.73 4.68
N PHE D 61 40.07 15.96 4.71
CA PHE D 61 41.29 16.41 4.03
C PHE D 61 41.10 16.50 2.53
N ASP D 62 40.33 15.58 1.93
CA ASP D 62 40.06 15.68 0.51
C ASP D 62 39.30 16.97 0.18
N ALA D 63 38.30 17.31 1.02
CA ALA D 63 37.58 18.56 0.81
C ALA D 63 38.48 19.77 1.00
N ASN D 64 39.32 19.75 2.03
CA ASN D 64 40.24 20.85 2.31
C ASN D 64 41.62 20.52 1.73
N SER D 65 41.66 20.39 0.41
CA SER D 65 42.90 20.14 -0.31
C SER D 65 42.95 21.06 -1.51
N ASN D 66 44.18 21.41 -1.92
CA ASN D 66 44.35 22.36 -3.01
C ASN D 66 44.02 21.72 -4.35
N ILE D 67 44.00 20.38 -4.41
CA ILE D 67 43.53 19.69 -5.61
C ILE D 67 42.67 18.49 -5.20
N PRO D 68 41.35 18.62 -5.24
CA PRO D 68 40.48 17.46 -5.00
C PRO D 68 40.07 16.77 -6.28
N VAL D 69 39.91 15.45 -6.20
CA VAL D 69 39.48 14.66 -7.34
C VAL D 69 38.10 14.03 -7.16
N ARG D 70 37.58 14.01 -5.93
CA ARG D 70 36.25 13.47 -5.68
C ARG D 70 35.31 14.46 -5.01
N MET D 71 35.83 15.44 -4.27
CA MET D 71 34.96 16.44 -3.67
C MET D 71 34.57 17.51 -4.69
N LYS D 72 35.56 18.28 -5.16
CA LYS D 72 35.39 19.24 -6.25
C LYS D 72 34.17 20.14 -6.05
N SER D 73 33.20 20.03 -6.95
CA SER D 73 32.02 20.88 -6.93
C SER D 73 31.12 20.54 -5.76
N ALA D 74 30.18 21.45 -5.47
CA ALA D 74 29.31 21.29 -4.31
C ALA D 74 28.42 20.06 -4.44
N THR D 75 27.85 19.83 -5.62
CA THR D 75 26.99 18.66 -5.80
C THR D 75 27.79 17.36 -5.68
N SER D 76 29.00 17.34 -6.23
CA SER D 76 29.85 16.17 -6.07
C SER D 76 30.22 15.95 -4.61
N LYS D 77 30.52 17.04 -3.89
CA LYS D 77 30.77 16.93 -2.46
C LYS D 77 29.58 16.33 -1.73
N VAL D 78 28.37 16.81 -2.03
CA VAL D 78 27.18 16.32 -1.35
C VAL D 78 26.96 14.84 -1.66
N VAL D 79 27.09 14.45 -2.92
CA VAL D 79 26.87 13.06 -3.29
C VAL D 79 27.87 12.14 -2.61
N THR D 80 29.16 12.51 -2.66
CA THR D 80 30.18 11.67 -2.05
C THR D 80 30.01 11.60 -0.55
N ALA D 81 29.72 12.72 0.10
CA ALA D 81 29.51 12.72 1.54
C ALA D 81 28.31 11.88 1.93
N SER D 82 27.21 11.98 1.17
CA SER D 82 26.04 11.19 1.48
C SER D 82 26.32 9.70 1.33
N ASP D 83 27.02 9.31 0.27
CA ASP D 83 27.32 7.90 0.05
C ASP D 83 28.20 7.37 1.18
N VAL D 84 29.28 8.08 1.49
CA VAL D 84 30.21 7.64 2.53
C VAL D 84 29.50 7.58 3.87
N SER D 85 28.70 8.60 4.19
CA SER D 85 28.00 8.63 5.47
C SER D 85 26.95 7.53 5.56
N VAL D 86 26.31 7.19 4.45
CA VAL D 86 25.35 6.10 4.47
C VAL D 86 26.04 4.77 4.76
N VAL D 87 27.20 4.54 4.11
CA VAL D 87 27.94 3.32 4.41
C VAL D 87 28.40 3.30 5.86
N VAL D 88 28.84 4.46 6.37
CA VAL D 88 29.27 4.57 7.76
C VAL D 88 28.12 4.24 8.70
N LEU D 89 26.94 4.77 8.39
CA LEU D 89 25.78 4.54 9.24
C LEU D 89 25.40 3.05 9.26
N ALA D 90 25.42 2.41 8.08
CA ALA D 90 25.13 0.98 8.04
C ALA D 90 26.15 0.19 8.86
N ILE D 91 27.43 0.54 8.73
CA ILE D 91 28.47 -0.18 9.47
C ILE D 91 28.29 0.00 10.98
N VAL D 92 28.04 1.23 11.40
CA VAL D 92 27.88 1.52 12.83
C VAL D 92 26.66 0.79 13.38
N THR D 93 25.56 0.78 12.62
CA THR D 93 24.36 0.09 13.07
C THR D 93 24.60 -1.41 13.17
N GLY D 94 25.32 -1.99 12.20
CA GLY D 94 25.63 -3.42 12.30
C GLY D 94 26.50 -3.75 13.49
N VAL D 95 27.52 -2.93 13.75
CA VAL D 95 28.39 -3.17 14.89
C VAL D 95 27.61 -3.02 16.19
N TYR D 96 26.71 -2.03 16.27
CA TYR D 96 25.89 -1.86 17.46
C TYR D 96 24.95 -3.05 17.66
N CYS D 97 24.35 -3.55 16.58
CA CYS D 97 23.46 -4.70 16.70
C CYS D 97 24.22 -5.93 17.18
N GLY D 98 25.42 -6.16 16.64
CA GLY D 98 26.24 -7.25 17.14
C GLY D 98 26.78 -7.03 18.53
N MET D 99 26.85 -5.77 18.97
CA MET D 99 27.41 -5.44 20.27
C MET D 99 26.47 -5.88 21.40
N PHE D 100 25.18 -5.59 21.24
CA PHE D 100 24.18 -5.84 22.27
C PHE D 100 23.18 -6.89 21.83
N GLY D 101 23.66 -7.96 21.21
CA GLY D 101 22.78 -9.03 20.76
C GLY D 101 23.18 -10.39 21.30
N LEU D 102 23.78 -10.40 22.49
CA LEU D 102 24.24 -11.65 23.08
C LEU D 102 23.06 -12.55 23.45
N ARG D 103 22.09 -12.02 24.20
CA ARG D 103 20.99 -12.85 24.69
C ARG D 103 20.16 -13.38 23.54
N ALA D 104 19.88 -12.55 22.54
CA ALA D 104 19.13 -13.00 21.38
C ALA D 104 19.88 -14.10 20.64
N THR D 105 21.21 -13.96 20.54
CA THR D 105 22.01 -14.97 19.86
C THR D 105 21.94 -16.31 20.58
N GLN D 106 22.10 -16.29 21.91
CA GLN D 106 22.01 -17.55 22.65
C GLN D 106 20.63 -18.17 22.54
N GLU D 107 19.58 -17.36 22.65
CA GLU D 107 18.22 -17.91 22.56
C GLU D 107 17.98 -18.51 21.18
N LEU D 108 18.39 -17.81 20.12
CA LEU D 108 18.21 -18.32 18.77
C LEU D 108 18.98 -19.62 18.57
N ASN D 109 20.21 -19.69 19.09
CA ASN D 109 21.01 -20.89 18.88
C ASN D 109 20.44 -22.08 19.65
N THR D 110 19.96 -21.85 20.88
CA THR D 110 19.33 -22.93 21.63
C THR D 110 18.07 -23.43 20.93
N ARG D 111 17.24 -22.50 20.44
CA ARG D 111 16.04 -22.90 19.71
C ARG D 111 16.40 -23.66 18.44
N LEU D 112 17.43 -23.21 17.73
CA LEU D 112 17.83 -23.89 16.51
C LEU D 112 18.36 -25.29 16.80
N ASP D 113 19.12 -25.45 17.89
CA ASP D 113 19.57 -26.79 18.27
C ASP D 113 18.39 -27.69 18.59
N LYS D 114 17.42 -27.17 19.33
CA LYS D 114 16.24 -27.97 19.66
C LYS D 114 15.48 -28.37 18.41
N ILE D 115 15.35 -27.45 17.44
CA ILE D 115 14.65 -27.76 16.21
C ILE D 115 15.41 -28.81 15.40
N ASP D 116 16.72 -28.61 15.23
CA ASP D 116 17.53 -29.52 14.43
C ASP D 116 17.65 -30.90 15.07
N SER D 117 17.43 -31.01 16.38
CA SER D 117 17.43 -32.33 17.00
C SER D 117 16.32 -33.20 16.44
N THR D 118 15.14 -32.62 16.18
CA THR D 118 14.03 -33.39 15.66
C THR D 118 14.25 -33.79 14.21
N LEU D 119 14.69 -32.85 13.36
CA LEU D 119 14.89 -33.12 11.94
C LEU D 119 16.28 -33.73 11.73
N SER D 120 16.41 -34.97 12.21
CA SER D 120 17.66 -35.71 12.06
C SER D 120 17.85 -36.27 10.64
N PRO D 121 16.83 -36.87 10.00
CA PRO D 121 17.07 -37.38 8.63
C PRO D 121 17.46 -36.31 7.63
N TYR D 122 16.89 -35.10 7.76
CA TYR D 122 17.21 -34.01 6.85
C TYR D 122 18.19 -33.07 7.54
N ASN D 123 19.48 -33.41 7.45
CA ASN D 123 20.53 -32.58 8.01
C ASN D 123 21.44 -31.98 6.95
N ASN D 124 21.98 -32.81 6.06
CA ASN D 124 22.79 -32.35 4.92
C ASN D 124 23.89 -31.39 5.38
N VAL D 125 24.63 -31.82 6.41
CA VAL D 125 25.64 -30.95 7.02
C VAL D 125 26.72 -30.59 6.00
N LYS D 126 27.18 -31.57 5.23
CA LYS D 126 28.20 -31.31 4.21
C LYS D 126 27.69 -30.31 3.18
N LYS D 127 26.46 -30.52 2.68
CA LYS D 127 25.93 -29.63 1.65
C LYS D 127 25.75 -28.21 2.18
N ASP D 128 25.21 -28.07 3.38
CA ASP D 128 25.00 -26.75 3.95
C ASP D 128 26.33 -26.05 4.21
N ARG D 129 27.31 -26.76 4.74
CA ARG D 129 28.63 -26.18 4.96
C ARG D 129 29.25 -25.74 3.64
N TRP D 130 29.17 -26.58 2.62
CA TRP D 130 29.73 -26.23 1.31
C TRP D 130 29.06 -24.99 0.74
N ARG D 131 27.72 -24.94 0.81
CA ARG D 131 27.01 -23.79 0.25
C ARG D 131 27.32 -22.51 1.01
N ALA D 132 27.34 -22.57 2.35
CA ALA D 132 27.61 -21.37 3.13
C ALA D 132 29.03 -20.85 2.89
N TYR D 133 30.01 -21.75 2.92
CA TYR D 133 31.39 -21.33 2.69
C TYR D 133 31.56 -20.80 1.27
N ALA D 134 30.90 -21.42 0.29
CA ALA D 134 30.97 -20.93 -1.08
C ALA D 134 30.39 -19.54 -1.19
N MET D 135 29.24 -19.30 -0.54
CA MET D 135 28.63 -17.98 -0.59
C MET D 135 29.54 -16.93 0.03
N ALA D 136 30.11 -17.24 1.19
CA ALA D 136 31.01 -16.29 1.86
C ALA D 136 32.23 -16.00 1.00
N THR D 137 32.86 -17.05 0.47
CA THR D 137 34.06 -16.86 -0.33
C THR D 137 33.76 -16.09 -1.61
N VAL D 138 32.63 -16.39 -2.25
CA VAL D 138 32.26 -15.68 -3.48
C VAL D 138 32.03 -14.21 -3.20
N SER D 139 31.30 -13.90 -2.12
CA SER D 139 31.04 -12.51 -1.80
C SER D 139 32.33 -11.76 -1.48
N LEU D 140 33.21 -12.36 -0.69
CA LEU D 140 34.47 -11.70 -0.35
C LEU D 140 35.35 -11.51 -1.57
N ILE D 141 35.41 -12.51 -2.45
CA ILE D 141 36.22 -12.41 -3.66
C ILE D 141 35.67 -11.32 -4.57
N VAL D 142 34.35 -11.27 -4.74
CA VAL D 142 33.74 -10.26 -5.60
C VAL D 142 34.02 -8.87 -5.06
N ILE D 143 33.84 -8.66 -3.77
CA ILE D 143 34.08 -7.33 -3.21
C ILE D 143 35.55 -6.97 -3.31
N GLY D 144 36.45 -7.95 -3.15
CA GLY D 144 37.86 -7.66 -3.29
C GLY D 144 38.23 -7.22 -4.69
N ILE D 145 37.77 -7.96 -5.70
CA ILE D 145 38.07 -7.58 -7.08
C ILE D 145 37.43 -6.23 -7.42
N LEU D 146 36.22 -5.99 -6.92
CA LEU D 146 35.56 -4.72 -7.23
C LEU D 146 36.29 -3.55 -6.59
N LEU D 147 36.73 -3.69 -5.34
CA LEU D 147 37.49 -2.63 -4.70
C LEU D 147 38.83 -2.40 -5.40
N GLY D 148 39.49 -3.49 -5.80
CA GLY D 148 40.74 -3.34 -6.55
C GLY D 148 40.54 -2.62 -7.86
N LEU D 149 39.49 -2.98 -8.60
CA LEU D 149 39.20 -2.33 -9.87
C LEU D 149 38.86 -0.86 -9.68
N ASP D 150 38.08 -0.55 -8.64
CA ASP D 150 37.70 0.83 -8.37
C ASP D 150 38.93 1.67 -8.03
N VAL D 151 39.80 1.15 -7.16
CA VAL D 151 40.99 1.91 -6.80
C VAL D 151 41.93 2.03 -8.00
N GLY D 152 41.97 1.00 -8.85
CA GLY D 152 42.81 1.08 -10.03
C GLY D 152 42.32 2.13 -11.00
N THR D 153 41.01 2.18 -11.25
CA THR D 153 40.48 3.18 -12.17
C THR D 153 40.59 4.58 -11.58
N TRP D 154 40.46 4.71 -10.26
CA TRP D 154 40.59 6.02 -9.65
C TRP D 154 42.02 6.52 -9.72
N VAL D 155 42.98 5.65 -9.43
CA VAL D 155 44.38 6.04 -9.53
C VAL D 155 44.77 6.29 -10.98
N ARG D 156 44.18 5.56 -11.92
CA ARG D 156 44.46 5.81 -13.33
C ARG D 156 43.94 7.18 -13.77
N MET D 157 42.69 7.50 -13.40
CA MET D 157 42.12 8.79 -13.76
C MET D 157 42.87 9.93 -13.09
N ALA D 158 43.27 9.74 -11.83
CA ALA D 158 44.01 10.79 -11.13
C ALA D 158 45.43 10.94 -11.67
N GLN D 159 46.01 9.85 -12.19
CA GLN D 159 47.35 9.91 -12.77
C GLN D 159 47.33 10.58 -14.14
N GLU D 160 46.33 10.25 -14.97
CA GLU D 160 46.24 10.91 -16.26
C GLU D 160 45.79 12.36 -16.12
N MET D 161 45.06 12.68 -15.05
CA MET D 161 44.59 14.03 -14.81
C MET D 161 45.27 14.53 -13.54
N GLU D 166 50.25 12.35 -10.38
CA GLU D 166 50.40 13.73 -9.94
C GLU D 166 49.84 13.92 -8.53
N ASP D 167 50.58 13.39 -7.54
CA ASP D 167 50.20 13.47 -6.13
C ASP D 167 48.81 12.85 -5.92
N THR D 168 48.75 11.54 -6.14
CA THR D 168 47.50 10.79 -6.01
C THR D 168 47.54 9.73 -4.92
N GLU D 169 48.72 9.22 -4.54
CA GLU D 169 48.80 8.22 -3.48
C GLU D 169 48.24 8.76 -2.16
N LEU D 170 48.37 10.06 -1.92
CA LEU D 170 47.81 10.65 -0.72
C LEU D 170 46.29 10.54 -0.71
N ASN D 171 45.65 10.83 -1.84
CA ASN D 171 44.20 10.70 -1.92
C ASN D 171 43.77 9.24 -1.81
N VAL D 172 44.52 8.34 -2.43
CA VAL D 172 44.20 6.91 -2.33
C VAL D 172 44.29 6.46 -0.87
N GLN D 173 45.32 6.89 -0.16
CA GLN D 173 45.45 6.56 1.25
C GLN D 173 44.31 7.16 2.06
N TRP D 174 43.89 8.38 1.72
CA TRP D 174 42.75 8.98 2.41
C TRP D 174 41.47 8.20 2.17
N TYR D 175 41.35 7.54 1.02
CA TYR D 175 40.11 6.87 0.66
C TYR D 175 40.08 5.37 0.96
N ILE D 176 41.20 4.77 1.33
CA ILE D 176 41.25 3.36 1.72
C ILE D 176 40.24 3.01 2.82
N PRO D 177 40.09 3.81 3.87
CA PRO D 177 39.12 3.43 4.93
C PRO D 177 37.70 3.23 4.42
N PHE D 178 37.29 3.95 3.38
CA PHE D 178 36.00 3.71 2.77
C PHE D 178 35.91 2.29 2.23
N TYR D 179 36.99 1.81 1.62
CA TYR D 179 36.99 0.45 1.07
C TYR D 179 36.97 -0.59 2.19
N SER D 180 37.67 -0.34 3.29
CA SER D 180 37.59 -1.27 4.41
C SER D 180 36.19 -1.32 5.00
N LEU D 181 35.52 -0.15 5.04
CA LEU D 181 34.12 -0.13 5.48
C LEU D 181 33.24 -0.93 4.54
N TYR D 182 33.52 -0.87 3.24
CA TYR D 182 32.80 -1.72 2.30
C TYR D 182 33.03 -3.20 2.60
N PHE D 183 34.25 -3.56 2.97
CA PHE D 183 34.53 -4.94 3.38
C PHE D 183 33.66 -5.34 4.57
N ILE D 184 33.57 -4.46 5.57
CA ILE D 184 32.76 -4.77 6.76
C ILE D 184 31.29 -4.91 6.37
N LEU D 185 30.82 -4.06 5.45
CA LEU D 185 29.43 -4.15 4.99
C LEU D 185 29.17 -5.48 4.30
N THR D 186 30.13 -5.94 3.48
CA THR D 186 29.98 -7.24 2.84
C THR D 186 29.92 -8.36 3.88
N GLY D 187 30.75 -8.27 4.92
CA GLY D 187 30.66 -9.26 5.99
C GLY D 187 29.32 -9.26 6.69
N LEU D 188 28.76 -8.07 6.92
CA LEU D 188 27.44 -7.96 7.54
C LEU D 188 26.37 -8.61 6.66
N HIS D 189 26.44 -8.35 5.35
CA HIS D 189 25.51 -8.99 4.42
C HIS D 189 25.64 -10.51 4.48
N ILE D 190 26.87 -11.01 4.52
CA ILE D 190 27.09 -12.45 4.57
C ILE D 190 26.45 -13.04 5.82
N ASN D 191 26.66 -12.40 6.96
CA ASN D 191 26.11 -12.90 8.22
C ASN D 191 24.59 -12.95 8.19
N PHE D 192 23.97 -11.84 7.79
CA PHE D 192 22.51 -11.81 7.77
C PHE D 192 21.94 -12.83 6.79
N ALA D 193 22.55 -12.92 5.60
CA ALA D 193 22.07 -13.88 4.61
C ALA D 193 22.20 -15.30 5.10
N ASN D 194 23.30 -15.62 5.78
CA ASN D 194 23.48 -16.95 6.33
C ASN D 194 22.38 -17.29 7.33
N THR D 195 22.10 -16.36 8.25
CA THR D 195 21.07 -16.64 9.27
C THR D 195 19.70 -16.83 8.62
N ALA D 196 19.33 -15.92 7.72
CA ALA D 196 18.00 -15.99 7.12
C ALA D 196 17.86 -17.23 6.24
N TYR D 197 18.91 -17.59 5.51
CA TYR D 197 18.85 -18.80 4.68
C TYR D 197 18.76 -20.05 5.54
N GLY D 198 19.43 -20.05 6.70
CA GLY D 198 19.27 -21.17 7.61
C GLY D 198 17.84 -21.32 8.10
N LEU D 199 17.21 -20.20 8.46
CA LEU D 199 15.82 -20.25 8.87
C LEU D 199 14.92 -20.77 7.75
N GLY D 200 15.15 -20.29 6.52
CA GLY D 200 14.36 -20.77 5.40
C GLY D 200 14.55 -22.25 5.13
N ARG D 201 15.79 -22.73 5.23
CA ARG D 201 16.07 -24.15 5.04
C ARG D 201 15.37 -24.98 6.09
N ARG D 202 15.37 -24.54 7.34
CA ARG D 202 14.69 -25.28 8.39
C ARG D 202 13.18 -25.31 8.15
N TYR D 203 12.61 -24.19 7.68
CA TYR D 203 11.19 -24.19 7.34
C TYR D 203 10.89 -25.19 6.22
N LYS D 204 11.73 -25.21 5.20
CA LYS D 204 11.54 -26.14 4.09
C LYS D 204 11.65 -27.58 4.55
N ARG D 205 12.60 -27.87 5.43
CA ARG D 205 12.74 -29.23 5.96
C ARG D 205 11.53 -29.63 6.77
N LEU D 206 10.98 -28.70 7.57
CA LEU D 206 9.75 -28.99 8.31
C LEU D 206 8.60 -29.31 7.36
N ASN D 207 8.45 -28.53 6.30
CA ASN D 207 7.39 -28.79 5.33
C ASN D 207 7.59 -30.15 4.66
N GLN D 208 8.83 -30.49 4.32
CA GLN D 208 9.09 -31.77 3.70
C GLN D 208 8.78 -32.93 4.64
N MET D 209 9.12 -32.78 5.93
CA MET D 209 8.76 -33.79 6.91
C MET D 209 7.25 -33.96 6.98
N LEU D 210 6.51 -32.86 7.02
CA LEU D 210 5.06 -32.95 7.09
C LEU D 210 4.47 -33.62 5.86
N ARG D 211 5.01 -33.29 4.68
CA ARG D 211 4.52 -33.91 3.45
C ARG D 211 4.81 -35.39 3.43
N THR D 212 6.04 -35.78 3.79
CA THR D 212 6.44 -37.18 3.68
C THR D 212 5.72 -38.05 4.70
N SER D 213 5.53 -37.54 5.91
CA SER D 213 5.02 -38.39 6.99
C SER D 213 3.60 -38.86 6.75
N TYR D 214 2.83 -38.16 5.91
CA TYR D 214 1.41 -38.46 5.78
C TYR D 214 0.97 -38.70 4.35
N LEU D 215 1.52 -37.98 3.37
CA LEU D 215 1.21 -38.29 1.97
C LEU D 215 1.82 -39.61 1.55
N SER D 216 2.98 -39.95 2.11
CA SER D 216 3.62 -41.23 1.83
C SER D 216 3.73 -42.09 3.08
N ALA D 263 0.91 -47.56 16.83
CA ALA D 263 1.60 -46.93 15.71
C ALA D 263 1.11 -45.51 15.49
N THR D 264 -0.11 -45.23 15.98
CA THR D 264 -0.68 -43.89 15.82
C THR D 264 -0.04 -42.88 16.75
N LYS D 265 0.43 -43.32 17.92
CA LYS D 265 1.03 -42.39 18.87
C LYS D 265 2.33 -41.79 18.32
N ASN D 266 3.10 -42.55 17.54
CA ASN D 266 4.29 -41.99 16.91
C ASN D 266 3.91 -40.80 16.03
N LYS D 267 2.85 -40.96 15.23
CA LYS D 267 2.39 -39.86 14.39
C LYS D 267 1.82 -38.71 15.21
N SER D 268 1.18 -39.02 16.35
CA SER D 268 0.61 -37.97 17.19
C SER D 268 1.71 -37.07 17.76
N LEU D 269 2.72 -37.67 18.41
CA LEU D 269 3.83 -36.85 18.88
C LEU D 269 4.67 -36.30 17.73
N LEU D 270 4.65 -36.92 16.55
CA LEU D 270 5.30 -36.30 15.39
C LEU D 270 4.63 -34.98 15.03
N ILE D 271 3.30 -34.97 14.99
CA ILE D 271 2.58 -33.73 14.70
C ILE D 271 2.80 -32.71 15.81
N ARG D 272 2.82 -33.17 17.06
CA ARG D 272 3.08 -32.26 18.18
C ARG D 272 4.46 -31.62 18.04
N ALA D 273 5.48 -32.42 17.73
CA ALA D 273 6.82 -31.90 17.56
C ALA D 273 6.91 -30.96 16.36
N MET D 274 6.17 -31.27 15.29
CA MET D 274 6.16 -30.39 14.13
C MET D 274 5.56 -29.03 14.48
N ALA D 275 4.47 -29.03 15.25
CA ALA D 275 3.88 -27.76 15.69
C ALA D 275 4.84 -26.99 16.58
N ASP D 276 5.50 -27.69 17.50
CA ASP D 276 6.46 -27.04 18.38
C ASP D 276 7.61 -26.44 17.57
N ASN D 277 8.09 -27.17 16.57
CA ASN D 277 9.19 -26.68 15.75
C ASN D 277 8.75 -25.48 14.91
N HIS D 278 7.52 -25.49 14.41
CA HIS D 278 7.04 -24.33 13.66
C HIS D 278 6.94 -23.09 14.54
N GLU D 279 6.42 -23.26 15.77
CA GLU D 279 6.38 -22.12 16.68
C GLU D 279 7.77 -21.63 17.01
N SER D 280 8.70 -22.55 17.25
CA SER D 280 10.07 -22.16 17.57
C SER D 280 10.74 -21.46 16.39
N LEU D 281 10.43 -21.88 15.16
CA LEU D 281 10.97 -21.19 13.99
C LEU D 281 10.40 -19.79 13.85
N GLY D 282 9.12 -19.62 14.14
CA GLY D 282 8.56 -18.29 14.18
C GLY D 282 9.22 -17.41 15.24
N LYS D 283 9.47 -17.98 16.41
CA LYS D 283 10.18 -17.25 17.45
C LYS D 283 11.59 -16.90 17.01
N CYS D 284 12.25 -17.79 16.27
CA CYS D 284 13.59 -17.51 15.77
C CYS D 284 13.57 -16.40 14.74
N VAL D 285 12.54 -16.37 13.88
CA VAL D 285 12.41 -15.28 12.93
C VAL D 285 12.23 -13.95 13.66
N ARG D 286 11.40 -13.94 14.71
CA ARG D 286 11.21 -12.73 15.49
C ARG D 286 12.50 -12.33 16.20
N LEU D 287 13.28 -13.32 16.67
CA LEU D 287 14.56 -13.02 17.30
C LEU D 287 15.54 -12.41 16.32
N LEU D 288 15.61 -12.95 15.11
CA LEU D 288 16.46 -12.37 14.08
C LEU D 288 16.00 -10.96 13.73
N SER D 289 14.70 -10.73 13.70
CA SER D 289 14.19 -9.38 13.47
C SER D 289 14.65 -8.43 14.56
N ARG D 290 14.50 -8.84 15.83
CA ARG D 290 14.96 -8.00 16.94
C ARG D 290 16.45 -7.77 16.86
N PHE D 291 17.21 -8.76 16.40
CA PHE D 291 18.67 -8.65 16.35
C PHE D 291 19.12 -7.70 15.25
N TYR D 292 18.49 -7.77 14.07
CA TYR D 292 19.04 -7.11 12.89
C TYR D 292 18.08 -6.14 12.22
N GLY D 293 17.02 -5.70 12.90
CA GLY D 293 16.04 -4.85 12.25
C GLY D 293 16.57 -3.53 11.76
N ILE D 294 17.14 -2.74 12.67
CA ILE D 294 17.64 -1.43 12.29
C ILE D 294 18.82 -1.55 11.34
N ALA D 295 19.65 -2.58 11.53
CA ALA D 295 20.76 -2.80 10.61
C ALA D 295 20.28 -3.10 9.20
N VAL D 296 19.25 -3.94 9.08
CA VAL D 296 18.71 -4.26 7.76
C VAL D 296 18.02 -3.06 7.15
N LEU D 297 17.35 -2.25 7.98
CA LEU D 297 16.71 -1.04 7.47
C LEU D 297 17.75 -0.09 6.88
N PHE D 298 18.86 0.11 7.60
CA PHE D 298 19.88 1.01 7.08
C PHE D 298 20.63 0.40 5.90
N ILE D 299 20.73 -0.93 5.86
CA ILE D 299 21.29 -1.59 4.69
C ILE D 299 20.43 -1.37 3.46
N LEU D 300 19.10 -1.46 3.62
CA LEU D 300 18.20 -1.19 2.51
C LEU D 300 18.29 0.26 2.07
N VAL D 301 18.38 1.19 3.02
CA VAL D 301 18.56 2.59 2.66
C VAL D 301 19.85 2.78 1.88
N SER D 302 20.92 2.09 2.32
CA SER D 302 22.19 2.16 1.59
C SER D 302 22.06 1.63 0.18
N CYS D 303 21.37 0.49 0.02
CA CYS D 303 21.19 -0.07 -1.31
C CYS D 303 20.44 0.88 -2.22
N LEU D 304 19.35 1.47 -1.72
CA LEU D 304 18.58 2.40 -2.54
C LEU D 304 19.41 3.62 -2.93
N LEU D 305 20.10 4.23 -1.95
CA LEU D 305 20.87 5.42 -2.24
C LEU D 305 21.98 5.13 -3.24
N HIS D 306 22.70 4.01 -3.04
CA HIS D 306 23.80 3.69 -3.92
C HIS D 306 23.30 3.35 -5.32
N LEU D 307 22.19 2.62 -5.43
CA LEU D 307 21.64 2.32 -6.74
C LEU D 307 21.26 3.59 -7.49
N VAL D 308 20.55 4.50 -6.80
CA VAL D 308 20.13 5.73 -7.47
C VAL D 308 21.35 6.56 -7.89
N ALA D 309 22.31 6.72 -6.97
CA ALA D 309 23.47 7.55 -7.28
C ALA D 309 24.30 6.96 -8.40
N THR D 310 24.52 5.64 -8.38
CA THR D 310 25.32 5.01 -9.41
C THR D 310 24.62 5.05 -10.76
N ALA D 311 23.31 4.83 -10.79
CA ALA D 311 22.58 4.92 -12.06
C ALA D 311 22.65 6.34 -12.61
N TYR D 312 22.46 7.35 -11.76
CA TYR D 312 22.52 8.73 -12.22
C TYR D 312 23.91 9.06 -12.76
N PHE D 313 24.96 8.66 -12.04
CA PHE D 313 26.32 8.93 -12.48
C PHE D 313 26.63 8.21 -13.77
N LEU D 314 26.17 6.96 -13.92
CA LEU D 314 26.40 6.21 -15.14
C LEU D 314 25.72 6.87 -16.33
N PHE D 315 24.47 7.30 -16.16
CA PHE D 315 23.77 7.97 -17.24
C PHE D 315 24.45 9.29 -17.60
N LEU D 316 24.87 10.05 -16.60
CA LEU D 316 25.56 11.31 -16.87
C LEU D 316 26.87 11.07 -17.61
N GLU D 317 27.63 10.05 -17.21
CA GLU D 317 28.90 9.75 -17.88
C GLU D 317 28.67 9.28 -19.30
N MET D 318 27.64 8.46 -19.53
CA MET D 318 27.33 8.02 -20.88
C MET D 318 26.92 9.20 -21.75
N LEU D 319 26.17 10.14 -21.19
CA LEU D 319 25.82 11.35 -21.93
C LEU D 319 27.07 12.17 -22.27
N ASN D 320 27.99 12.29 -21.32
CA ASN D 320 29.22 13.03 -21.56
C ASN D 320 30.19 12.29 -22.47
N LYS D 321 30.02 10.97 -22.61
CA LYS D 321 30.84 10.15 -23.51
C LYS D 321 32.32 10.25 -23.16
N ARG D 322 32.61 9.98 -21.89
CA ARG D 322 33.97 9.99 -21.38
C ARG D 322 34.56 8.58 -21.46
N ASP D 323 35.67 8.36 -20.75
CA ASP D 323 36.39 7.09 -20.81
C ASP D 323 35.46 5.93 -20.43
N ASN D 324 35.57 4.84 -21.18
CA ASN D 324 34.66 3.72 -20.99
C ASN D 324 35.01 2.88 -19.77
N GLY D 325 36.25 2.95 -19.31
CA GLY D 325 36.64 2.16 -18.15
C GLY D 325 35.84 2.51 -16.91
N TYR D 326 35.62 3.81 -16.68
CA TYR D 326 34.75 4.22 -15.58
C TYR D 326 33.33 3.73 -15.80
N VAL D 327 32.89 3.63 -17.05
CA VAL D 327 31.56 3.12 -17.34
C VAL D 327 31.46 1.64 -16.92
N TRP D 328 32.48 0.85 -17.26
CA TRP D 328 32.47 -0.55 -16.85
C TRP D 328 32.52 -0.67 -15.33
N VAL D 329 33.31 0.18 -14.67
CA VAL D 329 33.39 0.14 -13.21
C VAL D 329 32.03 0.48 -12.60
N GLN D 330 31.35 1.48 -13.14
CA GLN D 330 30.03 1.85 -12.64
C GLN D 330 29.01 0.74 -12.87
N MET D 331 29.09 0.07 -14.03
CA MET D 331 28.19 -1.05 -14.27
C MET D 331 28.43 -2.18 -13.27
N LEU D 332 29.70 -2.47 -12.98
CA LEU D 332 30.02 -3.48 -11.98
C LEU D 332 29.49 -3.09 -10.61
N TRP D 333 29.61 -1.80 -10.25
CA TRP D 333 29.08 -1.35 -8.96
C TRP D 333 27.57 -1.48 -8.90
N ILE D 334 26.88 -1.16 -10.01
CA ILE D 334 25.43 -1.34 -10.05
C ILE D 334 25.05 -2.80 -9.85
N ILE D 335 25.77 -3.70 -10.53
CA ILE D 335 25.49 -5.12 -10.38
C ILE D 335 25.72 -5.56 -8.93
N PHE D 336 26.80 -5.07 -8.32
CA PHE D 336 27.08 -5.43 -6.94
C PHE D 336 26.01 -4.93 -5.99
N HIS D 337 25.54 -3.69 -6.18
CA HIS D 337 24.50 -3.17 -5.31
C HIS D 337 23.19 -3.94 -5.47
N PHE D 338 22.84 -4.29 -6.70
CA PHE D 338 21.65 -5.11 -6.92
C PHE D 338 21.80 -6.48 -6.27
N LEU D 339 22.99 -7.07 -6.35
CA LEU D 339 23.22 -8.37 -5.73
C LEU D 339 23.14 -8.28 -4.21
N ARG D 340 23.63 -7.17 -3.64
CA ARG D 340 23.48 -6.95 -2.20
C ARG D 340 22.01 -6.87 -1.81
N LEU D 341 21.24 -6.10 -2.57
CA LEU D 341 19.82 -5.96 -2.28
C LEU D 341 19.12 -7.30 -2.38
N LEU D 342 19.47 -8.11 -3.38
CA LEU D 342 18.91 -9.45 -3.50
C LEU D 342 19.33 -10.33 -2.33
N MET D 343 20.60 -10.26 -1.93
CA MET D 343 21.07 -11.07 -0.82
C MET D 343 20.36 -10.73 0.47
N VAL D 344 19.87 -9.50 0.59
CA VAL D 344 19.09 -9.14 1.77
C VAL D 344 17.64 -9.56 1.62
N VAL D 345 17.04 -9.35 0.44
CA VAL D 345 15.60 -9.51 0.28
C VAL D 345 15.22 -10.97 0.10
N GLU D 346 15.91 -11.67 -0.78
CA GLU D 346 15.52 -13.03 -1.17
C GLU D 346 15.41 -13.99 0.01
N PRO D 347 16.37 -14.07 0.95
CA PRO D 347 16.19 -15.04 2.04
C PRO D 347 14.97 -14.78 2.89
N CYS D 348 14.66 -13.52 3.19
CA CYS D 348 13.48 -13.21 3.98
C CYS D 348 12.21 -13.61 3.25
N HIS D 349 12.12 -13.30 1.96
CA HIS D 349 10.94 -13.67 1.19
C HIS D 349 10.80 -15.18 1.10
N LEU D 350 11.92 -15.88 0.90
CA LEU D 350 11.87 -17.34 0.82
C LEU D 350 11.41 -17.95 2.15
N ALA D 351 11.91 -17.43 3.26
CA ALA D 351 11.49 -17.93 4.57
C ALA D 351 10.00 -17.65 4.80
N ALA D 352 9.54 -16.45 4.47
CA ALA D 352 8.14 -16.11 4.65
C ALA D 352 7.24 -16.99 3.79
N ARG D 353 7.64 -17.24 2.55
CA ARG D 353 6.85 -18.09 1.67
C ARG D 353 6.82 -19.52 2.15
N GLU D 354 7.96 -20.03 2.61
CA GLU D 354 8.01 -21.42 3.08
C GLU D 354 7.23 -21.59 4.37
N ALA D 355 7.19 -20.56 5.22
CA ALA D 355 6.43 -20.67 6.46
C ALA D 355 4.92 -20.66 6.20
N ARG D 356 4.47 -19.88 5.23
CA ARG D 356 3.04 -19.78 4.95
C ARG D 356 2.48 -21.01 4.26
N LYS D 357 3.32 -21.84 3.65
CA LYS D 357 2.84 -23.02 2.95
C LYS D 357 2.42 -24.13 3.89
N THR D 358 2.87 -24.11 5.14
CA THR D 358 2.61 -25.21 6.06
C THR D 358 1.12 -25.39 6.32
N ILE D 359 0.35 -24.31 6.26
CA ILE D 359 -1.07 -24.42 6.56
C ILE D 359 -1.80 -25.24 5.50
N GLN D 360 -1.38 -25.14 4.23
CA GLN D 360 -2.00 -25.95 3.19
C GLN D 360 -1.72 -27.44 3.39
N ILE D 361 -0.48 -27.78 3.74
CA ILE D 361 -0.15 -29.18 4.03
C ILE D 361 -0.94 -29.66 5.24
N VAL D 362 -1.11 -28.80 6.24
CA VAL D 362 -1.88 -29.19 7.42
C VAL D 362 -3.33 -29.44 7.06
N CYS D 363 -3.91 -28.60 6.20
CA CYS D 363 -5.28 -28.83 5.75
C CYS D 363 -5.40 -30.14 4.99
N GLU D 364 -4.44 -30.42 4.10
CA GLU D 364 -4.47 -31.67 3.35
C GLU D 364 -4.37 -32.87 4.28
N ILE D 365 -3.54 -32.77 5.32
CA ILE D 365 -3.44 -33.83 6.31
C ILE D 365 -4.77 -34.00 7.03
N GLU D 366 -5.41 -32.88 7.39
CA GLU D 366 -6.69 -32.93 8.08
C GLU D 366 -7.75 -33.63 7.25
N ARG D 367 -7.75 -33.40 5.94
CA ARG D 367 -8.72 -34.05 5.07
C ARG D 367 -8.43 -35.53 4.84
N LYS D 368 -7.36 -36.07 5.41
CA LYS D 368 -6.95 -37.45 5.19
C LYS D 368 -6.59 -38.13 6.50
N VAL D 369 -7.42 -37.95 7.53
CA VAL D 369 -7.19 -38.54 8.84
C VAL D 369 -8.51 -39.08 9.38
N PHE D 370 -8.49 -40.35 9.81
CA PHE D 370 -9.64 -41.00 10.44
C PHE D 370 -9.34 -41.38 11.89
N GLU D 371 -8.44 -40.64 12.54
CA GLU D 371 -8.01 -40.93 13.90
C GLU D 371 -8.33 -39.72 14.76
N PRO D 372 -9.10 -39.88 15.85
CA PRO D 372 -9.67 -38.70 16.52
C PRO D 372 -8.72 -37.88 17.37
N ILE D 373 -7.86 -38.49 18.19
CA ILE D 373 -6.93 -37.69 18.98
C ILE D 373 -5.91 -36.99 18.08
N LEU D 374 -5.49 -37.67 17.01
CA LEU D 374 -4.50 -37.06 16.14
C LEU D 374 -5.14 -36.01 15.23
N VAL D 375 -6.41 -36.17 14.85
CA VAL D 375 -7.06 -35.10 14.12
C VAL D 375 -7.34 -33.92 15.04
N GLU D 376 -7.54 -34.18 16.34
CA GLU D 376 -7.64 -33.08 17.30
C GLU D 376 -6.32 -32.31 17.36
N GLU D 377 -5.20 -33.05 17.41
CA GLU D 377 -3.90 -32.39 17.36
C GLU D 377 -3.71 -31.61 16.07
N THR D 378 -4.17 -32.16 14.95
CA THR D 378 -4.07 -31.46 13.68
C THR D 378 -4.90 -30.19 13.67
N LYS D 379 -6.09 -30.23 14.29
CA LYS D 379 -6.90 -29.03 14.41
C LYS D 379 -6.20 -27.98 15.26
N LYS D 380 -5.54 -28.40 16.34
CA LYS D 380 -4.77 -27.47 17.14
C LYS D 380 -3.63 -26.85 16.33
N PHE D 381 -2.96 -27.67 15.51
CA PHE D 381 -1.90 -27.17 14.65
C PHE D 381 -2.44 -26.14 13.65
N TRP D 382 -3.59 -26.43 13.05
CA TRP D 382 -4.20 -25.51 12.11
C TRP D 382 -4.57 -24.20 12.79
N GLN D 383 -5.14 -24.29 14.01
CA GLN D 383 -5.48 -23.09 14.75
C GLN D 383 -4.24 -22.25 15.05
N GLN D 384 -3.15 -22.91 15.44
CA GLN D 384 -1.91 -22.18 15.71
C GLN D 384 -1.37 -21.52 14.45
N LEU D 385 -1.44 -22.22 13.31
CA LEU D 385 -0.89 -21.67 12.07
C LEU D 385 -1.74 -20.53 11.53
N LEU D 386 -3.06 -20.57 11.77
CA LEU D 386 -3.93 -19.52 11.24
C LEU D 386 -3.54 -18.15 11.77
N VAL D 387 -3.28 -18.06 13.08
CA VAL D 387 -2.81 -16.84 13.70
C VAL D 387 -1.29 -16.99 13.89
N ASP D 388 -0.54 -16.51 12.91
CA ASP D 388 0.90 -16.66 12.90
C ASP D 388 1.47 -15.80 11.79
N ASP D 389 2.63 -15.20 12.05
CA ASP D 389 3.35 -14.46 11.02
C ASP D 389 4.82 -14.85 11.09
N ALA D 390 5.49 -14.77 9.93
CA ALA D 390 6.91 -15.07 9.87
C ALA D 390 7.66 -14.09 8.98
N GLU D 391 7.03 -12.99 8.58
CA GLU D 391 7.72 -12.00 7.75
C GLU D 391 8.76 -11.26 8.56
N PHE D 392 9.97 -11.17 8.02
CA PHE D 392 11.01 -10.37 8.65
C PHE D 392 10.65 -8.90 8.56
N SER D 393 10.70 -8.20 9.69
CA SER D 393 10.36 -6.79 9.76
C SER D 393 11.60 -5.99 10.10
N ALA D 394 11.87 -4.94 9.31
CA ALA D 394 13.02 -4.07 9.53
C ALA D 394 12.70 -3.12 10.69
N SER D 395 12.68 -3.69 11.89
CA SER D 395 12.36 -2.98 13.12
C SER D 395 10.99 -2.31 13.04
N GLY D 396 10.05 -2.92 12.31
CA GLY D 396 8.69 -2.46 12.23
C GLY D 396 8.41 -1.45 11.14
N LEU D 397 9.44 -0.84 10.54
CA LEU D 397 9.20 0.17 9.53
C LEU D 397 8.67 -0.44 8.23
N CYS D 398 9.16 -1.62 7.87
CA CYS D 398 8.72 -2.26 6.63
C CYS D 398 8.90 -3.76 6.74
N ARG D 399 8.18 -4.48 5.89
CA ARG D 399 8.31 -5.92 5.78
C ARG D 399 9.27 -6.24 4.64
N VAL D 400 10.26 -7.08 4.92
CA VAL D 400 11.30 -7.39 3.96
C VAL D 400 10.88 -8.61 3.16
N ASN D 401 10.48 -8.39 1.90
CA ASN D 401 10.20 -9.46 0.97
C ASN D 401 10.48 -8.92 -0.44
N ARG D 402 10.13 -9.71 -1.44
CA ARG D 402 10.41 -9.31 -2.82
C ARG D 402 9.64 -8.06 -3.22
N THR D 403 8.50 -7.79 -2.56
CA THR D 403 7.74 -6.58 -2.85
C THR D 403 8.60 -5.33 -2.69
N ILE D 404 9.55 -5.36 -1.77
CA ILE D 404 10.46 -4.22 -1.57
C ILE D 404 11.10 -3.83 -2.89
N LEU D 405 11.54 -4.83 -3.67
CA LEU D 405 12.14 -4.55 -4.96
C LEU D 405 11.25 -3.64 -5.80
N THR D 406 9.96 -4.00 -5.91
CA THR D 406 9.02 -3.17 -6.66
C THR D 406 9.06 -1.74 -6.15
N SER D 407 8.94 -1.56 -4.84
CA SER D 407 8.97 -0.23 -4.27
C SER D 407 10.24 0.50 -4.68
N PHE D 408 11.37 -0.18 -4.60
CA PHE D 408 12.63 0.44 -4.98
C PHE D 408 12.57 0.93 -6.41
N ALA D 409 12.05 0.10 -7.32
CA ALA D 409 11.89 0.53 -8.70
C ALA D 409 11.03 1.78 -8.77
N SER D 410 9.90 1.77 -8.07
CA SER D 410 9.00 2.92 -8.09
C SER D 410 9.68 4.17 -7.59
N ALA D 411 10.75 4.03 -6.81
CA ALA D 411 11.56 5.18 -6.45
C ALA D 411 12.67 5.43 -7.45
N ILE D 412 13.39 4.36 -7.83
CA ILE D 412 14.58 4.52 -8.66
C ILE D 412 14.20 5.16 -9.99
N ALA D 413 13.07 4.76 -10.56
CA ALA D 413 12.58 5.42 -11.77
C ALA D 413 12.28 6.89 -11.50
N THR D 414 11.49 7.16 -10.46
CA THR D 414 11.04 8.53 -10.22
C THR D 414 12.23 9.45 -9.99
N TYR D 415 13.11 9.09 -9.05
CA TYR D 415 14.28 9.90 -8.77
C TYR D 415 15.13 10.08 -10.03
N LEU D 416 15.12 9.10 -10.94
CA LEU D 416 15.87 9.26 -12.17
C LEU D 416 15.16 10.21 -13.13
N VAL D 417 13.83 10.10 -13.22
CA VAL D 417 13.09 10.93 -14.16
C VAL D 417 13.26 12.40 -13.81
N ILE D 418 13.25 12.72 -12.52
CA ILE D 418 13.47 14.10 -12.09
C ILE D 418 14.91 14.53 -12.37
N LEU D 419 15.86 13.59 -12.31
CA LEU D 419 17.28 13.93 -12.37
C LEU D 419 17.88 13.78 -13.76
N ILE D 420 17.57 12.68 -14.45
CA ILE D 420 18.27 12.38 -15.70
C ILE D 420 17.96 13.42 -16.77
N GLN D 421 16.69 13.79 -16.91
CA GLN D 421 16.31 14.76 -17.93
C GLN D 421 16.48 16.20 -17.47
N PHE D 422 16.80 16.43 -16.19
CA PHE D 422 17.08 17.78 -15.73
C PHE D 422 18.43 18.26 -16.23
N GLN D 423 19.34 17.34 -16.55
CA GLN D 423 20.60 17.74 -17.15
C GLN D 423 20.39 18.36 -18.53
N LYS D 424 19.36 17.92 -19.25
CA LYS D 424 19.05 18.47 -20.56
C LYS D 424 17.66 19.10 -20.58
#